data_3RXY
#
_entry.id   3RXY
#
_cell.length_a   187.770
_cell.length_b   96.483
_cell.length_c   128.470
_cell.angle_alpha   90.00
_cell.angle_beta   115.28
_cell.angle_gamma   90.00
#
_symmetry.space_group_name_H-M   'C 1 2 1'
#
loop_
_entity.id
_entity.type
_entity.pdbx_description
1 polymer 'NIF3 protein'
2 non-polymer 'FORMIC ACID'
3 non-polymer 'CHLORIDE ION'
4 non-polymer 'ACETATE ION'
5 water water
#
_entity_poly.entity_id   1
_entity_poly.type   'polypeptide(L)'
_entity_poly.pdbx_seq_one_letter_code
;SNA(MSE)AGLSTAELVDIALE(MSE)AE(MSE)RTLPADSAVYVESTDLKRV(MSE)(MSE)GIDIGPAELLLARQLGC
DGVIAHHPAGGSATLNFPEVLTRHVEL(MSE)VEHGVPATAARDAIQGLLTRSLLRAQSANHDHTPSVARLLE(MSE)PF
LNIHLPLDEVGRRI(MSE)VKTIQEAVEPLGDEARVQDAIDAL(MSE)TLPEFAGAATRI(MSE)VPVGAVDQPLGKIAV
VHGAGTNGGYAVARAYFDHGVRTVLYIHIAPEEAERLRREGGGNLIVTGHIASDLVGINRYVQALEERGVEVVR(MSE)S
GL
;
_entity_poly.pdbx_strand_id   A,B,C,D,E,F
#
loop_
_chem_comp.id
_chem_comp.type
_chem_comp.name
_chem_comp.formula
ACT non-polymer 'ACETATE ION' 'C2 H3 O2 -1'
CL non-polymer 'CHLORIDE ION' 'Cl -1'
FMT non-polymer 'FORMIC ACID' 'C H2 O2'
#
# COMPACT_ATOMS: atom_id res chain seq x y z
N ALA A 3 13.49 -33.63 55.25
CA ALA A 3 14.69 -33.61 56.10
C ALA A 3 15.87 -34.32 55.41
N MSE A 4 15.55 -35.27 54.50
CA MSE A 4 16.50 -36.05 53.72
C MSE A 4 17.21 -35.14 52.69
O MSE A 4 16.65 -34.12 52.28
CB MSE A 4 15.78 -37.20 52.98
CG MSE A 4 15.02 -38.16 53.88
SE MSE A 4 13.41 -38.85 52.98
CE MSE A 4 12.08 -37.61 53.78
N ALA A 5 18.44 -35.51 52.26
CA ALA A 5 19.18 -34.74 51.26
C ALA A 5 18.44 -34.77 49.93
N GLY A 6 18.64 -33.72 49.13
CA GLY A 6 18.05 -33.59 47.81
C GLY A 6 18.52 -34.66 46.85
N LEU A 7 17.73 -34.90 45.77
CA LEU A 7 18.10 -35.93 44.82
C LEU A 7 18.88 -35.35 43.68
N SER A 8 19.79 -36.17 43.12
CA SER A 8 20.57 -35.77 41.95
C SER A 8 19.71 -36.06 40.73
N THR A 9 20.05 -35.46 39.57
CA THR A 9 19.31 -35.74 38.33
C THR A 9 19.52 -37.19 37.95
N ALA A 10 20.73 -37.76 38.26
CA ALA A 10 21.02 -39.18 37.99
C ALA A 10 20.03 -40.07 38.77
N GLU A 11 19.78 -39.72 40.06
CA GLU A 11 18.84 -40.44 40.94
C GLU A 11 17.42 -40.36 40.40
N LEU A 12 16.97 -39.19 39.83
CA LEU A 12 15.62 -39.03 39.28
C LEU A 12 15.43 -39.94 38.09
N VAL A 13 16.50 -40.12 37.31
CA VAL A 13 16.46 -41.00 36.13
C VAL A 13 16.35 -42.46 36.63
N ASP A 14 17.18 -42.82 37.61
CA ASP A 14 17.23 -44.20 38.12
C ASP A 14 15.91 -44.65 38.77
N ILE A 15 15.17 -43.74 39.44
CA ILE A 15 13.85 -44.07 40.04
C ILE A 15 12.84 -44.50 38.92
N ALA A 16 12.82 -43.77 37.80
CA ALA A 16 11.97 -44.00 36.65
C ALA A 16 12.34 -45.32 35.91
N LEU A 17 13.65 -45.54 35.60
CA LEU A 17 14.16 -46.76 34.94
C LEU A 17 13.85 -47.98 35.81
N GLU A 18 13.99 -47.85 37.15
CA GLU A 18 13.68 -48.99 38.03
C GLU A 18 12.17 -49.32 38.04
N MSE A 19 11.31 -48.30 38.11
CA MSE A 19 9.87 -48.43 38.09
C MSE A 19 9.42 -49.05 36.74
O MSE A 19 8.59 -49.95 36.72
CB MSE A 19 9.34 -47.01 38.23
CG MSE A 19 7.89 -46.91 38.56
SE MSE A 19 7.56 -45.00 38.55
CE MSE A 19 8.13 -44.76 40.37
N ALA A 20 10.03 -48.60 35.63
CA ALA A 20 9.80 -49.05 34.26
C ALA A 20 10.36 -50.45 33.96
N GLU A 21 11.21 -50.98 34.86
CA GLU A 21 11.93 -52.25 34.74
C GLU A 21 12.85 -52.17 33.52
N MSE A 22 13.57 -51.03 33.38
CA MSE A 22 14.46 -50.87 32.23
C MSE A 22 15.91 -50.95 32.63
O MSE A 22 16.21 -50.68 33.79
CB MSE A 22 14.17 -49.53 31.57
CG MSE A 22 12.82 -49.48 30.90
SE MSE A 22 12.56 -47.70 30.14
CE MSE A 22 11.22 -48.28 28.99
N ARG A 23 16.82 -51.30 31.69
CA ARG A 23 18.25 -51.41 32.00
C ARG A 23 19.11 -50.30 31.35
N THR A 24 18.52 -49.46 30.49
CA THR A 24 19.17 -48.33 29.78
C THR A 24 18.19 -47.22 29.68
N LEU A 25 18.72 -46.01 29.62
CA LEU A 25 17.95 -44.78 29.47
C LEU A 25 17.37 -44.70 28.03
N PRO A 26 16.05 -44.77 27.75
CA PRO A 26 15.60 -44.62 26.35
C PRO A 26 16.06 -43.27 25.76
N ALA A 27 16.23 -43.25 24.45
CA ALA A 27 16.76 -42.12 23.69
C ALA A 27 15.81 -40.91 23.69
N ASP A 28 14.55 -41.05 24.14
CA ASP A 28 13.63 -39.88 24.13
C ASP A 28 13.55 -39.15 25.49
N SER A 29 14.50 -39.42 26.36
CA SER A 29 14.63 -38.94 27.72
C SER A 29 16.04 -38.51 27.91
N ALA A 30 16.28 -37.29 28.44
CA ALA A 30 17.66 -36.78 28.57
C ALA A 30 17.73 -35.77 29.70
N VAL A 31 18.92 -35.62 30.28
CA VAL A 31 19.19 -34.60 31.30
C VAL A 31 19.83 -33.42 30.51
N TYR A 32 19.22 -32.24 30.53
CA TYR A 32 19.75 -31.09 29.82
C TYR A 32 20.70 -30.29 30.71
N VAL A 33 20.37 -30.15 32.00
CA VAL A 33 21.19 -29.41 32.98
C VAL A 33 21.18 -30.28 34.25
N GLU A 34 22.34 -30.77 34.65
CA GLU A 34 22.48 -31.70 35.79
C GLU A 34 22.46 -30.99 37.10
N SER A 35 22.28 -31.77 38.18
CA SER A 35 22.33 -31.27 39.56
C SER A 35 22.56 -32.42 40.46
N THR A 36 23.14 -32.15 41.65
CA THR A 36 23.37 -33.17 42.67
C THR A 36 22.39 -33.02 43.83
N ASP A 37 21.64 -31.89 43.93
CA ASP A 37 20.77 -31.67 45.12
C ASP A 37 19.43 -30.94 44.82
N LEU A 38 18.40 -31.72 44.50
CA LEU A 38 17.06 -31.22 44.17
C LEU A 38 16.08 -31.58 45.26
N LYS A 39 15.47 -30.58 45.89
CA LYS A 39 14.53 -30.81 46.98
C LYS A 39 13.13 -30.43 46.57
N ARG A 40 12.99 -29.44 45.70
CA ARG A 40 11.69 -28.94 45.26
C ARG A 40 11.76 -28.72 43.78
N VAL A 41 10.97 -29.49 43.04
CA VAL A 41 11.02 -29.44 41.60
C VAL A 41 9.65 -29.13 41.02
N MSE A 42 9.66 -28.58 39.82
CA MSE A 42 8.42 -28.35 39.11
C MSE A 42 8.33 -29.45 38.06
O MSE A 42 9.30 -29.71 37.36
CB MSE A 42 8.39 -26.95 38.48
CG MSE A 42 7.02 -26.45 38.22
SE MSE A 42 6.97 -24.80 37.11
CE MSE A 42 7.75 -25.58 35.43
N MSE A 43 7.18 -30.14 37.97
CA MSE A 43 7.05 -31.14 36.92
C MSE A 43 5.83 -30.80 36.07
O MSE A 43 4.76 -30.51 36.60
CB MSE A 43 6.98 -32.56 37.48
CG MSE A 43 6.85 -33.64 36.37
SE MSE A 43 7.20 -35.43 36.97
CE MSE A 43 7.18 -36.30 35.28
N GLY A 44 6.01 -30.91 34.75
CA GLY A 44 4.93 -30.67 33.79
C GLY A 44 5.09 -31.58 32.60
N ILE A 45 4.00 -31.84 31.87
CA ILE A 45 4.06 -32.70 30.66
C ILE A 45 4.81 -31.95 29.56
N ASP A 46 4.45 -30.66 29.34
CA ASP A 46 5.09 -29.83 28.31
C ASP A 46 5.86 -28.72 28.96
N ILE A 47 7.17 -28.71 28.77
CA ILE A 47 8.05 -27.68 29.30
C ILE A 47 8.85 -27.02 28.19
N GLY A 48 8.68 -25.71 28.09
CA GLY A 48 9.44 -24.87 27.18
C GLY A 48 10.08 -23.73 27.94
N PRO A 49 10.62 -22.72 27.23
CA PRO A 49 11.29 -21.59 27.90
C PRO A 49 10.41 -20.83 28.91
N ALA A 50 9.14 -20.60 28.58
CA ALA A 50 8.19 -19.89 29.47
C ALA A 50 8.03 -20.65 30.76
N GLU A 51 7.91 -21.97 30.69
CA GLU A 51 7.79 -22.79 31.91
C GLU A 51 9.10 -22.76 32.76
N LEU A 52 10.30 -22.68 32.13
CA LEU A 52 11.56 -22.61 32.88
C LEU A 52 11.65 -21.27 33.61
N LEU A 53 11.17 -20.20 32.95
CA LEU A 53 11.13 -18.85 33.52
C LEU A 53 10.19 -18.85 34.70
N LEU A 54 9.04 -19.54 34.58
CA LEU A 54 8.10 -19.70 35.69
C LEU A 54 8.80 -20.42 36.87
N ALA A 55 9.40 -21.60 36.63
CA ALA A 55 10.11 -22.36 37.66
C ALA A 55 11.12 -21.48 38.43
N ARG A 56 11.86 -20.55 37.74
CA ARG A 56 12.79 -19.60 38.40
C ARG A 56 11.99 -18.62 39.27
N GLN A 57 10.84 -18.10 38.75
CA GLN A 57 10.01 -17.19 39.53
C GLN A 57 9.49 -17.85 40.81
N LEU A 58 9.15 -19.15 40.74
CA LEU A 58 8.63 -19.90 41.88
C LEU A 58 9.75 -20.36 42.85
N GLY A 59 11.01 -20.16 42.46
CA GLY A 59 12.19 -20.54 43.24
C GLY A 59 12.42 -22.04 43.25
N CYS A 60 12.06 -22.72 42.15
CA CYS A 60 12.23 -24.17 42.05
C CYS A 60 13.70 -24.55 41.84
N ASP A 61 14.13 -25.71 42.40
CA ASP A 61 15.51 -26.20 42.29
C ASP A 61 15.80 -26.81 40.94
N GLY A 62 14.76 -27.39 40.36
CA GLY A 62 14.89 -28.07 39.08
C GLY A 62 13.56 -28.24 38.39
N VAL A 63 13.56 -28.72 37.15
CA VAL A 63 12.33 -28.93 36.37
C VAL A 63 12.34 -30.33 35.73
N ILE A 64 11.24 -31.07 35.85
CA ILE A 64 11.09 -32.37 35.19
C ILE A 64 10.00 -32.20 34.11
N ALA A 65 10.35 -32.46 32.88
CA ALA A 65 9.38 -32.44 31.80
C ALA A 65 9.06 -33.91 31.45
N HIS A 66 7.98 -34.18 30.76
CA HIS A 66 7.65 -35.55 30.25
C HIS A 66 8.03 -35.59 28.76
N HIS A 67 7.51 -34.66 27.97
CA HIS A 67 7.78 -34.55 26.55
C HIS A 67 9.25 -34.18 26.29
N PRO A 68 9.88 -34.79 25.25
CA PRO A 68 11.24 -34.37 24.86
C PRO A 68 11.31 -32.83 24.72
N ALA A 69 12.35 -32.18 25.28
CA ALA A 69 12.45 -30.71 25.23
C ALA A 69 13.60 -30.21 24.37
N GLY A 70 14.13 -31.09 23.54
CA GLY A 70 15.23 -30.78 22.65
C GLY A 70 16.41 -31.68 22.95
N GLY A 71 17.61 -31.18 22.63
CA GLY A 71 18.82 -31.96 22.86
C GLY A 71 18.80 -33.31 22.19
N SER A 72 19.36 -34.29 22.83
CA SER A 72 19.44 -35.66 22.32
C SER A 72 18.10 -36.38 22.40
N ALA A 73 17.17 -35.91 23.23
CA ALA A 73 15.82 -36.50 23.37
C ALA A 73 15.04 -36.29 22.12
N THR A 74 15.07 -35.05 21.58
CA THR A 74 14.37 -34.71 20.34
C THR A 74 15.17 -35.29 19.15
N LEU A 75 16.50 -35.17 19.20
CA LEU A 75 17.36 -35.67 18.15
C LEU A 75 17.20 -37.19 17.93
N ASN A 76 17.30 -37.97 19.00
CA ASN A 76 17.31 -39.42 18.91
C ASN A 76 15.95 -40.07 19.18
N PHE A 77 14.87 -39.25 19.30
CA PHE A 77 13.52 -39.76 19.49
C PHE A 77 13.21 -40.97 18.57
N PRO A 78 13.55 -40.96 17.24
CA PRO A 78 13.15 -42.10 16.39
C PRO A 78 13.67 -43.47 16.85
N GLU A 79 14.77 -43.57 17.63
CA GLU A 79 15.27 -44.88 18.11
C GLU A 79 14.23 -45.63 19.03
N VAL A 80 13.35 -44.87 19.71
CA VAL A 80 12.37 -45.50 20.60
C VAL A 80 11.26 -46.23 19.81
N LEU A 81 10.98 -45.81 18.54
CA LEU A 81 9.92 -46.35 17.67
C LEU A 81 10.06 -47.84 17.41
N THR A 82 11.27 -48.44 17.61
CA THR A 82 11.49 -49.89 17.44
C THR A 82 10.65 -50.65 18.48
N ARG A 83 10.31 -50.03 19.63
CA ARG A 83 9.40 -50.60 20.65
C ARG A 83 8.03 -51.00 19.99
N HIS A 84 7.61 -50.31 18.91
CA HIS A 84 6.35 -50.65 18.21
C HIS A 84 6.46 -52.04 17.59
N VAL A 85 7.69 -52.44 17.17
CA VAL A 85 7.99 -53.76 16.58
C VAL A 85 7.80 -54.85 17.63
N GLU A 86 8.45 -54.67 18.81
CA GLU A 86 8.43 -55.61 19.94
C GLU A 86 7.00 -55.78 20.41
N LEU A 87 6.20 -54.67 20.50
CA LEU A 87 4.81 -54.78 20.92
C LEU A 87 3.99 -55.57 19.88
N MSE A 88 4.24 -55.34 18.57
CA MSE A 88 3.49 -56.02 17.52
C MSE A 88 3.82 -57.53 17.54
O MSE A 88 2.89 -58.36 17.49
CB MSE A 88 3.77 -55.39 16.16
CG MSE A 88 2.78 -54.29 15.81
SE MSE A 88 2.99 -53.54 14.05
CE MSE A 88 4.48 -52.37 14.39
N VAL A 89 5.12 -57.87 17.71
CA VAL A 89 5.68 -59.23 17.77
C VAL A 89 5.06 -60.03 18.95
N GLU A 90 4.84 -59.37 20.11
CA GLU A 90 4.22 -59.94 21.33
C GLU A 90 2.79 -60.38 21.08
N HIS A 91 2.07 -59.67 20.16
CA HIS A 91 0.69 -60.02 19.80
C HIS A 91 0.63 -60.86 18.50
N GLY A 92 1.76 -61.38 18.03
CA GLY A 92 1.75 -62.30 16.89
C GLY A 92 2.01 -61.77 15.51
N VAL A 93 2.37 -60.49 15.40
CA VAL A 93 2.74 -59.93 14.10
C VAL A 93 4.20 -60.40 13.78
N PRO A 94 4.50 -61.00 12.59
CA PRO A 94 5.92 -61.36 12.29
C PRO A 94 6.81 -60.12 12.29
N ALA A 95 8.06 -60.29 12.73
CA ALA A 95 9.05 -59.20 12.88
C ALA A 95 9.21 -58.32 11.60
N THR A 96 9.05 -58.92 10.38
CA THR A 96 9.20 -58.22 9.08
C THR A 96 7.94 -57.41 8.75
N ALA A 97 6.73 -57.98 8.96
CA ALA A 97 5.46 -57.26 8.79
C ALA A 97 5.33 -56.09 9.80
N ALA A 98 5.95 -56.22 10.99
CA ALA A 98 5.97 -55.18 12.03
C ALA A 98 6.93 -54.06 11.63
N ARG A 99 8.07 -54.42 11.01
CA ARG A 99 9.07 -53.46 10.53
C ARG A 99 8.53 -52.73 9.31
N ASP A 100 7.76 -53.43 8.49
CA ASP A 100 7.14 -52.84 7.33
C ASP A 100 6.12 -51.81 7.75
N ALA A 101 5.29 -52.11 8.75
CA ALA A 101 4.25 -51.20 9.26
C ALA A 101 4.81 -49.92 9.89
N ILE A 102 5.99 -49.96 10.53
CA ILE A 102 6.56 -48.72 11.14
C ILE A 102 7.49 -47.94 10.21
N GLN A 103 7.80 -48.48 9.03
CA GLN A 103 8.79 -47.85 8.15
C GLN A 103 8.48 -46.38 7.75
N GLY A 104 7.22 -46.07 7.44
CA GLY A 104 6.78 -44.72 7.09
C GLY A 104 6.90 -43.73 8.25
N LEU A 105 6.40 -44.11 9.46
CA LEU A 105 6.52 -43.28 10.65
C LEU A 105 8.01 -43.06 11.01
N LEU A 106 8.84 -44.12 10.91
CA LEU A 106 10.29 -44.06 11.15
C LEU A 106 10.98 -43.06 10.17
N THR A 107 10.70 -43.16 8.85
CA THR A 107 11.33 -42.29 7.82
C THR A 107 10.99 -40.80 8.08
N ARG A 108 9.70 -40.50 8.34
CA ARG A 108 9.21 -39.13 8.55
C ARG A 108 9.72 -38.53 9.88
N SER A 109 9.75 -39.36 10.94
CA SER A 109 10.29 -39.03 12.27
C SER A 109 11.79 -38.69 12.20
N LEU A 110 12.59 -39.42 11.36
CA LEU A 110 14.02 -39.15 11.19
C LEU A 110 14.18 -37.75 10.55
N LEU A 111 13.36 -37.49 9.53
CA LEU A 111 13.33 -36.18 8.83
C LEU A 111 12.93 -35.07 9.83
N ARG A 112 11.91 -35.34 10.69
CA ARG A 112 11.46 -34.38 11.71
C ARG A 112 12.54 -34.15 12.78
N ALA A 113 13.22 -35.22 13.22
CA ALA A 113 14.30 -35.09 14.22
C ALA A 113 15.45 -34.21 13.68
N GLN A 114 15.81 -34.34 12.38
CA GLN A 114 16.88 -33.54 11.80
C GLN A 114 16.52 -32.04 11.68
N SER A 115 15.21 -31.67 11.62
CA SER A 115 14.84 -30.27 11.33
C SER A 115 14.52 -29.40 12.59
N ALA A 116 14.50 -30.03 13.77
CA ALA A 116 14.19 -29.33 15.01
C ALA A 116 15.33 -28.39 15.42
N ASN A 117 14.99 -27.42 16.29
CA ASN A 117 15.97 -26.54 16.88
C ASN A 117 16.24 -27.17 18.24
N HIS A 118 17.00 -28.27 18.27
CA HIS A 118 17.33 -29.11 19.45
C HIS A 118 17.84 -28.30 20.61
N ASP A 119 18.68 -27.25 20.36
CA ASP A 119 19.26 -26.52 21.49
C ASP A 119 18.44 -25.32 22.01
N HIS A 120 17.23 -25.10 21.45
CA HIS A 120 16.39 -23.98 21.87
C HIS A 120 16.06 -24.02 23.40
N THR A 121 15.18 -24.94 23.85
CA THR A 121 14.83 -25.00 25.27
C THR A 121 16.08 -25.34 26.16
N PRO A 122 16.98 -26.30 25.79
CA PRO A 122 18.18 -26.51 26.63
C PRO A 122 19.04 -25.25 26.78
N SER A 123 19.15 -24.36 25.73
CA SER A 123 19.97 -23.12 25.83
C SER A 123 19.42 -22.18 26.89
N VAL A 124 18.06 -22.11 26.99
CA VAL A 124 17.30 -21.31 27.98
C VAL A 124 17.61 -21.89 29.39
N ALA A 125 17.43 -23.20 29.60
CA ALA A 125 17.75 -23.85 30.90
C ALA A 125 19.22 -23.56 31.31
N ARG A 126 20.19 -23.59 30.35
CA ARG A 126 21.60 -23.32 30.73
C ARG A 126 21.80 -21.85 31.14
N LEU A 127 21.17 -20.87 30.42
CA LEU A 127 21.28 -19.45 30.75
C LEU A 127 20.65 -19.11 32.09
N LEU A 128 19.55 -19.80 32.42
CA LEU A 128 18.90 -19.67 33.71
C LEU A 128 19.61 -20.49 34.83
N GLU A 129 20.54 -21.41 34.45
CA GLU A 129 21.27 -22.35 35.31
C GLU A 129 20.23 -23.17 36.08
N MSE A 130 19.24 -23.64 35.32
CA MSE A 130 18.12 -24.37 35.86
C MSE A 130 18.28 -25.85 35.57
O MSE A 130 18.07 -26.25 34.42
CB MSE A 130 16.77 -23.79 35.31
CG MSE A 130 15.52 -24.62 35.77
SE MSE A 130 15.08 -24.50 37.71
CE MSE A 130 14.57 -22.63 37.77
N PRO A 131 18.48 -26.68 36.62
CA PRO A 131 18.51 -28.15 36.42
C PRO A 131 17.25 -28.58 35.72
N PHE A 132 17.42 -29.39 34.68
CA PHE A 132 16.30 -29.73 33.82
C PHE A 132 16.52 -31.05 33.07
N LEU A 133 15.48 -31.87 33.02
CA LEU A 133 15.50 -33.17 32.34
C LEU A 133 14.13 -33.54 31.89
N ASN A 134 14.04 -34.48 30.96
CA ASN A 134 12.71 -35.00 30.58
C ASN A 134 12.74 -36.53 30.74
N ILE A 135 11.59 -37.12 31.17
CA ILE A 135 11.45 -38.57 31.31
C ILE A 135 10.16 -38.95 30.58
N HIS A 136 10.35 -39.57 29.41
CA HIS A 136 9.19 -39.88 28.55
C HIS A 136 8.85 -41.38 28.53
N LEU A 137 9.57 -42.18 27.73
CA LEU A 137 9.30 -43.62 27.54
C LEU A 137 9.25 -44.41 28.86
N PRO A 138 10.15 -44.20 29.86
CA PRO A 138 10.06 -45.01 31.10
C PRO A 138 8.68 -44.87 31.79
N LEU A 139 8.15 -43.64 31.86
CA LEU A 139 6.87 -43.36 32.55
C LEU A 139 5.73 -43.90 31.71
N ASP A 140 5.79 -43.78 30.33
CA ASP A 140 4.80 -44.33 29.44
C ASP A 140 4.77 -45.87 29.56
N GLU A 141 5.93 -46.48 29.78
CA GLU A 141 6.02 -47.95 29.95
C GLU A 141 5.32 -48.41 31.26
N VAL A 142 5.52 -47.62 32.33
CA VAL A 142 4.83 -47.86 33.60
C VAL A 142 3.32 -47.77 33.38
N GLY A 143 2.85 -46.74 32.65
CA GLY A 143 1.43 -46.55 32.38
C GLY A 143 0.87 -47.65 31.49
N ARG A 144 1.62 -48.08 30.46
CA ARG A 144 1.24 -49.21 29.60
C ARG A 144 0.97 -50.51 30.42
N ARG A 145 1.89 -50.91 31.34
CA ARG A 145 1.74 -52.15 32.13
C ARG A 145 0.51 -52.06 33.05
N ILE A 146 0.28 -50.89 33.69
CA ILE A 146 -0.88 -50.68 34.58
C ILE A 146 -2.20 -50.85 33.79
N MSE A 147 -2.25 -50.27 32.60
CA MSE A 147 -3.43 -50.36 31.74
C MSE A 147 -3.64 -51.79 31.19
O MSE A 147 -4.78 -52.24 31.17
CB MSE A 147 -3.30 -49.36 30.59
CG MSE A 147 -3.37 -47.92 31.05
SE MSE A 147 -3.11 -46.70 29.51
CE MSE A 147 -4.71 -46.98 28.67
N VAL A 148 -2.57 -52.50 30.79
CA VAL A 148 -2.67 -53.92 30.33
C VAL A 148 -3.27 -54.80 31.44
N LYS A 149 -2.69 -54.69 32.67
CA LYS A 149 -3.10 -55.49 33.85
C LYS A 149 -4.53 -55.19 34.22
N THR A 150 -4.93 -53.89 34.21
CA THR A 150 -6.30 -53.51 34.59
C THR A 150 -7.31 -54.14 33.61
N ILE A 151 -7.07 -54.05 32.30
CA ILE A 151 -7.98 -54.56 31.28
C ILE A 151 -8.02 -56.09 31.37
N GLN A 152 -6.83 -56.73 31.38
CA GLN A 152 -6.71 -58.19 31.41
C GLN A 152 -7.41 -58.79 32.64
N GLU A 153 -7.25 -58.17 33.82
CA GLU A 153 -7.88 -58.71 35.03
C GLU A 153 -9.40 -58.61 34.96
N ALA A 154 -9.91 -57.63 34.24
CA ALA A 154 -11.35 -57.43 34.09
C ALA A 154 -11.97 -58.26 32.92
N VAL A 155 -11.31 -58.28 31.74
CA VAL A 155 -11.86 -58.91 30.54
C VAL A 155 -11.52 -60.41 30.37
N GLU A 156 -10.41 -60.89 30.95
CA GLU A 156 -10.02 -62.32 30.79
C GLU A 156 -11.11 -63.25 31.37
N PRO A 157 -11.70 -63.02 32.58
CA PRO A 157 -12.77 -63.94 33.06
C PRO A 157 -14.01 -63.97 32.17
N LEU A 158 -14.13 -62.99 31.24
CA LEU A 158 -15.29 -62.79 30.37
C LEU A 158 -15.26 -63.62 29.11
N GLY A 159 -14.06 -63.99 28.67
CA GLY A 159 -13.81 -64.75 27.44
C GLY A 159 -14.28 -64.01 26.20
N ASP A 160 -14.95 -64.75 25.30
CA ASP A 160 -15.52 -64.27 24.03
C ASP A 160 -16.71 -63.33 24.25
N GLU A 161 -17.23 -63.24 25.49
CA GLU A 161 -18.32 -62.34 25.83
C GLU A 161 -17.82 -60.93 26.04
N ALA A 162 -16.50 -60.75 26.24
CA ALA A 162 -15.95 -59.40 26.47
C ALA A 162 -16.18 -58.49 25.26
N ARG A 163 -16.62 -57.26 25.58
CA ARG A 163 -16.85 -56.22 24.59
C ARG A 163 -15.87 -55.08 24.84
N VAL A 164 -15.80 -54.14 23.86
CA VAL A 164 -15.00 -52.90 23.90
C VAL A 164 -15.33 -52.16 25.18
N GLN A 165 -16.63 -52.08 25.55
CA GLN A 165 -17.17 -51.43 26.76
C GLN A 165 -16.49 -51.99 28.05
N ASP A 166 -16.19 -53.32 28.11
CA ASP A 166 -15.59 -53.95 29.30
C ASP A 166 -14.17 -53.44 29.53
N ALA A 167 -13.44 -53.13 28.43
CA ALA A 167 -12.09 -52.59 28.52
C ALA A 167 -12.16 -51.18 29.03
N ILE A 168 -13.13 -50.40 28.51
CA ILE A 168 -13.35 -49.01 28.90
C ILE A 168 -13.75 -48.98 30.38
N ASP A 169 -14.65 -49.92 30.85
CA ASP A 169 -15.10 -49.91 32.26
C ASP A 169 -13.89 -50.18 33.17
N ALA A 170 -13.03 -51.14 32.77
CA ALA A 170 -11.77 -51.50 33.46
C ALA A 170 -10.87 -50.24 33.63
N LEU A 171 -10.68 -49.50 32.53
CA LEU A 171 -9.83 -48.32 32.55
C LEU A 171 -10.39 -47.24 33.44
N MSE A 172 -11.74 -47.13 33.52
CA MSE A 172 -12.48 -46.14 34.33
C MSE A 172 -12.34 -46.43 35.87
O MSE A 172 -12.72 -45.59 36.71
CB MSE A 172 -13.95 -46.05 33.87
CG MSE A 172 -14.14 -45.39 32.49
SE MSE A 172 -13.46 -43.54 32.50
CE MSE A 172 -14.97 -42.47 33.28
N THR A 173 -11.76 -47.57 36.24
CA THR A 173 -11.49 -47.87 37.65
C THR A 173 -10.14 -47.24 38.00
N LEU A 174 -9.33 -46.80 36.99
CA LEU A 174 -8.06 -46.10 37.29
C LEU A 174 -8.41 -44.64 37.62
N PRO A 175 -7.80 -44.03 38.66
CA PRO A 175 -8.23 -42.67 39.02
C PRO A 175 -7.96 -41.63 37.93
N GLU A 176 -6.92 -41.84 37.06
CA GLU A 176 -6.55 -40.89 36.00
C GLU A 176 -7.64 -40.78 34.97
N PHE A 177 -8.36 -41.90 34.72
CA PHE A 177 -9.46 -41.92 33.77
C PHE A 177 -10.78 -41.56 34.47
N ALA A 178 -11.03 -42.10 35.69
CA ALA A 178 -12.25 -41.75 36.44
C ALA A 178 -12.32 -40.21 36.67
N GLY A 179 -11.16 -39.56 36.92
CA GLY A 179 -11.07 -38.13 37.19
C GLY A 179 -10.78 -37.25 35.99
N ALA A 180 -10.51 -37.87 34.85
CA ALA A 180 -10.20 -37.07 33.63
C ALA A 180 -11.35 -36.13 33.20
N ALA A 181 -10.95 -34.96 32.71
CA ALA A 181 -11.86 -33.99 32.11
C ALA A 181 -12.26 -34.55 30.74
N THR A 182 -11.35 -35.29 30.08
CA THR A 182 -11.67 -35.88 28.75
C THR A 182 -12.37 -37.19 28.93
N ARG A 183 -12.87 -37.73 27.81
CA ARG A 183 -13.46 -39.04 27.86
C ARG A 183 -12.79 -39.98 26.86
N ILE A 184 -12.80 -41.27 27.24
CA ILE A 184 -12.26 -42.34 26.43
C ILE A 184 -13.20 -42.43 25.22
N MSE A 185 -12.60 -42.47 24.01
CA MSE A 185 -13.36 -42.51 22.78
C MSE A 185 -13.10 -43.79 22.03
O MSE A 185 -12.11 -44.43 22.22
CB MSE A 185 -13.04 -41.27 21.87
CG MSE A 185 -13.48 -39.94 22.46
SE MSE A 185 -12.69 -38.38 21.57
CE MSE A 185 -13.74 -38.40 19.95
N VAL A 186 -14.00 -44.12 21.12
CA VAL A 186 -13.96 -45.29 20.23
C VAL A 186 -14.21 -44.76 18.80
N PRO A 187 -13.17 -44.20 18.15
CA PRO A 187 -13.38 -43.58 16.82
C PRO A 187 -13.52 -44.57 15.66
N VAL A 188 -13.18 -45.85 15.89
CA VAL A 188 -13.23 -46.95 14.92
C VAL A 188 -13.89 -48.13 15.64
N GLY A 189 -14.89 -48.73 15.03
CA GLY A 189 -15.62 -49.79 15.69
C GLY A 189 -16.68 -49.17 16.58
N ALA A 190 -17.08 -49.85 17.64
CA ALA A 190 -18.11 -49.33 18.54
C ALA A 190 -17.95 -49.96 19.93
N VAL A 191 -18.58 -49.37 20.97
CA VAL A 191 -18.47 -49.93 22.34
C VAL A 191 -19.12 -51.34 22.46
N ASP A 192 -20.17 -51.65 21.64
CA ASP A 192 -20.93 -52.91 21.62
C ASP A 192 -20.26 -54.01 20.76
N GLN A 193 -19.06 -53.74 20.19
CA GLN A 193 -18.43 -54.77 19.38
C GLN A 193 -17.67 -55.75 20.24
N PRO A 194 -17.55 -57.06 19.84
CA PRO A 194 -16.69 -57.99 20.61
C PRO A 194 -15.27 -57.39 20.74
N LEU A 195 -14.64 -57.51 21.92
CA LEU A 195 -13.29 -56.95 22.12
C LEU A 195 -12.21 -57.78 21.40
N GLY A 196 -12.36 -59.10 21.44
CA GLY A 196 -11.38 -60.06 20.92
C GLY A 196 -10.08 -59.85 21.65
N LYS A 197 -8.95 -59.94 20.94
CA LYS A 197 -7.66 -59.67 21.59
C LYS A 197 -7.42 -58.19 21.51
N ILE A 198 -6.90 -57.60 22.59
CA ILE A 198 -6.63 -56.16 22.63
C ILE A 198 -5.11 -55.93 22.80
N ALA A 199 -4.59 -54.91 22.09
CA ALA A 199 -3.20 -54.50 22.26
C ALA A 199 -3.18 -53.06 22.77
N VAL A 200 -2.53 -52.82 23.90
CA VAL A 200 -2.32 -51.49 24.53
C VAL A 200 -1.04 -50.91 23.86
N VAL A 201 -1.22 -49.94 22.93
CA VAL A 201 -0.08 -49.42 22.17
C VAL A 201 0.23 -48.05 22.73
N HIS A 202 0.94 -48.13 23.86
CA HIS A 202 1.38 -47.01 24.66
C HIS A 202 2.81 -47.35 25.11
N GLY A 203 3.67 -46.36 25.24
CA GLY A 203 5.06 -46.61 25.63
C GLY A 203 5.98 -46.96 24.49
N ALA A 204 5.63 -46.63 23.26
CA ALA A 204 6.49 -46.88 22.11
C ALA A 204 6.81 -45.54 21.42
N GLY A 205 6.73 -44.45 22.23
CA GLY A 205 7.12 -43.10 21.81
C GLY A 205 5.98 -42.22 21.38
N THR A 206 5.20 -42.73 20.43
CA THR A 206 4.03 -42.05 19.86
C THR A 206 3.08 -43.16 19.43
N ASN A 207 1.83 -42.81 19.11
CA ASN A 207 0.83 -43.79 18.68
C ASN A 207 1.25 -44.38 17.32
N GLY A 208 0.78 -45.56 16.98
CA GLY A 208 1.19 -46.15 15.71
C GLY A 208 0.53 -45.61 14.44
N GLY A 209 -0.54 -44.80 14.59
CA GLY A 209 -1.26 -44.28 13.44
C GLY A 209 -1.97 -45.40 12.70
N TYR A 210 -2.33 -45.15 11.42
CA TYR A 210 -3.05 -46.08 10.56
C TYR A 210 -2.29 -47.39 10.31
N ALA A 211 -1.04 -47.32 9.74
CA ALA A 211 -0.29 -48.52 9.35
C ALA A 211 -0.11 -49.55 10.51
N VAL A 212 0.15 -49.10 11.75
CA VAL A 212 0.39 -50.01 12.89
C VAL A 212 -0.93 -50.64 13.31
N ALA A 213 -2.04 -49.83 13.45
CA ALA A 213 -3.36 -50.37 13.81
C ALA A 213 -3.81 -51.47 12.79
N ARG A 214 -3.54 -51.23 11.49
CA ARG A 214 -3.85 -52.16 10.39
C ARG A 214 -3.00 -53.46 10.53
N ALA A 215 -1.74 -53.37 10.98
CA ALA A 215 -0.89 -54.55 11.19
C ALA A 215 -1.50 -55.43 12.30
N TYR A 216 -1.93 -54.81 13.43
CA TYR A 216 -2.60 -55.51 14.54
C TYR A 216 -3.92 -56.12 14.08
N PHE A 217 -4.78 -55.32 13.34
CA PHE A 217 -6.09 -55.80 12.84
C PHE A 217 -5.94 -56.95 11.85
N ASP A 218 -4.82 -57.02 11.13
CA ASP A 218 -4.59 -58.07 10.13
C ASP A 218 -3.99 -59.33 10.75
N HIS A 219 -3.45 -59.25 12.00
CA HIS A 219 -2.81 -60.41 12.63
C HIS A 219 -3.58 -60.89 13.89
N GLY A 220 -4.92 -60.79 13.85
CA GLY A 220 -5.81 -61.30 14.89
C GLY A 220 -6.03 -60.47 16.14
N VAL A 221 -5.75 -59.15 16.07
CA VAL A 221 -5.95 -58.25 17.22
C VAL A 221 -7.10 -57.30 16.84
N ARG A 222 -8.30 -57.68 17.29
CA ARG A 222 -9.55 -57.01 17.02
C ARG A 222 -9.62 -55.60 17.60
N THR A 223 -9.03 -55.35 18.82
CA THR A 223 -9.10 -54.04 19.44
C THR A 223 -7.72 -53.44 19.68
N VAL A 224 -7.49 -52.26 19.10
CA VAL A 224 -6.24 -51.55 19.29
C VAL A 224 -6.48 -50.38 20.22
N LEU A 225 -5.58 -50.17 21.19
CA LEU A 225 -5.67 -48.99 22.07
C LEU A 225 -4.50 -48.00 21.86
N TYR A 226 -4.81 -46.71 21.59
CA TYR A 226 -3.84 -45.60 21.58
C TYR A 226 -4.24 -44.56 22.61
N ILE A 227 -3.28 -43.71 23.05
CA ILE A 227 -3.58 -42.60 23.96
C ILE A 227 -4.07 -41.42 23.12
N HIS A 228 -3.74 -41.43 21.80
CA HIS A 228 -4.05 -40.34 20.86
C HIS A 228 -3.91 -40.87 19.44
N ILE A 229 -4.58 -40.22 18.46
CA ILE A 229 -4.43 -40.51 17.04
C ILE A 229 -4.64 -39.26 16.21
N ALA A 230 -3.90 -39.09 15.10
CA ALA A 230 -4.19 -37.99 14.16
C ALA A 230 -5.64 -38.16 13.66
N PRO A 231 -6.49 -37.08 13.66
CA PRO A 231 -7.89 -37.24 13.19
C PRO A 231 -8.00 -37.83 11.78
N GLU A 232 -7.08 -37.49 10.86
CA GLU A 232 -7.08 -38.06 9.49
C GLU A 232 -6.76 -39.58 9.50
N GLU A 233 -5.90 -40.05 10.45
CA GLU A 233 -5.57 -41.48 10.61
C GLU A 233 -6.76 -42.28 11.14
N ALA A 234 -7.54 -41.66 12.07
CA ALA A 234 -8.77 -42.27 12.62
C ALA A 234 -9.81 -42.44 11.48
N GLU A 235 -9.98 -41.37 10.66
CA GLU A 235 -10.96 -41.40 9.55
C GLU A 235 -10.59 -42.47 8.49
N ARG A 236 -9.29 -42.64 8.17
CA ARG A 236 -8.86 -43.67 7.25
C ARG A 236 -9.19 -45.08 7.82
N LEU A 237 -8.89 -45.32 9.10
CA LEU A 237 -9.17 -46.62 9.74
C LEU A 237 -10.67 -46.88 9.82
N ARG A 238 -11.47 -45.82 10.13
CA ARG A 238 -12.93 -45.95 10.30
C ARG A 238 -13.59 -46.33 8.97
N ARG A 239 -13.14 -45.75 7.84
CA ARG A 239 -13.65 -46.00 6.49
C ARG A 239 -13.38 -47.47 6.07
N GLU A 240 -12.24 -48.04 6.50
CA GLU A 240 -11.88 -49.41 6.13
C GLU A 240 -12.52 -50.45 7.06
N GLY A 241 -12.64 -50.12 8.35
CA GLY A 241 -13.27 -50.98 9.35
C GLY A 241 -12.47 -52.22 9.71
N GLY A 242 -13.18 -53.24 10.17
CA GLY A 242 -12.55 -54.50 10.54
C GLY A 242 -11.73 -54.50 11.81
N GLY A 243 -12.14 -53.70 12.80
CA GLY A 243 -11.51 -53.63 14.11
C GLY A 243 -12.01 -52.46 14.93
N ASN A 244 -11.60 -52.44 16.21
CA ASN A 244 -11.97 -51.38 17.12
C ASN A 244 -10.77 -50.61 17.54
N LEU A 245 -10.89 -49.29 17.57
CA LEU A 245 -9.81 -48.48 18.10
C LEU A 245 -10.32 -47.71 19.32
N ILE A 246 -9.66 -47.87 20.46
CA ILE A 246 -9.93 -47.11 21.69
C ILE A 246 -8.87 -46.04 21.77
N VAL A 247 -9.29 -44.81 21.98
CA VAL A 247 -8.39 -43.65 22.14
C VAL A 247 -8.67 -43.10 23.54
N THR A 248 -7.71 -43.34 24.45
CA THR A 248 -7.92 -43.05 25.87
C THR A 248 -7.74 -41.58 26.30
N GLY A 249 -7.05 -40.75 25.54
CA GLY A 249 -6.89 -39.35 25.92
C GLY A 249 -5.45 -39.11 26.33
N HIS A 250 -4.78 -38.21 25.65
CA HIS A 250 -3.37 -37.94 25.76
C HIS A 250 -2.89 -37.74 27.21
N ILE A 251 -3.38 -36.69 27.89
CA ILE A 251 -2.88 -36.27 29.23
C ILE A 251 -3.25 -37.31 30.31
N ALA A 252 -4.51 -37.76 30.33
CA ALA A 252 -4.97 -38.69 31.34
C ALA A 252 -4.17 -39.99 31.30
N SER A 253 -3.83 -40.46 30.07
CA SER A 253 -3.00 -41.66 29.88
C SER A 253 -1.56 -41.40 30.31
N ASP A 254 -1.02 -40.24 29.99
CA ASP A 254 0.36 -39.94 30.42
C ASP A 254 0.47 -39.87 31.91
N LEU A 255 -0.62 -39.48 32.58
CA LEU A 255 -0.64 -39.34 34.04
C LEU A 255 -0.60 -40.65 34.81
N VAL A 256 -1.02 -41.79 34.20
CA VAL A 256 -1.01 -43.09 34.81
C VAL A 256 0.44 -43.42 35.26
N GLY A 257 1.37 -43.34 34.31
CA GLY A 257 2.77 -43.59 34.67
C GLY A 257 3.33 -42.40 35.45
N ILE A 258 2.95 -41.17 35.06
CA ILE A 258 3.55 -39.96 35.75
C ILE A 258 3.19 -39.89 37.24
N ASN A 259 1.98 -40.19 37.63
CA ASN A 259 1.57 -40.12 39.02
C ASN A 259 2.27 -41.15 39.95
N ARG A 260 2.61 -42.32 39.43
CA ARG A 260 3.40 -43.30 40.19
C ARG A 260 4.82 -42.75 40.41
N TYR A 261 5.36 -42.08 39.40
CA TYR A 261 6.69 -41.48 39.51
C TYR A 261 6.68 -40.38 40.56
N VAL A 262 5.70 -39.48 40.51
CA VAL A 262 5.55 -38.35 41.45
C VAL A 262 5.43 -38.88 42.90
N GLN A 263 4.66 -39.93 43.13
CA GLN A 263 4.52 -40.47 44.46
C GLN A 263 5.89 -41.08 44.95
N ALA A 264 6.69 -41.74 44.07
CA ALA A 264 8.02 -42.26 44.44
C ALA A 264 9.00 -41.09 44.84
N LEU A 265 9.00 -39.96 44.12
CA LEU A 265 9.81 -38.79 44.47
C LEU A 265 9.40 -38.20 45.82
N GLU A 266 8.06 -38.01 46.04
CA GLU A 266 7.50 -37.48 47.29
C GLU A 266 7.87 -38.37 48.47
N GLU A 267 7.99 -39.69 48.25
CA GLU A 267 8.41 -40.62 49.30
C GLU A 267 9.90 -40.46 49.63
N ARG A 268 10.71 -40.03 48.64
CA ARG A 268 12.16 -39.76 48.78
C ARG A 268 12.37 -38.32 49.33
N GLY A 269 11.28 -37.70 49.73
CA GLY A 269 11.22 -36.36 50.31
C GLY A 269 11.30 -35.21 49.33
N VAL A 270 11.04 -35.45 48.03
CA VAL A 270 11.13 -34.37 47.03
C VAL A 270 9.76 -33.76 46.89
N GLU A 271 9.70 -32.44 47.00
CA GLU A 271 8.47 -31.70 46.77
C GLU A 271 8.28 -31.51 45.25
N VAL A 272 7.13 -31.96 44.72
CA VAL A 272 6.79 -31.80 43.30
C VAL A 272 5.69 -30.73 43.12
N VAL A 273 6.00 -29.64 42.40
CA VAL A 273 5.02 -28.59 42.05
C VAL A 273 4.36 -29.06 40.73
N ARG A 274 3.09 -29.43 40.76
CA ARG A 274 2.36 -29.98 39.60
C ARG A 274 1.78 -28.88 38.70
N MSE A 275 2.00 -28.98 37.39
CA MSE A 275 1.45 -28.02 36.43
C MSE A 275 1.54 -28.65 35.03
O MSE A 275 1.93 -29.81 34.94
CB MSE A 275 2.15 -26.64 36.50
CG MSE A 275 3.68 -26.70 36.69
SE MSE A 275 4.59 -27.26 35.07
CE MSE A 275 4.26 -25.64 33.94
N SER A 276 1.18 -27.92 33.97
CA SER A 276 1.17 -28.45 32.57
C SER A 276 0.52 -29.90 32.52
N GLY A 277 -0.68 -30.05 33.09
CA GLY A 277 -1.42 -31.31 33.08
C GLY A 277 -1.37 -32.15 34.34
N LEU A 278 -0.33 -31.98 35.20
CA LEU A 278 -0.26 -32.80 36.44
C LEU A 278 -1.22 -32.26 37.49
N ALA B 3 9.13 65.35 -8.59
CA ALA B 3 8.49 66.42 -7.82
C ALA B 3 6.98 66.39 -8.00
N MSE B 4 6.51 65.93 -9.19
CA MSE B 4 5.10 65.83 -9.58
C MSE B 4 4.29 64.98 -8.60
O MSE B 4 4.84 64.05 -8.00
CB MSE B 4 4.99 65.23 -11.00
CG MSE B 4 5.35 66.21 -12.12
SE MSE B 4 5.74 65.24 -13.79
CE MSE B 4 7.60 64.73 -13.40
N ALA B 5 2.99 65.28 -8.46
CA ALA B 5 2.09 64.50 -7.61
C ALA B 5 1.90 63.10 -8.21
N GLY B 6 1.58 62.13 -7.35
CA GLY B 6 1.33 60.77 -7.77
C GLY B 6 0.04 60.66 -8.55
N LEU B 7 -0.11 59.58 -9.34
CA LEU B 7 -1.25 59.33 -10.20
C LEU B 7 -2.27 58.42 -9.54
N SER B 8 -3.55 58.71 -9.74
CA SER B 8 -4.61 57.85 -9.21
C SER B 8 -4.81 56.68 -10.15
N THR B 9 -5.51 55.65 -9.69
CA THR B 9 -5.79 54.49 -10.55
C THR B 9 -6.73 54.92 -11.67
N ALA B 10 -7.69 55.88 -11.41
CA ALA B 10 -8.61 56.40 -12.46
C ALA B 10 -7.79 57.10 -13.59
N GLU B 11 -6.73 57.86 -13.21
CA GLU B 11 -5.79 58.53 -14.11
C GLU B 11 -5.02 57.53 -14.97
N LEU B 12 -4.50 56.44 -14.36
CA LEU B 12 -3.77 55.39 -15.12
C LEU B 12 -4.67 54.78 -16.19
N VAL B 13 -5.95 54.63 -15.87
CA VAL B 13 -6.94 54.07 -16.80
C VAL B 13 -7.17 55.06 -17.95
N ASP B 14 -7.32 56.36 -17.62
CA ASP B 14 -7.64 57.39 -18.59
C ASP B 14 -6.50 57.58 -19.60
N ILE B 15 -5.23 57.41 -19.19
CA ILE B 15 -4.08 57.53 -20.10
C ILE B 15 -4.19 56.43 -21.18
N ALA B 16 -4.50 55.20 -20.74
CA ALA B 16 -4.63 54.07 -21.65
C ALA B 16 -5.84 54.26 -22.61
N LEU B 17 -7.04 54.60 -22.10
CA LEU B 17 -8.23 54.81 -22.95
C LEU B 17 -7.99 55.92 -23.95
N GLU B 18 -7.32 57.03 -23.54
CA GLU B 18 -7.05 58.13 -24.48
C GLU B 18 -6.14 57.66 -25.63
N MSE B 19 -5.03 57.02 -25.30
CA MSE B 19 -4.07 56.48 -26.25
C MSE B 19 -4.75 55.46 -27.21
O MSE B 19 -4.45 55.48 -28.39
CB MSE B 19 -2.99 55.79 -25.41
CG MSE B 19 -1.76 55.35 -26.15
SE MSE B 19 -0.76 54.36 -24.78
CE MSE B 19 -0.16 55.98 -23.73
N ALA B 20 -5.65 54.60 -26.69
CA ALA B 20 -6.43 53.61 -27.44
C ALA B 20 -7.55 54.24 -28.29
N GLU B 21 -7.82 55.55 -28.06
CA GLU B 21 -8.92 56.34 -28.66
C GLU B 21 -10.27 55.68 -28.30
N MSE B 22 -10.43 55.27 -27.04
CA MSE B 22 -11.66 54.62 -26.59
C MSE B 22 -12.53 55.52 -25.72
O MSE B 22 -11.99 56.48 -25.13
CB MSE B 22 -11.32 53.33 -25.82
CG MSE B 22 -10.73 52.27 -26.69
SE MSE B 22 -10.22 50.81 -25.54
CE MSE B 22 -10.08 49.53 -26.87
N ARG B 23 -13.87 55.23 -25.66
CA ARG B 23 -14.80 56.10 -24.90
C ARG B 23 -15.35 55.41 -23.69
N THR B 24 -15.17 54.09 -23.61
CA THR B 24 -15.60 53.32 -22.44
C THR B 24 -14.51 52.41 -22.01
N LEU B 25 -14.55 52.01 -20.74
CA LEU B 25 -13.57 51.02 -20.24
C LEU B 25 -13.94 49.61 -20.79
N PRO B 26 -13.09 48.89 -21.58
CA PRO B 26 -13.47 47.52 -22.02
C PRO B 26 -13.60 46.61 -20.81
N ALA B 27 -14.38 45.56 -20.96
CA ALA B 27 -14.81 44.68 -19.87
C ALA B 27 -13.65 43.80 -19.36
N ASP B 28 -12.58 43.69 -20.10
CA ASP B 28 -11.43 42.82 -19.72
C ASP B 28 -10.33 43.55 -18.89
N SER B 29 -10.62 44.73 -18.44
CA SER B 29 -9.71 45.63 -17.72
C SER B 29 -10.45 46.21 -16.58
N ALA B 30 -9.95 46.03 -15.35
CA ALA B 30 -10.63 46.48 -14.13
C ALA B 30 -9.59 46.97 -13.11
N VAL B 31 -10.07 47.82 -12.16
CA VAL B 31 -9.32 48.30 -11.00
C VAL B 31 -9.81 47.43 -9.83
N TYR B 32 -8.92 46.61 -9.29
CA TYR B 32 -9.21 45.72 -8.17
C TYR B 32 -9.06 46.47 -6.83
N VAL B 33 -8.03 47.32 -6.69
CA VAL B 33 -7.78 48.08 -5.46
C VAL B 33 -7.35 49.48 -5.90
N GLU B 34 -8.19 50.50 -5.59
CA GLU B 34 -7.97 51.88 -6.04
C GLU B 34 -6.92 52.57 -5.23
N SER B 35 -6.43 53.71 -5.74
CA SER B 35 -5.49 54.58 -5.03
C SER B 35 -5.50 55.91 -5.71
N THR B 36 -5.27 56.98 -4.94
CA THR B 36 -5.20 58.35 -5.44
C THR B 36 -3.73 58.81 -5.54
N ASP B 37 -2.74 57.99 -5.09
CA ASP B 37 -1.34 58.48 -5.07
C ASP B 37 -0.28 57.42 -5.40
N LEU B 38 -0.04 57.20 -6.70
CA LEU B 38 0.93 56.22 -7.18
C LEU B 38 2.10 56.90 -7.85
N LYS B 39 3.33 56.68 -7.30
CA LYS B 39 4.55 57.30 -7.83
C LYS B 39 5.56 56.23 -8.37
N ARG B 40 5.52 55.04 -7.84
CA ARG B 40 6.37 53.94 -8.26
C ARG B 40 5.54 52.69 -8.25
N VAL B 41 5.30 52.16 -9.43
CA VAL B 41 4.50 50.96 -9.60
C VAL B 41 5.32 49.87 -10.26
N MSE B 42 4.87 48.62 -10.06
CA MSE B 42 5.43 47.47 -10.71
C MSE B 42 4.51 47.09 -11.87
O MSE B 42 3.30 47.05 -11.68
CB MSE B 42 5.58 46.31 -9.73
CG MSE B 42 6.64 45.34 -10.15
SE MSE B 42 6.64 43.73 -9.05
CE MSE B 42 4.93 43.05 -9.53
N MSE B 43 5.06 46.90 -13.05
CA MSE B 43 4.16 46.48 -14.13
C MSE B 43 4.65 45.15 -14.71
O MSE B 43 5.85 44.95 -14.89
CB MSE B 43 4.01 47.56 -15.22
CG MSE B 43 2.99 47.14 -16.28
SE MSE B 43 2.35 48.54 -17.48
CE MSE B 43 1.25 47.35 -18.53
N GLY B 44 3.72 44.27 -15.00
CA GLY B 44 4.02 42.96 -15.56
C GLY B 44 2.86 42.50 -16.40
N ILE B 45 3.10 41.62 -17.36
CA ILE B 45 2.04 41.08 -18.21
C ILE B 45 1.12 40.15 -17.39
N ASP B 46 1.74 39.23 -16.62
CA ASP B 46 1.05 38.24 -15.78
C ASP B 46 1.29 38.53 -14.32
N ILE B 47 0.20 38.88 -13.60
CA ILE B 47 0.28 39.18 -12.17
C ILE B 47 -0.70 38.30 -11.41
N GLY B 48 -0.15 37.53 -10.49
CA GLY B 48 -0.88 36.69 -9.57
C GLY B 48 -0.44 37.03 -8.16
N PRO B 49 -0.86 36.20 -7.15
CA PRO B 49 -0.50 36.46 -5.74
C PRO B 49 1.00 36.59 -5.47
N ALA B 50 1.85 35.71 -6.05
CA ALA B 50 3.33 35.72 -5.86
C ALA B 50 3.93 37.09 -6.29
N GLU B 51 3.45 37.61 -7.41
CA GLU B 51 3.90 38.91 -7.96
C GLU B 51 3.46 40.07 -7.05
N LEU B 52 2.25 39.99 -6.41
CA LEU B 52 1.81 41.05 -5.51
C LEU B 52 2.68 41.10 -4.27
N LEU B 53 3.04 39.90 -3.74
CA LEU B 53 3.93 39.78 -2.57
C LEU B 53 5.30 40.39 -2.92
N LEU B 54 5.78 40.12 -4.15
CA LEU B 54 7.04 40.69 -4.66
C LEU B 54 6.96 42.23 -4.70
N ALA B 55 5.87 42.80 -5.21
CA ALA B 55 5.66 44.24 -5.25
C ALA B 55 5.78 44.83 -3.87
N ARG B 56 5.14 44.20 -2.85
CA ARG B 56 5.19 44.62 -1.43
C ARG B 56 6.64 44.59 -0.92
N GLN B 57 7.35 43.48 -1.18
CA GLN B 57 8.75 43.34 -0.77
C GLN B 57 9.64 44.42 -1.41
N LEU B 58 9.29 44.86 -2.62
CA LEU B 58 9.99 45.94 -3.33
C LEU B 58 9.50 47.32 -2.88
N GLY B 59 8.46 47.35 -2.04
CA GLY B 59 7.86 48.58 -1.52
C GLY B 59 7.24 49.43 -2.61
N CYS B 60 6.64 48.77 -3.62
CA CYS B 60 5.96 49.43 -4.73
C CYS B 60 4.60 50.01 -4.24
N ASP B 61 4.16 51.15 -4.80
CA ASP B 61 2.91 51.82 -4.43
C ASP B 61 1.67 51.12 -4.97
N GLY B 62 1.83 50.47 -6.12
CA GLY B 62 0.77 49.79 -6.83
C GLY B 62 1.29 48.82 -7.88
N VAL B 63 0.39 48.05 -8.48
CA VAL B 63 0.77 47.03 -9.47
C VAL B 63 -0.16 47.17 -10.68
N ILE B 64 0.43 47.15 -11.88
CA ILE B 64 -0.33 47.15 -13.12
C ILE B 64 -0.04 45.84 -13.84
N ALA B 65 -1.09 45.09 -14.06
CA ALA B 65 -1.11 43.85 -14.82
C ALA B 65 -1.64 44.13 -16.21
N HIS B 66 -1.33 43.27 -17.18
CA HIS B 66 -1.91 43.38 -18.52
C HIS B 66 -3.09 42.37 -18.60
N HIS B 67 -2.79 41.09 -18.42
CA HIS B 67 -3.77 40.02 -18.44
C HIS B 67 -4.81 40.21 -17.32
N PRO B 68 -6.12 39.93 -17.61
CA PRO B 68 -7.14 39.97 -16.54
C PRO B 68 -6.68 39.18 -15.31
N ALA B 69 -6.86 39.74 -14.10
CA ALA B 69 -6.36 39.05 -12.89
C ALA B 69 -7.48 38.58 -11.98
N GLY B 70 -8.68 38.52 -12.53
CA GLY B 70 -9.87 38.11 -11.80
C GLY B 70 -10.88 39.22 -11.82
N GLY B 71 -11.77 39.21 -10.82
CA GLY B 71 -12.84 40.20 -10.71
C GLY B 71 -13.73 40.29 -11.92
N SER B 72 -14.21 41.50 -12.22
CA SER B 72 -15.08 41.76 -13.38
C SER B 72 -14.29 41.63 -14.72
N ALA B 73 -12.92 41.75 -14.69
CA ALA B 73 -12.09 41.59 -15.88
C ALA B 73 -12.16 40.15 -16.40
N THR B 74 -12.06 39.16 -15.47
CA THR B 74 -12.16 37.75 -15.87
C THR B 74 -13.66 37.39 -16.08
N LEU B 75 -14.55 37.91 -15.22
CA LEU B 75 -15.96 37.59 -15.32
C LEU B 75 -16.59 38.05 -16.63
N ASN B 76 -16.28 39.29 -17.06
CA ASN B 76 -16.92 39.94 -18.19
C ASN B 76 -16.07 39.95 -19.47
N PHE B 77 -14.93 39.25 -19.45
CA PHE B 77 -14.02 39.14 -20.60
C PHE B 77 -14.76 38.76 -21.89
N PRO B 78 -15.70 37.77 -21.92
CA PRO B 78 -16.32 37.41 -23.20
C PRO B 78 -16.97 38.61 -23.92
N GLU B 79 -17.36 39.69 -23.23
CA GLU B 79 -17.94 40.92 -23.85
C GLU B 79 -17.01 41.61 -24.88
N VAL B 80 -15.67 41.49 -24.70
CA VAL B 80 -14.71 42.11 -25.62
C VAL B 80 -14.67 41.38 -26.99
N LEU B 81 -15.05 40.09 -27.03
CA LEU B 81 -14.98 39.24 -28.26
C LEU B 81 -15.76 39.76 -29.44
N THR B 82 -16.81 40.63 -29.25
CA THR B 82 -17.57 41.25 -30.35
C THR B 82 -16.62 42.07 -31.23
N ARG B 83 -15.48 42.51 -30.66
CA ARG B 83 -14.46 43.20 -31.46
C ARG B 83 -14.05 42.32 -32.68
N HIS B 84 -14.05 40.96 -32.55
CA HIS B 84 -13.70 40.07 -33.66
C HIS B 84 -14.65 40.28 -34.81
N VAL B 85 -15.96 40.47 -34.54
CA VAL B 85 -16.97 40.74 -35.57
C VAL B 85 -16.68 42.06 -36.31
N GLU B 86 -16.39 43.16 -35.56
CA GLU B 86 -16.09 44.48 -36.11
C GLU B 86 -14.89 44.39 -37.04
N LEU B 87 -13.82 43.67 -36.62
CA LEU B 87 -12.60 43.53 -37.42
C LEU B 87 -12.90 42.76 -38.73
N MSE B 88 -13.66 41.65 -38.65
CA MSE B 88 -13.98 40.86 -39.86
C MSE B 88 -14.77 41.71 -40.86
O MSE B 88 -14.42 41.72 -42.05
CB MSE B 88 -14.76 39.61 -39.49
CG MSE B 88 -13.85 38.40 -39.27
SE MSE B 88 -14.76 36.77 -38.62
CE MSE B 88 -14.99 37.21 -36.75
N VAL B 89 -15.80 42.45 -40.37
CA VAL B 89 -16.69 43.29 -41.17
C VAL B 89 -15.89 44.40 -41.84
N GLU B 90 -14.95 45.04 -41.11
CA GLU B 90 -14.07 46.09 -41.63
C GLU B 90 -13.22 45.60 -42.82
N HIS B 91 -12.86 44.30 -42.84
CA HIS B 91 -12.04 43.68 -43.89
C HIS B 91 -12.87 42.99 -44.99
N GLY B 92 -14.17 43.30 -45.04
CA GLY B 92 -15.09 42.81 -46.07
C GLY B 92 -15.68 41.44 -45.83
N VAL B 93 -15.64 40.95 -44.59
CA VAL B 93 -16.24 39.65 -44.29
C VAL B 93 -17.73 39.92 -44.02
N PRO B 94 -18.66 39.21 -44.70
CA PRO B 94 -20.09 39.45 -44.45
C PRO B 94 -20.39 39.36 -42.95
N ALA B 95 -21.28 40.24 -42.43
CA ALA B 95 -21.60 40.33 -41.01
C ALA B 95 -22.07 38.98 -40.45
N THR B 96 -22.90 38.22 -41.21
CA THR B 96 -23.45 36.89 -40.90
C THR B 96 -22.33 35.88 -40.66
N ALA B 97 -21.42 35.74 -41.66
CA ALA B 97 -20.27 34.85 -41.60
C ALA B 97 -19.40 35.19 -40.38
N ALA B 98 -19.19 36.50 -40.12
CA ALA B 98 -18.40 37.02 -39.00
C ALA B 98 -19.05 36.62 -37.65
N ARG B 99 -20.37 36.90 -37.45
CA ARG B 99 -21.05 36.52 -36.21
C ARG B 99 -21.14 34.99 -36.06
N ASP B 100 -21.33 34.25 -37.15
CA ASP B 100 -21.33 32.80 -37.08
C ASP B 100 -19.95 32.26 -36.66
N ALA B 101 -18.85 32.85 -37.20
CA ALA B 101 -17.46 32.45 -36.89
C ALA B 101 -17.06 32.61 -35.42
N ILE B 102 -17.58 33.63 -34.69
CA ILE B 102 -17.20 33.81 -33.27
C ILE B 102 -18.11 33.06 -32.26
N GLN B 103 -19.19 32.40 -32.73
CA GLN B 103 -20.13 31.73 -31.85
C GLN B 103 -19.46 30.68 -30.91
N GLY B 104 -18.63 29.79 -31.47
CA GLY B 104 -17.93 28.75 -30.71
C GLY B 104 -17.06 29.33 -29.62
N LEU B 105 -16.19 30.30 -30.00
CA LEU B 105 -15.30 30.98 -29.07
C LEU B 105 -16.10 31.70 -27.94
N LEU B 106 -17.17 32.44 -28.26
CA LEU B 106 -18.01 33.13 -27.25
C LEU B 106 -18.67 32.14 -26.28
N THR B 107 -19.32 31.06 -26.79
CA THR B 107 -20.00 30.05 -25.97
C THR B 107 -19.04 29.45 -24.90
N ARG B 108 -17.84 29.02 -25.35
CA ARG B 108 -16.80 28.41 -24.51
C ARG B 108 -16.19 29.43 -23.53
N SER B 109 -15.99 30.67 -23.96
CA SER B 109 -15.46 31.77 -23.12
C SER B 109 -16.43 32.12 -22.00
N LEU B 110 -17.76 32.03 -22.31
CA LEU B 110 -18.84 32.30 -21.35
C LEU B 110 -18.82 31.24 -20.26
N LEU B 111 -18.66 29.96 -20.65
CA LEU B 111 -18.61 28.87 -19.68
C LEU B 111 -17.32 28.97 -18.84
N ARG B 112 -16.18 29.36 -19.48
CA ARG B 112 -14.89 29.53 -18.79
C ARG B 112 -14.94 30.70 -17.83
N ALA B 113 -15.54 31.84 -18.22
CA ALA B 113 -15.70 33.01 -17.32
C ALA B 113 -16.51 32.67 -16.04
N GLN B 114 -17.51 31.77 -16.13
CA GLN B 114 -18.35 31.36 -15.00
C GLN B 114 -17.59 30.45 -14.03
N SER B 115 -16.55 29.69 -14.51
CA SER B 115 -15.81 28.71 -13.76
C SER B 115 -14.65 29.27 -12.94
N ALA B 116 -14.18 30.47 -13.30
CA ALA B 116 -13.02 31.05 -12.66
C ALA B 116 -13.23 31.37 -11.16
N ASN B 117 -12.15 31.38 -10.41
CA ASN B 117 -12.15 31.84 -9.02
C ASN B 117 -11.82 33.30 -9.09
N HIS B 118 -12.77 34.14 -9.56
CA HIS B 118 -12.60 35.59 -9.81
C HIS B 118 -11.96 36.33 -8.66
N ASP B 119 -12.32 36.00 -7.40
CA ASP B 119 -11.80 36.83 -6.29
C ASP B 119 -10.42 36.41 -5.75
N HIS B 120 -9.79 35.37 -6.34
CA HIS B 120 -8.52 34.86 -5.83
C HIS B 120 -7.40 35.94 -5.75
N THR B 121 -6.90 36.43 -6.90
CA THR B 121 -5.81 37.43 -6.91
C THR B 121 -6.32 38.77 -6.29
N PRO B 122 -7.53 39.30 -6.62
CA PRO B 122 -8.01 40.51 -5.93
C PRO B 122 -8.07 40.35 -4.41
N SER B 123 -8.44 39.16 -3.85
CA SER B 123 -8.49 38.99 -2.37
C SER B 123 -7.09 39.15 -1.78
N VAL B 124 -6.04 38.65 -2.47
CA VAL B 124 -4.62 38.82 -2.06
C VAL B 124 -4.25 40.32 -2.05
N ALA B 125 -4.52 41.03 -3.16
CA ALA B 125 -4.24 42.47 -3.25
C ALA B 125 -4.97 43.25 -2.13
N ARG B 126 -6.27 42.92 -1.87
CA ARG B 126 -7.03 43.60 -0.81
C ARG B 126 -6.40 43.31 0.58
N LEU B 127 -5.93 42.06 0.82
CA LEU B 127 -5.29 41.69 2.10
C LEU B 127 -3.96 42.39 2.30
N LEU B 128 -3.22 42.61 1.20
CA LEU B 128 -1.93 43.30 1.21
C LEU B 128 -2.12 44.81 1.20
N GLU B 129 -3.34 45.26 0.88
CA GLU B 129 -3.68 46.67 0.72
C GLU B 129 -2.79 47.22 -0.39
N MSE B 130 -2.69 46.46 -1.48
CA MSE B 130 -1.86 46.79 -2.62
C MSE B 130 -2.72 47.32 -3.75
O MSE B 130 -3.40 46.51 -4.41
CB MSE B 130 -1.03 45.58 -3.10
CG MSE B 130 -0.17 45.88 -4.37
SE MSE B 130 1.26 47.26 -4.12
CE MSE B 130 2.40 46.30 -2.93
N PRO B 131 -2.63 48.62 -4.08
CA PRO B 131 -3.35 49.13 -5.27
C PRO B 131 -3.00 48.29 -6.48
N PHE B 132 -4.03 47.91 -7.22
CA PHE B 132 -3.88 46.94 -8.28
C PHE B 132 -4.94 47.09 -9.37
N LEU B 133 -4.51 46.94 -10.64
CA LEU B 133 -5.39 47.04 -11.78
C LEU B 133 -4.82 46.33 -12.97
N ASN B 134 -5.71 45.99 -13.91
CA ASN B 134 -5.21 45.44 -15.16
C ASN B 134 -5.76 46.28 -16.32
N ILE B 135 -4.92 46.41 -17.38
CA ILE B 135 -5.26 47.13 -18.61
C ILE B 135 -4.91 46.22 -19.80
N HIS B 136 -5.95 45.68 -20.46
CA HIS B 136 -5.69 44.66 -21.51
C HIS B 136 -6.04 45.20 -22.92
N LEU B 137 -7.34 45.25 -23.28
CA LEU B 137 -7.80 45.68 -24.60
C LEU B 137 -7.33 47.06 -24.97
N PRO B 138 -7.32 48.09 -24.07
CA PRO B 138 -6.81 49.42 -24.52
C PRO B 138 -5.38 49.37 -25.05
N LEU B 139 -4.47 48.67 -24.33
CA LEU B 139 -3.07 48.58 -24.73
C LEU B 139 -2.92 47.73 -26.01
N ASP B 140 -3.73 46.63 -26.14
CA ASP B 140 -3.72 45.78 -27.33
C ASP B 140 -4.19 46.53 -28.57
N GLU B 141 -5.20 47.43 -28.40
CA GLU B 141 -5.70 48.25 -29.51
C GLU B 141 -4.59 49.22 -30.03
N VAL B 142 -3.79 49.77 -29.11
CA VAL B 142 -2.67 50.64 -29.45
C VAL B 142 -1.65 49.81 -30.28
N GLY B 143 -1.43 48.56 -29.86
CA GLY B 143 -0.52 47.66 -30.54
C GLY B 143 -0.98 47.33 -31.93
N ARG B 144 -2.27 46.95 -32.06
CA ARG B 144 -2.92 46.63 -33.34
C ARG B 144 -2.77 47.81 -34.37
N ARG B 145 -3.09 49.05 -33.97
CA ARG B 145 -2.99 50.21 -34.87
C ARG B 145 -1.52 50.41 -35.31
N ILE B 146 -0.57 50.27 -34.38
CA ILE B 146 0.85 50.42 -34.70
C ILE B 146 1.26 49.36 -35.73
N MSE B 147 0.87 48.09 -35.50
CA MSE B 147 1.24 47.02 -36.44
C MSE B 147 0.55 47.21 -37.81
O MSE B 147 1.21 47.03 -38.81
CB MSE B 147 0.91 45.68 -35.84
CG MSE B 147 1.75 45.38 -34.59
SE MSE B 147 1.11 43.85 -33.60
CE MSE B 147 1.53 42.59 -34.83
N VAL B 148 -0.73 47.59 -37.85
CA VAL B 148 -1.47 47.86 -39.11
C VAL B 148 -0.77 48.96 -39.90
N LYS B 149 -0.49 50.12 -39.24
CA LYS B 149 0.16 51.28 -39.90
C LYS B 149 1.53 50.88 -40.46
N THR B 150 2.32 50.18 -39.64
CA THR B 150 3.65 49.69 -40.03
C THR B 150 3.57 48.77 -41.28
N ILE B 151 2.69 47.75 -41.24
CA ILE B 151 2.53 46.81 -42.37
C ILE B 151 1.99 47.56 -43.60
N GLN B 152 0.88 48.33 -43.46
CA GLN B 152 0.28 49.02 -44.63
C GLN B 152 1.25 49.96 -45.35
N GLU B 153 2.03 50.75 -44.61
CA GLU B 153 2.94 51.73 -45.20
C GLU B 153 4.04 51.05 -45.99
N ALA B 154 4.44 49.84 -45.57
CA ALA B 154 5.47 49.08 -46.29
C ALA B 154 4.88 48.32 -47.49
N VAL B 155 3.72 47.64 -47.34
CA VAL B 155 3.15 46.76 -48.38
C VAL B 155 2.22 47.46 -49.39
N GLU B 156 1.49 48.53 -49.01
CA GLU B 156 0.60 49.20 -49.97
C GLU B 156 1.37 49.62 -51.24
N PRO B 157 2.56 50.31 -51.17
CA PRO B 157 3.30 50.64 -52.43
C PRO B 157 3.70 49.47 -53.35
N LEU B 158 3.55 48.20 -52.90
CA LEU B 158 3.95 46.98 -53.62
C LEU B 158 2.80 46.33 -54.36
N GLY B 159 1.56 46.63 -53.96
CA GLY B 159 0.36 46.07 -54.55
C GLY B 159 0.35 44.55 -54.51
N ASP B 160 0.02 43.93 -55.67
CA ASP B 160 -0.05 42.48 -55.89
C ASP B 160 1.30 41.77 -55.70
N GLU B 161 2.42 42.54 -55.75
CA GLU B 161 3.79 42.05 -55.58
C GLU B 161 4.11 41.68 -54.13
N ALA B 162 3.42 42.28 -53.14
CA ALA B 162 3.67 42.02 -51.72
C ALA B 162 3.56 40.51 -51.40
N ARG B 163 4.51 40.03 -50.59
CA ARG B 163 4.59 38.67 -50.08
C ARG B 163 4.43 38.71 -48.56
N VAL B 164 4.20 37.55 -47.92
CA VAL B 164 4.10 37.40 -46.45
C VAL B 164 5.38 37.99 -45.82
N GLN B 165 6.57 37.73 -46.48
CA GLN B 165 7.88 38.25 -46.08
C GLN B 165 7.90 39.79 -45.92
N ASP B 166 7.18 40.53 -46.81
CA ASP B 166 7.15 42.00 -46.74
C ASP B 166 6.39 42.49 -45.50
N ALA B 167 5.39 41.73 -45.03
CA ALA B 167 4.69 42.09 -43.80
C ALA B 167 5.62 41.81 -42.60
N ILE B 168 6.31 40.65 -42.59
CA ILE B 168 7.27 40.29 -41.52
C ILE B 168 8.40 41.32 -41.46
N ASP B 169 8.98 41.73 -42.63
CA ASP B 169 10.07 42.74 -42.69
C ASP B 169 9.58 44.05 -42.06
N ALA B 170 8.37 44.47 -42.39
CA ALA B 170 7.70 45.66 -41.84
C ALA B 170 7.65 45.60 -40.27
N LEU B 171 7.07 44.53 -39.72
CA LEU B 171 7.01 44.33 -38.27
C LEU B 171 8.39 44.31 -37.61
N MSE B 172 9.43 43.83 -38.34
CA MSE B 172 10.82 43.74 -37.86
C MSE B 172 11.50 45.12 -37.73
O MSE B 172 12.58 45.21 -37.17
CB MSE B 172 11.66 42.79 -38.75
CG MSE B 172 11.29 41.27 -38.53
SE MSE B 172 11.47 40.71 -36.62
CE MSE B 172 13.34 40.08 -36.62
N THR B 173 10.83 46.19 -38.23
CA THR B 173 11.29 47.57 -38.06
C THR B 173 10.79 48.06 -36.68
N LEU B 174 9.84 47.35 -36.02
CA LEU B 174 9.40 47.78 -34.68
C LEU B 174 10.41 47.20 -33.67
N PRO B 175 10.84 47.96 -32.64
CA PRO B 175 11.89 47.43 -31.72
C PRO B 175 11.45 46.20 -30.91
N GLU B 176 10.13 46.07 -30.60
CA GLU B 176 9.59 44.93 -29.85
C GLU B 176 9.83 43.63 -30.59
N PHE B 177 9.82 43.69 -31.95
CA PHE B 177 9.99 42.48 -32.77
C PHE B 177 11.45 42.27 -33.15
N ALA B 178 12.16 43.35 -33.46
CA ALA B 178 13.58 43.40 -33.76
C ALA B 178 14.38 42.82 -32.57
N GLY B 179 13.96 43.15 -31.33
CA GLY B 179 14.67 42.72 -30.10
C GLY B 179 14.12 41.51 -29.36
N ALA B 180 12.98 41.01 -29.80
CA ALA B 180 12.33 39.84 -29.20
C ALA B 180 13.25 38.65 -29.17
N ALA B 181 13.13 37.84 -28.12
CA ALA B 181 13.83 36.57 -28.05
C ALA B 181 13.08 35.58 -28.97
N THR B 182 11.77 35.84 -29.23
CA THR B 182 11.02 34.97 -30.13
C THR B 182 11.16 35.41 -31.55
N ARG B 183 10.69 34.55 -32.47
N ARG B 183 10.69 34.59 -32.48
CA ARG B 183 10.64 34.87 -33.87
CA ARG B 183 10.68 35.00 -33.86
C ARG B 183 9.20 34.83 -34.38
C ARG B 183 9.28 34.80 -34.43
N ILE B 184 8.92 35.66 -35.40
CA ILE B 184 7.66 35.67 -36.07
C ILE B 184 7.61 34.36 -36.89
N MSE B 185 6.51 33.63 -36.80
CA MSE B 185 6.33 32.34 -37.50
C MSE B 185 5.20 32.39 -38.51
O MSE B 185 4.42 33.29 -38.53
CB MSE B 185 6.08 31.21 -36.49
CG MSE B 185 7.13 31.19 -35.35
SE MSE B 185 6.77 29.92 -33.93
CE MSE B 185 6.48 28.25 -34.93
N VAL B 186 5.16 31.43 -39.38
CA VAL B 186 4.16 31.34 -40.44
C VAL B 186 3.73 29.89 -40.41
N PRO B 187 2.83 29.53 -39.47
CA PRO B 187 2.43 28.11 -39.34
C PRO B 187 1.57 27.62 -40.51
N VAL B 188 0.89 28.56 -41.22
CA VAL B 188 0.02 28.24 -42.35
C VAL B 188 0.45 29.14 -43.50
N GLY B 189 0.59 28.56 -44.69
CA GLY B 189 1.09 29.26 -45.86
C GLY B 189 2.61 29.33 -45.74
N ALA B 190 3.24 30.36 -46.33
CA ALA B 190 4.70 30.50 -46.29
C ALA B 190 5.14 31.92 -46.59
N VAL B 191 6.36 32.29 -46.16
CA VAL B 191 6.95 33.64 -46.32
C VAL B 191 6.93 34.14 -47.80
N ASP B 192 7.13 33.23 -48.79
CA ASP B 192 7.17 33.53 -50.23
C ASP B 192 5.77 33.51 -50.89
N GLN B 193 4.69 33.32 -50.11
CA GLN B 193 3.36 33.32 -50.69
C GLN B 193 2.85 34.75 -50.83
N PRO B 194 2.03 35.05 -51.88
CA PRO B 194 1.49 36.41 -52.02
C PRO B 194 0.78 36.85 -50.74
N LEU B 195 0.83 38.14 -50.44
CA LEU B 195 0.19 38.61 -49.22
C LEU B 195 -1.33 38.69 -49.38
N GLY B 196 -1.77 39.22 -50.53
CA GLY B 196 -3.17 39.53 -50.77
C GLY B 196 -3.57 40.59 -49.75
N LYS B 197 -4.80 40.52 -49.25
CA LYS B 197 -5.27 41.41 -48.19
C LYS B 197 -4.82 40.84 -46.82
N ILE B 198 -4.42 41.72 -45.89
CA ILE B 198 -4.01 41.26 -44.57
C ILE B 198 -4.93 41.87 -43.49
N ALA B 199 -5.30 41.07 -42.50
CA ALA B 199 -6.04 41.46 -41.30
C ALA B 199 -5.16 41.22 -40.08
N VAL B 200 -4.91 42.27 -39.29
CA VAL B 200 -4.15 42.18 -38.05
C VAL B 200 -5.20 41.93 -36.92
N VAL B 201 -5.31 40.66 -36.51
CA VAL B 201 -6.32 40.22 -35.53
C VAL B 201 -5.66 40.21 -34.15
N HIS B 202 -5.64 41.42 -33.59
CA HIS B 202 -5.06 41.76 -32.30
C HIS B 202 -5.97 42.84 -31.68
N GLY B 203 -6.12 42.86 -30.35
CA GLY B 203 -7.00 43.83 -29.68
C GLY B 203 -8.47 43.43 -29.63
N ALA B 204 -8.76 42.14 -29.87
CA ALA B 204 -10.11 41.59 -29.83
C ALA B 204 -10.22 40.61 -28.65
N GLY B 205 -9.32 40.76 -27.67
CA GLY B 205 -9.37 39.98 -26.44
C GLY B 205 -8.43 38.80 -26.43
N THR B 206 -8.59 37.95 -27.43
CA THR B 206 -7.77 36.75 -27.61
C THR B 206 -7.72 36.51 -29.13
N ASN B 207 -6.88 35.60 -29.60
CA ASN B 207 -6.80 35.33 -31.03
C ASN B 207 -8.11 34.71 -31.51
N GLY B 208 -8.38 34.79 -32.79
CA GLY B 208 -9.62 34.25 -33.32
C GLY B 208 -9.66 32.75 -33.50
N GLY B 209 -8.51 32.08 -33.37
CA GLY B 209 -8.46 30.63 -33.51
C GLY B 209 -8.72 30.19 -34.95
N TYR B 210 -9.13 28.93 -35.12
CA TYR B 210 -9.39 28.34 -36.42
C TYR B 210 -10.59 28.98 -37.14
N ALA B 211 -11.77 29.04 -36.48
CA ALA B 211 -13.01 29.48 -37.19
C ALA B 211 -12.90 30.90 -37.69
N VAL B 212 -12.20 31.75 -36.93
CA VAL B 212 -12.09 33.17 -37.34
C VAL B 212 -11.16 33.27 -38.55
N ALA B 213 -9.98 32.59 -38.53
CA ALA B 213 -9.05 32.62 -39.66
C ALA B 213 -9.71 32.01 -40.92
N ARG B 214 -10.49 30.93 -40.73
CA ARG B 214 -11.28 30.26 -41.78
C ARG B 214 -12.19 31.25 -42.54
N ALA B 215 -12.95 32.08 -41.78
CA ALA B 215 -13.90 33.08 -42.32
C ALA B 215 -13.17 34.17 -43.11
N TYR B 216 -12.03 34.69 -42.57
CA TYR B 216 -11.18 35.66 -43.28
C TYR B 216 -10.68 35.07 -44.59
N PHE B 217 -10.13 33.83 -44.53
CA PHE B 217 -9.58 33.14 -45.72
C PHE B 217 -10.65 32.85 -46.77
N ASP B 218 -11.86 32.51 -46.33
CA ASP B 218 -12.96 32.18 -47.23
C ASP B 218 -13.69 33.42 -47.77
N HIS B 219 -13.34 34.63 -47.26
CA HIS B 219 -13.99 35.87 -47.71
C HIS B 219 -12.99 36.98 -48.05
N GLY B 220 -12.06 36.67 -48.95
CA GLY B 220 -11.12 37.61 -49.56
C GLY B 220 -9.93 38.14 -48.80
N VAL B 221 -9.67 37.63 -47.58
CA VAL B 221 -8.49 38.02 -46.78
C VAL B 221 -7.50 36.82 -46.74
N ARG B 222 -6.50 36.85 -47.63
CA ARG B 222 -5.52 35.78 -47.82
C ARG B 222 -4.58 35.64 -46.61
N THR B 223 -4.23 36.76 -45.92
CA THR B 223 -3.31 36.68 -44.82
C THR B 223 -3.94 37.15 -43.52
N VAL B 224 -3.81 36.29 -42.48
CA VAL B 224 -4.32 36.59 -41.16
C VAL B 224 -3.15 36.65 -40.22
N LEU B 225 -3.13 37.68 -39.36
CA LEU B 225 -2.11 37.84 -38.35
C LEU B 225 -2.70 37.67 -36.95
N TYR B 226 -2.17 36.69 -36.17
CA TYR B 226 -2.45 36.50 -34.74
C TYR B 226 -1.17 36.76 -33.93
N ILE B 227 -1.27 37.10 -32.63
CA ILE B 227 -0.10 37.20 -31.75
C ILE B 227 0.24 35.81 -31.19
N HIS B 228 -0.75 34.90 -31.21
CA HIS B 228 -0.69 33.53 -30.67
C HIS B 228 -1.80 32.69 -31.28
N ILE B 229 -1.64 31.38 -31.29
CA ILE B 229 -2.71 30.46 -31.71
C ILE B 229 -2.53 29.15 -30.94
N ALA B 230 -3.64 28.41 -30.62
CA ALA B 230 -3.51 27.07 -30.03
C ALA B 230 -2.86 26.17 -31.11
N PRO B 231 -1.76 25.43 -30.79
CA PRO B 231 -1.07 24.62 -31.82
C PRO B 231 -1.99 23.75 -32.66
N GLU B 232 -2.99 23.06 -32.06
CA GLU B 232 -3.91 22.19 -32.83
C GLU B 232 -4.79 22.94 -33.79
N GLU B 233 -5.08 24.23 -33.51
CA GLU B 233 -5.92 25.05 -34.40
C GLU B 233 -5.10 25.47 -35.64
N ALA B 234 -3.80 25.78 -35.43
CA ALA B 234 -2.84 26.11 -36.48
C ALA B 234 -2.69 24.89 -37.39
N GLU B 235 -2.62 23.69 -36.80
CA GLU B 235 -2.45 22.47 -37.60
C GLU B 235 -3.66 22.19 -38.47
N ARG B 236 -4.89 22.41 -37.93
CA ARG B 236 -6.12 22.25 -38.68
C ARG B 236 -6.14 23.27 -39.87
N LEU B 237 -5.80 24.54 -39.61
CA LEU B 237 -5.72 25.55 -40.68
C LEU B 237 -4.70 25.12 -41.74
N ARG B 238 -3.54 24.60 -41.31
CA ARG B 238 -2.47 24.17 -42.22
C ARG B 238 -2.95 23.03 -43.14
N ARG B 239 -3.57 21.98 -42.57
CA ARG B 239 -4.11 20.85 -43.33
C ARG B 239 -5.27 21.27 -44.29
N GLU B 240 -5.99 22.37 -43.99
CA GLU B 240 -7.07 22.81 -44.88
C GLU B 240 -6.56 23.78 -45.96
N GLY B 241 -5.55 24.56 -45.62
CA GLY B 241 -4.92 25.52 -46.51
C GLY B 241 -5.79 26.72 -46.90
N GLY B 242 -5.42 27.35 -48.01
CA GLY B 242 -6.15 28.46 -48.61
C GLY B 242 -5.91 29.84 -48.03
N GLY B 243 -4.77 30.03 -47.36
CA GLY B 243 -4.39 31.29 -46.76
C GLY B 243 -3.11 31.21 -45.96
N ASN B 244 -2.62 32.35 -45.52
CA ASN B 244 -1.40 32.45 -44.72
C ASN B 244 -1.76 32.95 -43.34
N LEU B 245 -1.14 32.35 -42.34
CA LEU B 245 -1.29 32.82 -40.98
C LEU B 245 0.08 33.24 -40.49
N ILE B 246 0.18 34.46 -39.99
CA ILE B 246 1.39 34.99 -39.36
C ILE B 246 1.14 34.95 -37.85
N VAL B 247 2.08 34.39 -37.07
CA VAL B 247 1.95 34.38 -35.61
C VAL B 247 3.17 35.11 -35.08
N THR B 248 2.94 36.32 -34.49
CA THR B 248 4.01 37.28 -34.13
C THR B 248 4.66 37.13 -32.75
N GLY B 249 4.12 36.29 -31.87
CA GLY B 249 4.68 36.07 -30.54
C GLY B 249 3.92 36.85 -29.50
N HIS B 250 3.47 36.15 -28.49
CA HIS B 250 2.59 36.63 -27.45
C HIS B 250 3.13 37.90 -26.79
N ILE B 251 4.28 37.79 -26.08
CA ILE B 251 4.88 38.88 -25.27
C ILE B 251 5.35 40.06 -26.13
N ALA B 252 6.13 39.80 -27.19
CA ALA B 252 6.70 40.83 -28.08
C ALA B 252 5.55 41.71 -28.67
N SER B 253 4.42 41.06 -29.10
CA SER B 253 3.25 41.78 -29.63
C SER B 253 2.54 42.60 -28.52
N ASP B 254 2.35 42.01 -27.34
CA ASP B 254 1.72 42.74 -26.21
C ASP B 254 2.57 43.92 -25.78
N LEU B 255 3.90 43.83 -25.96
CA LEU B 255 4.84 44.93 -25.62
C LEU B 255 4.71 46.17 -26.55
N VAL B 256 4.17 46.03 -27.77
CA VAL B 256 3.96 47.14 -28.69
C VAL B 256 3.01 48.24 -28.04
N GLY B 257 1.83 47.85 -27.58
CA GLY B 257 0.91 48.75 -26.89
C GLY B 257 1.43 49.09 -25.49
N ILE B 258 1.94 48.04 -24.77
CA ILE B 258 2.45 48.25 -23.39
C ILE B 258 3.63 49.28 -23.30
N ASN B 259 4.63 49.23 -24.21
CA ASN B 259 5.79 50.15 -24.13
C ASN B 259 5.41 51.62 -24.35
N ARG B 260 4.46 51.88 -25.24
CA ARG B 260 3.88 53.23 -25.46
C ARG B 260 3.20 53.69 -24.17
N TYR B 261 2.47 52.77 -23.51
CA TYR B 261 1.80 53.08 -22.22
C TYR B 261 2.83 53.45 -21.13
N VAL B 262 3.89 52.61 -20.91
CA VAL B 262 4.92 52.84 -19.89
C VAL B 262 5.63 54.21 -20.15
N GLN B 263 5.97 54.52 -21.42
CA GLN B 263 6.60 55.80 -21.77
C GLN B 263 5.67 56.96 -21.32
N ALA B 264 4.34 56.85 -21.54
CA ALA B 264 3.39 57.92 -21.12
C ALA B 264 3.36 58.09 -19.58
N LEU B 265 3.46 56.97 -18.80
CA LEU B 265 3.50 57.01 -17.33
C LEU B 265 4.77 57.69 -16.83
N GLU B 266 5.94 57.29 -17.41
CA GLU B 266 7.25 57.85 -17.07
C GLU B 266 7.33 59.33 -17.36
N GLU B 267 6.57 59.81 -18.37
CA GLU B 267 6.53 61.25 -18.70
C GLU B 267 5.74 62.02 -17.66
N ARG B 268 4.72 61.37 -17.05
CA ARG B 268 3.86 61.90 -15.98
C ARG B 268 4.58 61.77 -14.59
N GLY B 269 5.83 61.32 -14.63
CA GLY B 269 6.70 61.18 -13.47
C GLY B 269 6.54 59.91 -12.66
N VAL B 270 5.86 58.88 -13.22
CA VAL B 270 5.64 57.60 -12.54
C VAL B 270 6.77 56.68 -12.88
N GLU B 271 7.46 56.15 -11.85
CA GLU B 271 8.50 55.15 -12.07
C GLU B 271 7.85 53.75 -12.31
N VAL B 272 8.26 53.04 -13.35
CA VAL B 272 7.71 51.71 -13.66
C VAL B 272 8.77 50.62 -13.45
N VAL B 273 8.55 49.74 -12.48
CA VAL B 273 9.46 48.60 -12.24
C VAL B 273 8.92 47.50 -13.18
N ARG B 274 9.70 47.24 -14.22
CA ARG B 274 9.38 46.31 -15.29
C ARG B 274 9.73 44.88 -14.94
N MSE B 275 8.80 43.94 -15.16
CA MSE B 275 9.07 42.52 -14.90
C MSE B 275 8.01 41.72 -15.63
O MSE B 275 7.22 42.30 -16.33
CB MSE B 275 9.18 42.19 -13.38
CG MSE B 275 8.15 42.89 -12.48
SE MSE B 275 6.29 42.22 -12.75
CE MSE B 275 6.56 40.45 -11.89
N SER B 276 8.01 40.39 -15.49
CA SER B 276 7.01 39.51 -16.14
C SER B 276 6.77 39.87 -17.63
N GLY B 277 7.86 39.92 -18.41
CA GLY B 277 7.85 40.22 -19.83
C GLY B 277 8.28 41.63 -20.24
N LEU B 278 8.06 42.65 -19.41
CA LEU B 278 8.43 44.03 -19.75
C LEU B 278 9.95 44.23 -19.64
N MSE C 4 34.93 23.92 3.18
CA MSE C 4 34.93 24.00 1.71
C MSE C 4 34.34 25.34 1.22
O MSE C 4 33.42 25.89 1.84
CB MSE C 4 34.16 22.81 1.11
CG MSE C 4 35.02 21.62 0.77
SE MSE C 4 34.02 19.93 0.93
CE MSE C 4 34.74 18.94 -0.60
N ALA C 5 34.86 25.86 0.10
CA ALA C 5 34.36 27.09 -0.52
C ALA C 5 33.08 26.79 -1.30
N GLY C 6 32.16 27.74 -1.36
CA GLY C 6 30.91 27.59 -2.10
C GLY C 6 31.12 27.54 -3.60
N LEU C 7 30.29 26.78 -4.32
CA LEU C 7 30.41 26.57 -5.77
C LEU C 7 29.73 27.63 -6.62
N SER C 8 30.30 27.90 -7.80
CA SER C 8 29.80 28.86 -8.80
C SER C 8 28.65 28.19 -9.54
N THR C 9 27.84 28.97 -10.32
CA THR C 9 26.77 28.35 -11.11
C THR C 9 27.37 27.57 -12.27
N ALA C 10 28.53 28.01 -12.80
CA ALA C 10 29.27 27.27 -13.85
C ALA C 10 29.75 25.88 -13.33
N GLU C 11 30.26 25.80 -12.08
CA GLU C 11 30.63 24.45 -11.50
C GLU C 11 29.35 23.57 -11.25
N LEU C 12 28.22 24.20 -10.77
CA LEU C 12 26.95 23.47 -10.58
C LEU C 12 26.51 22.80 -11.91
N VAL C 13 26.64 23.52 -13.03
CA VAL C 13 26.34 23.02 -14.39
C VAL C 13 27.32 21.89 -14.80
N ASP C 14 28.65 22.08 -14.57
CA ASP C 14 29.68 21.10 -14.97
C ASP C 14 29.49 19.76 -14.29
N ILE C 15 29.17 19.77 -12.98
CA ILE C 15 28.95 18.50 -12.20
C ILE C 15 27.83 17.63 -12.89
N ALA C 16 26.71 18.25 -13.25
CA ALA C 16 25.62 17.59 -13.98
C ALA C 16 26.03 17.06 -15.39
N LEU C 17 26.75 17.90 -16.20
CA LEU C 17 27.20 17.55 -17.57
C LEU C 17 28.23 16.42 -17.51
N GLU C 18 29.09 16.46 -16.49
CA GLU C 18 30.06 15.39 -16.29
C GLU C 18 29.36 14.06 -16.01
N MSE C 19 28.40 14.04 -15.10
CA MSE C 19 27.64 12.85 -14.71
C MSE C 19 26.80 12.26 -15.93
O MSE C 19 26.72 11.03 -16.10
CB MSE C 19 26.76 13.32 -13.55
CG MSE C 19 26.16 12.27 -12.64
SE MSE C 19 24.88 13.39 -11.55
CE MSE C 19 26.28 14.25 -10.50
N ALA C 20 26.23 13.13 -16.76
CA ALA C 20 25.45 12.80 -17.96
C ALA C 20 26.34 12.38 -19.14
N GLU C 21 27.69 12.58 -19.04
CA GLU C 21 28.73 12.27 -20.05
C GLU C 21 28.42 13.11 -21.29
N MSE C 22 28.11 14.39 -21.07
CA MSE C 22 27.79 15.33 -22.14
C MSE C 22 28.91 16.35 -22.36
O MSE C 22 29.67 16.61 -21.42
CB MSE C 22 26.52 16.10 -21.80
CG MSE C 22 25.33 15.26 -21.80
SE MSE C 22 23.81 16.35 -21.21
CE MSE C 22 22.44 15.03 -21.87
N ARG C 23 29.02 16.93 -23.58
CA ARG C 23 30.09 17.88 -23.90
C ARG C 23 29.58 19.31 -24.16
N THR C 24 28.27 19.49 -24.24
CA THR C 24 27.68 20.82 -24.36
C THR C 24 26.47 20.89 -23.42
N LEU C 25 26.00 22.10 -23.20
CA LEU C 25 24.86 22.31 -22.35
C LEU C 25 23.54 22.13 -23.18
N PRO C 26 22.61 21.16 -22.83
CA PRO C 26 21.35 21.02 -23.60
C PRO C 26 20.53 22.32 -23.56
N ALA C 27 19.75 22.59 -24.63
CA ALA C 27 19.06 23.88 -24.71
C ALA C 27 17.92 24.06 -23.64
N ASP C 28 17.47 22.96 -22.96
CA ASP C 28 16.43 23.03 -21.94
C ASP C 28 16.99 23.35 -20.54
N SER C 29 18.29 23.67 -20.48
CA SER C 29 19.01 23.92 -19.24
C SER C 29 19.77 25.26 -19.35
N ALA C 30 19.45 26.22 -18.46
CA ALA C 30 20.08 27.55 -18.52
C ALA C 30 20.40 28.12 -17.13
N VAL C 31 21.30 29.11 -17.09
CA VAL C 31 21.62 29.83 -15.85
C VAL C 31 20.93 31.22 -15.97
N TYR C 32 19.91 31.51 -15.13
CA TYR C 32 19.20 32.79 -15.21
C TYR C 32 19.94 33.90 -14.42
N VAL C 33 20.48 33.57 -13.24
CA VAL C 33 21.23 34.54 -12.42
C VAL C 33 22.47 33.80 -11.95
N GLU C 34 23.64 34.25 -12.35
CA GLU C 34 24.92 33.63 -11.99
C GLU C 34 25.37 34.02 -10.58
N SER C 35 26.36 33.26 -10.06
CA SER C 35 27.00 33.44 -8.76
C SER C 35 28.31 32.67 -8.72
N THR C 36 29.27 33.13 -7.92
CA THR C 36 30.58 32.46 -7.83
C THR C 36 30.76 31.68 -6.52
N ASP C 37 29.76 31.72 -5.61
CA ASP C 37 29.95 31.19 -4.26
C ASP C 37 28.62 30.79 -3.62
N LEU C 38 28.17 29.58 -3.94
CA LEU C 38 26.91 29.02 -3.42
C LEU C 38 27.22 27.89 -2.47
N LYS C 39 26.96 28.11 -1.18
CA LYS C 39 27.23 27.13 -0.11
C LYS C 39 25.96 26.40 0.30
N ARG C 40 24.82 27.14 0.42
CA ARG C 40 23.49 26.62 0.77
C ARG C 40 22.45 26.95 -0.33
N VAL C 41 21.98 25.91 -1.04
CA VAL C 41 21.01 26.13 -2.13
C VAL C 41 19.69 25.41 -1.85
N MSE C 42 18.61 25.94 -2.43
CA MSE C 42 17.31 25.29 -2.43
C MSE C 42 17.17 24.59 -3.79
O MSE C 42 17.54 25.15 -4.82
CB MSE C 42 16.19 26.32 -2.21
CG MSE C 42 14.94 25.71 -1.59
SE MSE C 42 13.42 26.91 -1.52
CE MSE C 42 13.05 26.97 -3.49
N MSE C 43 16.70 23.35 -3.80
CA MSE C 43 16.48 22.64 -5.05
C MSE C 43 15.06 22.05 -5.07
O MSE C 43 14.66 21.36 -4.13
CB MSE C 43 17.51 21.52 -5.29
CG MSE C 43 17.41 20.95 -6.74
SE MSE C 43 18.89 19.90 -7.37
CE MSE C 43 18.10 19.58 -9.22
N GLY C 44 14.40 22.25 -6.20
CA GLY C 44 13.05 21.75 -6.43
C GLY C 44 12.86 21.35 -7.87
N ILE C 45 11.90 20.44 -8.17
CA ILE C 45 11.64 20.10 -9.57
C ILE C 45 10.99 21.36 -10.27
N ASP C 46 10.01 22.00 -9.61
CA ASP C 46 9.24 23.13 -10.16
C ASP C 46 9.54 24.39 -9.37
N ILE C 47 10.11 25.42 -10.01
CA ILE C 47 10.45 26.68 -9.35
C ILE C 47 9.87 27.86 -10.13
N GLY C 48 8.91 28.53 -9.50
CA GLY C 48 8.35 29.76 -10.02
C GLY C 48 8.67 30.93 -9.11
N PRO C 49 7.97 32.06 -9.32
CA PRO C 49 8.21 33.24 -8.47
C PRO C 49 7.95 33.01 -6.98
N ALA C 50 6.87 32.28 -6.59
CA ALA C 50 6.61 32.01 -5.15
C ALA C 50 7.78 31.20 -4.50
N GLU C 51 8.32 30.21 -5.21
CA GLU C 51 9.46 29.41 -4.69
C GLU C 51 10.71 30.28 -4.55
N LEU C 52 10.93 31.27 -5.46
CA LEU C 52 12.06 32.21 -5.33
C LEU C 52 11.89 33.09 -4.10
N LEU C 53 10.64 33.50 -3.77
CA LEU C 53 10.35 34.29 -2.57
C LEU C 53 10.63 33.43 -1.31
N LEU C 54 10.25 32.14 -1.33
CA LEU C 54 10.51 31.21 -0.22
C LEU C 54 12.02 31.08 0.04
N ALA C 55 12.81 30.90 -1.02
CA ALA C 55 14.26 30.75 -0.90
C ALA C 55 14.90 31.96 -0.21
N ARG C 56 14.48 33.20 -0.59
CA ARG C 56 14.96 34.42 0.04
C ARG C 56 14.53 34.44 1.52
N GLN C 57 13.27 34.06 1.85
CA GLN C 57 12.78 33.95 3.25
C GLN C 57 13.65 33.00 4.06
N LEU C 58 14.04 31.86 3.45
CA LEU C 58 14.90 30.83 4.06
C LEU C 58 16.38 31.23 4.07
N GLY C 59 16.74 32.34 3.41
CA GLY C 59 18.11 32.83 3.35
C GLY C 59 19.06 31.98 2.51
N CYS C 60 18.54 31.25 1.52
CA CYS C 60 19.37 30.41 0.65
C CYS C 60 20.25 31.28 -0.25
N ASP C 61 21.44 30.75 -0.60
CA ASP C 61 22.42 31.41 -1.47
C ASP C 61 21.95 31.40 -2.92
N GLY C 62 21.28 30.34 -3.34
CA GLY C 62 20.85 30.17 -4.71
C GLY C 62 19.78 29.12 -4.82
N VAL C 63 19.19 29.03 -6.03
CA VAL C 63 18.13 28.07 -6.34
C VAL C 63 18.44 27.33 -7.60
N ILE C 64 18.10 26.03 -7.60
CA ILE C 64 18.20 25.14 -8.71
C ILE C 64 16.87 24.51 -8.92
N ALA C 65 16.35 24.62 -10.15
CA ALA C 65 15.11 23.94 -10.62
C ALA C 65 15.48 22.75 -11.54
N HIS C 66 14.52 21.85 -11.82
CA HIS C 66 14.69 20.74 -12.78
C HIS C 66 14.08 21.23 -14.13
N HIS C 67 12.77 21.52 -14.12
CA HIS C 67 11.98 22.00 -15.23
C HIS C 67 12.46 23.37 -15.70
N PRO C 68 12.53 23.63 -17.04
CA PRO C 68 12.80 24.99 -17.51
C PRO C 68 11.93 26.04 -16.77
N ALA C 69 12.53 27.18 -16.37
CA ALA C 69 11.81 28.25 -15.66
C ALA C 69 11.72 29.54 -16.49
N GLY C 70 11.86 29.40 -17.81
CA GLY C 70 11.82 30.54 -18.73
C GLY C 70 13.14 30.72 -19.46
N GLY C 71 13.42 31.95 -19.80
CA GLY C 71 14.62 32.33 -20.53
C GLY C 71 14.85 31.45 -21.75
N SER C 72 16.13 31.20 -22.05
CA SER C 72 16.48 30.38 -23.20
C SER C 72 16.08 28.90 -23.01
N ALA C 73 15.94 28.41 -21.74
CA ALA C 73 15.56 27.00 -21.44
C ALA C 73 14.17 26.68 -22.02
N THR C 74 13.18 27.58 -21.76
CA THR C 74 11.82 27.48 -22.30
C THR C 74 11.79 27.86 -23.80
N LEU C 75 12.51 28.91 -24.18
CA LEU C 75 12.52 29.32 -25.58
C LEU C 75 13.04 28.22 -26.52
N ASN C 76 14.19 27.58 -26.15
CA ASN C 76 14.87 26.65 -27.02
C ASN C 76 14.63 25.23 -26.65
N PHE C 77 13.70 24.97 -25.70
CA PHE C 77 13.36 23.59 -25.32
C PHE C 77 13.17 22.65 -26.56
N PRO C 78 12.46 23.03 -27.67
CA PRO C 78 12.28 22.09 -28.81
C PRO C 78 13.58 21.46 -29.38
N GLU C 79 14.74 22.12 -29.24
CA GLU C 79 16.02 21.60 -29.74
C GLU C 79 16.40 20.23 -29.15
N VAL C 80 15.97 19.93 -27.90
CA VAL C 80 16.36 18.68 -27.24
C VAL C 80 15.53 17.48 -27.76
N LEU C 81 14.37 17.73 -28.37
CA LEU C 81 13.46 16.70 -28.89
C LEU C 81 14.09 15.79 -29.99
N THR C 82 15.18 16.21 -30.64
CA THR C 82 15.92 15.44 -31.64
C THR C 82 16.54 14.19 -30.96
N ARG C 83 16.65 14.24 -29.61
CA ARG C 83 17.07 13.10 -28.80
C ARG C 83 16.06 11.91 -28.98
N HIS C 84 14.78 12.21 -29.31
CA HIS C 84 13.80 11.16 -29.53
C HIS C 84 14.13 10.36 -30.76
N VAL C 85 14.67 11.03 -31.79
CA VAL C 85 15.08 10.38 -33.05
C VAL C 85 16.32 9.50 -32.78
N GLU C 86 17.31 10.02 -32.00
CA GLU C 86 18.50 9.27 -31.59
C GLU C 86 18.13 7.96 -30.86
N LEU C 87 17.22 8.02 -29.86
CA LEU C 87 16.82 6.81 -29.12
C LEU C 87 16.06 5.83 -30.02
N MSE C 88 15.24 6.36 -30.95
CA MSE C 88 14.44 5.50 -31.82
C MSE C 88 15.36 4.70 -32.73
O MSE C 88 15.26 3.48 -32.77
CB MSE C 88 13.42 6.34 -32.63
CG MSE C 88 12.02 6.32 -31.99
SE MSE C 88 10.58 7.29 -32.90
CE MSE C 88 11.12 9.17 -32.47
N VAL C 89 16.31 5.39 -33.43
CA VAL C 89 17.31 4.77 -34.33
C VAL C 89 18.16 3.74 -33.54
N GLU C 90 18.57 4.09 -32.29
CA GLU C 90 19.32 3.22 -31.39
C GLU C 90 18.59 1.89 -31.09
N HIS C 91 17.21 1.89 -31.07
CA HIS C 91 16.39 0.67 -30.80
C HIS C 91 15.92 -0.01 -32.13
N GLY C 92 16.55 0.36 -33.24
CA GLY C 92 16.27 -0.23 -34.54
C GLY C 92 15.13 0.38 -35.34
N VAL C 93 14.58 1.53 -34.89
CA VAL C 93 13.52 2.19 -35.67
C VAL C 93 14.14 2.87 -36.92
N PRO C 94 13.67 2.63 -38.18
CA PRO C 94 14.30 3.27 -39.35
C PRO C 94 14.31 4.80 -39.22
N ALA C 95 15.44 5.46 -39.57
CA ALA C 95 15.60 6.92 -39.43
C ALA C 95 14.45 7.76 -40.04
N THR C 96 13.97 7.37 -41.23
CA THR C 96 12.89 8.13 -41.90
C THR C 96 11.63 8.14 -41.01
N ALA C 97 11.20 6.97 -40.56
CA ALA C 97 10.07 6.76 -39.66
C ALA C 97 10.26 7.52 -38.35
N ALA C 98 11.48 7.48 -37.77
CA ALA C 98 11.73 8.13 -36.46
C ALA C 98 11.54 9.66 -36.61
N ARG C 99 12.10 10.25 -37.69
CA ARG C 99 12.00 11.67 -38.01
C ARG C 99 10.54 12.05 -38.25
N ASP C 100 9.80 11.22 -39.02
CA ASP C 100 8.35 11.42 -39.21
C ASP C 100 7.57 11.41 -37.87
N ALA C 101 7.88 10.40 -36.98
CA ALA C 101 7.22 10.23 -35.70
C ALA C 101 7.26 11.46 -34.81
N ILE C 102 8.39 12.20 -34.78
CA ILE C 102 8.59 13.39 -33.91
C ILE C 102 8.06 14.75 -34.48
N GLN C 103 7.64 14.79 -35.73
CA GLN C 103 7.29 16.04 -36.43
C GLN C 103 6.15 16.84 -35.75
N GLY C 104 5.01 16.21 -35.45
CA GLY C 104 3.90 16.88 -34.80
C GLY C 104 4.36 17.45 -33.47
N LEU C 105 5.03 16.62 -32.63
CA LEU C 105 5.52 17.04 -31.32
C LEU C 105 6.48 18.24 -31.46
N LEU C 106 7.38 18.18 -32.46
CA LEU C 106 8.32 19.27 -32.75
C LEU C 106 7.55 20.56 -33.19
N THR C 107 6.68 20.44 -34.19
CA THR C 107 5.86 21.57 -34.68
C THR C 107 5.09 22.19 -33.53
N ARG C 108 4.35 21.36 -32.74
CA ARG C 108 3.56 21.89 -31.62
C ARG C 108 4.41 22.54 -30.52
N SER C 109 5.57 21.98 -30.25
CA SER C 109 6.50 22.48 -29.24
C SER C 109 7.12 23.85 -29.64
N LEU C 110 7.44 24.05 -30.93
CA LEU C 110 7.99 25.33 -31.45
C LEU C 110 6.98 26.44 -31.24
N LEU C 111 5.69 26.09 -31.38
CA LEU C 111 4.60 27.05 -31.22
C LEU C 111 4.42 27.42 -29.73
N ARG C 112 4.41 26.41 -28.85
CA ARG C 112 4.30 26.67 -27.42
C ARG C 112 5.52 27.47 -26.89
N ALA C 113 6.75 27.14 -27.39
CA ALA C 113 7.96 27.87 -26.99
C ALA C 113 7.81 29.37 -27.35
N GLN C 114 7.30 29.68 -28.53
CA GLN C 114 7.11 31.09 -28.99
C GLN C 114 6.09 31.88 -28.12
N SER C 115 5.10 31.20 -27.58
CA SER C 115 3.97 31.72 -26.81
C SER C 115 4.27 32.05 -25.34
N ALA C 116 5.32 31.47 -24.76
CA ALA C 116 5.64 31.59 -23.34
C ALA C 116 6.04 33.01 -22.93
N ASN C 117 5.81 33.34 -21.66
CA ASN C 117 6.29 34.56 -21.02
C ASN C 117 7.68 34.18 -20.46
N HIS C 118 8.67 34.09 -21.39
CA HIS C 118 9.98 33.60 -21.07
C HIS C 118 10.63 34.36 -19.91
N ASP C 119 10.50 35.69 -19.88
CA ASP C 119 11.22 36.44 -18.84
C ASP C 119 10.44 36.57 -17.53
N HIS C 120 9.27 35.90 -17.37
CA HIS C 120 8.47 36.02 -16.13
C HIS C 120 9.26 35.55 -14.85
N THR C 121 9.60 34.26 -14.74
CA THR C 121 10.29 33.77 -13.54
C THR C 121 11.72 34.37 -13.48
N PRO C 122 12.52 34.45 -14.58
CA PRO C 122 13.85 35.08 -14.48
C PRO C 122 13.80 36.54 -14.04
N SER C 123 12.71 37.32 -14.35
CA SER C 123 12.65 38.73 -13.90
C SER C 123 12.52 38.81 -12.38
N VAL C 124 11.83 37.82 -11.77
CA VAL C 124 11.64 37.75 -10.31
C VAL C 124 13.00 37.44 -9.64
N ALA C 125 13.76 36.49 -10.23
CA ALA C 125 15.08 36.09 -9.72
C ALA C 125 16.03 37.27 -9.77
N ARG C 126 15.95 38.10 -10.83
CA ARG C 126 16.80 39.26 -10.98
C ARG C 126 16.40 40.35 -9.97
N LEU C 127 15.07 40.59 -9.82
CA LEU C 127 14.59 41.58 -8.85
C LEU C 127 14.96 41.19 -7.43
N LEU C 128 14.98 39.88 -7.14
CA LEU C 128 15.36 39.39 -5.81
C LEU C 128 16.87 39.21 -5.69
N GLU C 129 17.64 39.29 -6.79
CA GLU C 129 19.10 39.07 -6.83
C GLU C 129 19.40 37.67 -6.28
N MSE C 130 18.56 36.73 -6.66
CA MSE C 130 18.67 35.34 -6.25
C MSE C 130 19.37 34.55 -7.34
O MSE C 130 18.75 34.31 -8.38
CB MSE C 130 17.26 34.76 -5.99
CG MSE C 130 17.25 33.22 -5.64
SE MSE C 130 18.23 32.89 -3.99
CE MSE C 130 16.99 33.72 -2.84
N PRO C 131 20.60 34.04 -7.12
CA PRO C 131 21.21 33.15 -8.12
C PRO C 131 20.24 32.03 -8.42
N PHE C 132 20.07 31.75 -9.69
CA PHE C 132 19.02 30.81 -10.09
C PHE C 132 19.35 30.16 -11.41
N LEU C 133 19.08 28.85 -11.51
CA LEU C 133 19.35 28.02 -12.71
C LEU C 133 18.48 26.76 -12.72
N ASN C 134 18.33 26.11 -13.90
CA ASN C 134 17.64 24.83 -14.07
C ASN C 134 18.57 23.86 -14.82
N ILE C 135 18.54 22.58 -14.41
CA ILE C 135 19.31 21.48 -15.04
C ILE C 135 18.29 20.37 -15.32
N HIS C 136 17.94 20.23 -16.61
CA HIS C 136 16.84 19.33 -16.96
C HIS C 136 17.38 18.09 -17.68
N LEU C 137 17.66 18.18 -19.00
CA LEU C 137 18.17 17.03 -19.78
C LEU C 137 19.36 16.27 -19.17
N PRO C 138 20.43 16.92 -18.67
CA PRO C 138 21.54 16.14 -18.11
C PRO C 138 21.10 15.17 -17.01
N LEU C 139 20.24 15.62 -16.04
CA LEU C 139 19.83 14.75 -14.91
C LEU C 139 18.90 13.65 -15.42
N ASP C 140 18.04 14.00 -16.42
CA ASP C 140 17.15 13.01 -17.06
C ASP C 140 17.94 11.91 -17.78
N GLU C 141 19.05 12.28 -18.44
CA GLU C 141 19.96 11.33 -19.07
C GLU C 141 20.60 10.40 -18.02
N VAL C 142 21.02 10.97 -16.87
CA VAL C 142 21.59 10.12 -15.79
C VAL C 142 20.54 9.08 -15.35
N GLY C 143 19.33 9.54 -15.09
CA GLY C 143 18.21 8.67 -14.73
C GLY C 143 17.88 7.66 -15.79
N ARG C 144 17.94 8.03 -17.06
CA ARG C 144 17.67 7.11 -18.17
C ARG C 144 18.69 5.95 -18.20
N ARG C 145 20.00 6.26 -18.09
CA ARG C 145 20.99 5.20 -18.12
C ARG C 145 20.88 4.27 -16.90
N ILE C 146 20.51 4.82 -15.70
CA ILE C 146 20.37 3.99 -14.48
C ILE C 146 19.20 2.99 -14.68
N MSE C 147 18.04 3.48 -15.16
CA MSE C 147 16.86 2.65 -15.39
C MSE C 147 17.12 1.58 -16.48
O MSE C 147 16.73 0.45 -16.28
CB MSE C 147 15.64 3.53 -15.76
CG MSE C 147 15.16 4.41 -14.61
SE MSE C 147 13.88 5.79 -15.24
CE MSE C 147 12.39 4.76 -15.35
N VAL C 148 17.82 1.94 -17.59
CA VAL C 148 18.19 1.00 -18.68
C VAL C 148 19.07 -0.14 -18.12
N LYS C 149 20.08 0.20 -17.32
CA LYS C 149 21.02 -0.75 -16.72
C LYS C 149 20.28 -1.65 -15.70
N THR C 150 19.44 -1.05 -14.86
CA THR C 150 18.66 -1.80 -13.89
C THR C 150 17.75 -2.82 -14.61
N ILE C 151 17.04 -2.39 -15.68
CA ILE C 151 16.13 -3.27 -16.40
C ILE C 151 16.90 -4.37 -17.10
N GLN C 152 17.96 -4.02 -17.85
CA GLN C 152 18.70 -5.01 -18.60
C GLN C 152 19.36 -6.06 -17.68
N GLU C 153 19.89 -5.64 -16.51
CA GLU C 153 20.55 -6.63 -15.61
C GLU C 153 19.57 -7.66 -15.08
N ALA C 154 18.36 -7.23 -14.74
CA ALA C 154 17.30 -8.14 -14.30
C ALA C 154 16.64 -8.96 -15.45
N VAL C 155 16.44 -8.39 -16.64
CA VAL C 155 15.68 -9.08 -17.70
C VAL C 155 16.50 -9.84 -18.70
N GLU C 156 17.76 -9.49 -18.91
CA GLU C 156 18.59 -10.20 -19.90
C GLU C 156 18.68 -11.72 -19.62
N PRO C 157 18.87 -12.22 -18.36
CA PRO C 157 18.87 -13.69 -18.15
C PRO C 157 17.54 -14.41 -18.46
N LEU C 158 16.44 -13.68 -18.53
CA LEU C 158 15.13 -14.26 -18.77
C LEU C 158 14.88 -14.54 -20.27
N GLY C 159 15.65 -13.89 -21.14
CA GLY C 159 15.51 -13.98 -22.60
C GLY C 159 14.13 -13.57 -23.10
N ASP C 160 13.54 -14.42 -23.98
CA ASP C 160 12.20 -14.26 -24.56
C ASP C 160 11.08 -14.44 -23.52
N GLU C 161 11.41 -15.00 -22.35
CA GLU C 161 10.38 -15.22 -21.32
C GLU C 161 10.32 -14.09 -20.30
N ALA C 162 11.00 -12.98 -20.55
CA ALA C 162 10.86 -11.77 -19.76
C ALA C 162 9.44 -11.20 -19.98
N ARG C 163 8.82 -10.68 -18.92
CA ARG C 163 7.51 -10.04 -19.00
C ARG C 163 7.67 -8.59 -18.67
N VAL C 164 6.61 -7.81 -18.89
CA VAL C 164 6.51 -6.41 -18.46
C VAL C 164 6.77 -6.32 -16.92
N GLN C 165 6.16 -7.24 -16.15
CA GLN C 165 6.29 -7.30 -14.68
C GLN C 165 7.76 -7.35 -14.25
N ASP C 166 8.59 -8.05 -15.02
CA ASP C 166 10.02 -8.20 -14.74
C ASP C 166 10.76 -6.84 -14.83
N ALA C 167 10.39 -5.98 -15.84
CA ALA C 167 10.99 -4.65 -15.97
C ALA C 167 10.60 -3.80 -14.76
N ILE C 168 9.31 -3.88 -14.35
CA ILE C 168 8.73 -3.16 -13.20
C ILE C 168 9.40 -3.61 -11.92
N ASP C 169 9.54 -4.92 -11.74
CA ASP C 169 10.21 -5.51 -10.54
C ASP C 169 11.66 -5.00 -10.44
N ALA C 170 12.34 -4.84 -11.60
CA ALA C 170 13.71 -4.34 -11.62
C ALA C 170 13.71 -2.88 -11.13
N LEU C 171 12.82 -2.08 -11.68
CA LEU C 171 12.67 -0.67 -11.33
C LEU C 171 12.32 -0.46 -9.85
N MSE C 172 11.52 -1.36 -9.30
CA MSE C 172 11.12 -1.30 -7.91
C MSE C 172 12.36 -1.65 -6.99
O MSE C 172 12.24 -1.53 -5.75
CB MSE C 172 9.91 -2.20 -7.65
CG MSE C 172 8.60 -1.65 -8.24
SE MSE C 172 8.11 0.06 -7.49
CE MSE C 172 7.44 -0.65 -5.74
N THR C 173 13.56 -1.99 -7.58
CA THR C 173 14.71 -2.18 -6.69
C THR C 173 15.37 -0.83 -6.48
N LEU C 174 14.98 0.21 -7.28
CA LEU C 174 15.55 1.56 -7.15
C LEU C 174 14.82 2.25 -6.01
N PRO C 175 15.52 2.94 -5.05
CA PRO C 175 14.82 3.59 -3.91
C PRO C 175 13.76 4.60 -4.31
N GLU C 176 13.94 5.33 -5.46
CA GLU C 176 13.00 6.36 -5.91
C GLU C 176 11.66 5.72 -6.26
N PHE C 177 11.69 4.51 -6.87
CA PHE C 177 10.44 3.81 -7.21
C PHE C 177 9.93 3.00 -6.02
N ALA C 178 10.84 2.36 -5.24
CA ALA C 178 10.46 1.62 -4.06
C ALA C 178 9.78 2.54 -2.99
N GLY C 179 10.32 3.75 -2.77
CA GLY C 179 9.77 4.65 -1.77
C GLY C 179 8.73 5.67 -2.24
N ALA C 180 8.43 5.71 -3.57
CA ALA C 180 7.51 6.68 -4.16
C ALA C 180 6.08 6.54 -3.64
N ALA C 181 5.37 7.68 -3.52
CA ALA C 181 3.95 7.64 -3.12
C ALA C 181 3.12 7.08 -4.29
N THR C 182 3.62 7.24 -5.51
CA THR C 182 2.98 6.83 -6.75
C THR C 182 3.33 5.38 -7.07
N ARG C 183 2.59 4.80 -8.02
CA ARG C 183 2.88 3.46 -8.48
C ARG C 183 3.17 3.50 -9.99
N ILE C 184 3.95 2.54 -10.43
CA ILE C 184 4.29 2.41 -11.86
C ILE C 184 3.04 1.81 -12.52
N MSE C 185 2.61 2.38 -13.66
CA MSE C 185 1.39 1.95 -14.32
C MSE C 185 1.67 1.32 -15.68
O MSE C 185 2.75 1.52 -16.26
CB MSE C 185 0.43 3.14 -14.45
CG MSE C 185 -0.11 3.62 -13.10
SE MSE C 185 -1.14 5.27 -13.21
CE MSE C 185 -2.67 4.53 -14.22
N VAL C 186 0.72 0.50 -16.15
CA VAL C 186 0.75 -0.12 -17.49
C VAL C 186 -0.56 0.30 -18.23
N PRO C 187 -0.67 1.55 -18.75
CA PRO C 187 -1.92 1.96 -19.42
C PRO C 187 -2.22 1.24 -20.75
N VAL C 188 -1.22 0.61 -21.39
CA VAL C 188 -1.38 -0.13 -22.66
C VAL C 188 -0.70 -1.46 -22.47
N GLY C 189 -1.34 -2.55 -22.88
CA GLY C 189 -0.78 -3.87 -22.66
C GLY C 189 -1.06 -4.28 -21.23
N ALA C 190 -0.26 -5.18 -20.66
CA ALA C 190 -0.45 -5.68 -19.30
C ALA C 190 0.85 -6.23 -18.72
N VAL C 191 0.92 -6.33 -17.38
CA VAL C 191 2.09 -6.81 -16.66
C VAL C 191 2.46 -8.27 -17.03
N ASP C 192 1.48 -9.12 -17.38
CA ASP C 192 1.74 -10.53 -17.73
C ASP C 192 2.24 -10.68 -19.19
N GLN C 193 2.23 -9.60 -19.96
CA GLN C 193 2.64 -9.72 -21.36
C GLN C 193 4.17 -9.87 -21.57
N PRO C 194 4.60 -10.58 -22.66
CA PRO C 194 6.03 -10.62 -22.98
C PRO C 194 6.59 -9.21 -23.16
N LEU C 195 7.74 -8.95 -22.57
CA LEU C 195 8.37 -7.65 -22.65
C LEU C 195 8.91 -7.38 -24.06
N GLY C 196 9.50 -8.41 -24.66
CA GLY C 196 10.25 -8.30 -25.91
C GLY C 196 11.35 -7.28 -25.72
N LYS C 197 11.60 -6.47 -26.74
CA LYS C 197 12.60 -5.39 -26.66
C LYS C 197 11.92 -4.18 -25.99
N ILE C 198 12.60 -3.54 -25.01
CA ILE C 198 12.06 -2.36 -24.33
C ILE C 198 12.87 -1.10 -24.74
N ALA C 199 12.16 0.04 -24.83
CA ALA C 199 12.79 1.34 -25.01
C ALA C 199 12.43 2.21 -23.80
N VAL C 200 13.46 2.64 -23.09
CA VAL C 200 13.28 3.56 -21.96
C VAL C 200 13.38 4.97 -22.57
N VAL C 201 12.22 5.61 -22.75
CA VAL C 201 12.19 6.92 -23.38
C VAL C 201 12.04 7.96 -22.28
N HIS C 202 13.23 8.42 -21.81
CA HIS C 202 13.44 9.44 -20.76
C HIS C 202 14.73 10.16 -21.15
N GLY C 203 14.88 11.42 -20.82
CA GLY C 203 16.06 12.16 -21.25
C GLY C 203 16.00 12.74 -22.66
N ALA C 204 14.79 12.78 -23.27
CA ALA C 204 14.54 13.37 -24.59
C ALA C 204 13.60 14.58 -24.43
N GLY C 205 13.64 15.18 -23.23
CA GLY C 205 12.90 16.38 -22.89
C GLY C 205 11.49 16.24 -22.34
N THR C 206 10.69 15.36 -22.95
CA THR C 206 9.31 15.10 -22.62
C THR C 206 8.96 13.73 -23.15
N ASN C 207 7.84 13.15 -22.71
CA ASN C 207 7.47 11.83 -23.23
C ASN C 207 7.17 11.95 -24.77
N GLY C 208 7.28 10.84 -25.50
CA GLY C 208 7.07 10.87 -26.94
C GLY C 208 5.61 10.84 -27.38
N GLY C 209 4.68 10.73 -26.42
CA GLY C 209 3.26 10.65 -26.74
C GLY C 209 2.85 9.45 -27.60
N TYR C 210 1.71 9.59 -28.28
CA TYR C 210 1.15 8.55 -29.16
C TYR C 210 2.10 8.21 -30.34
N ALA C 211 2.48 9.25 -31.10
CA ALA C 211 3.24 9.15 -32.37
C ALA C 211 4.59 8.44 -32.18
N VAL C 212 5.37 8.78 -31.16
CA VAL C 212 6.63 8.06 -30.94
C VAL C 212 6.38 6.60 -30.44
N ALA C 213 5.47 6.37 -29.46
CA ALA C 213 5.28 4.99 -28.98
C ALA C 213 4.84 4.07 -30.15
N ARG C 214 3.98 4.59 -31.04
CA ARG C 214 3.47 3.88 -32.22
C ARG C 214 4.63 3.49 -33.18
N ALA C 215 5.64 4.34 -33.28
CA ALA C 215 6.80 4.12 -34.17
C ALA C 215 7.68 3.00 -33.59
N TYR C 216 7.83 2.93 -32.24
CA TYR C 216 8.54 1.83 -31.57
C TYR C 216 7.77 0.50 -31.79
N PHE C 217 6.44 0.47 -31.44
CA PHE C 217 5.58 -0.71 -31.61
C PHE C 217 5.58 -1.23 -33.03
N ASP C 218 5.49 -0.34 -34.03
CA ASP C 218 5.45 -0.75 -35.43
C ASP C 218 6.84 -1.22 -35.95
N HIS C 219 7.93 -1.04 -35.16
CA HIS C 219 9.26 -1.39 -35.68
C HIS C 219 10.10 -2.26 -34.72
N GLY C 220 9.46 -3.29 -34.14
CA GLY C 220 10.14 -4.28 -33.31
C GLY C 220 10.41 -3.99 -31.84
N VAL C 221 9.87 -2.90 -31.30
CA VAL C 221 10.03 -2.62 -29.87
C VAL C 221 8.66 -2.78 -29.24
N ARG C 222 8.43 -3.94 -28.58
CA ARG C 222 7.14 -4.25 -28.01
C ARG C 222 6.79 -3.41 -26.80
N THR C 223 7.80 -2.96 -26.03
CA THR C 223 7.51 -2.24 -24.80
C THR C 223 8.15 -0.86 -24.82
N VAL C 224 7.37 0.18 -24.55
CA VAL C 224 7.86 1.55 -24.50
C VAL C 224 7.67 2.03 -23.04
N LEU C 225 8.67 2.70 -22.50
CA LEU C 225 8.60 3.22 -21.16
C LEU C 225 8.73 4.75 -21.20
N TYR C 226 7.74 5.42 -20.61
CA TYR C 226 7.66 6.88 -20.42
C TYR C 226 7.59 7.16 -18.94
N ILE C 227 7.96 8.35 -18.48
CA ILE C 227 7.81 8.70 -17.07
C ILE C 227 6.38 9.28 -16.87
N HIS C 228 5.77 9.73 -17.97
CA HIS C 228 4.46 10.40 -17.98
C HIS C 228 3.83 10.27 -19.33
N ILE C 229 2.51 10.35 -19.40
CA ILE C 229 1.89 10.41 -20.72
C ILE C 229 0.58 11.20 -20.58
N ALA C 230 0.21 12.01 -21.59
CA ALA C 230 -1.08 12.74 -21.60
C ALA C 230 -2.18 11.67 -21.61
N PRO C 231 -3.22 11.73 -20.71
CA PRO C 231 -4.20 10.65 -20.66
C PRO C 231 -4.88 10.38 -22.04
N GLU C 232 -5.12 11.42 -22.87
CA GLU C 232 -5.77 11.26 -24.20
C GLU C 232 -4.84 10.47 -25.18
N GLU C 233 -3.51 10.63 -25.03
CA GLU C 233 -2.52 9.89 -25.84
C GLU C 233 -2.50 8.39 -25.41
N ALA C 234 -2.62 8.12 -24.08
CA ALA C 234 -2.64 6.75 -23.59
C ALA C 234 -3.89 6.04 -24.12
N GLU C 235 -5.06 6.73 -24.14
CA GLU C 235 -6.33 6.14 -24.61
C GLU C 235 -6.27 5.78 -26.06
N ARG C 236 -5.79 6.71 -26.92
CA ARG C 236 -5.52 6.54 -28.35
C ARG C 236 -4.58 5.32 -28.57
N LEU C 237 -3.52 5.17 -27.74
CA LEU C 237 -2.61 4.01 -27.86
C LEU C 237 -3.31 2.70 -27.48
N ARG C 238 -4.10 2.74 -26.41
CA ARG C 238 -4.80 1.58 -25.87
C ARG C 238 -5.81 1.03 -26.87
N ARG C 239 -6.57 1.92 -27.57
CA ARG C 239 -7.58 1.54 -28.57
C ARG C 239 -6.93 0.63 -29.63
N GLU C 240 -5.74 1.05 -30.12
CA GLU C 240 -4.95 0.40 -31.18
C GLU C 240 -4.12 -0.83 -30.74
N GLY C 241 -3.81 -0.95 -29.45
CA GLY C 241 -2.97 -2.05 -28.90
C GLY C 241 -1.53 -1.99 -29.38
N GLY C 242 -1.09 -3.02 -30.10
CA GLY C 242 0.24 -3.07 -30.69
C GLY C 242 1.45 -3.28 -29.79
N GLY C 243 1.28 -3.06 -28.49
CA GLY C 243 2.38 -3.24 -27.55
C GLY C 243 2.08 -2.92 -26.11
N ASN C 244 3.16 -2.71 -25.35
CA ASN C 244 3.06 -2.41 -23.92
C ASN C 244 3.57 -1.04 -23.65
N LEU C 245 2.86 -0.29 -22.83
CA LEU C 245 3.34 1.01 -22.43
C LEU C 245 3.52 1.00 -20.92
N ILE C 246 4.77 1.22 -20.45
CA ILE C 246 5.03 1.36 -19.01
C ILE C 246 5.11 2.87 -18.71
N VAL C 247 4.31 3.38 -17.73
CA VAL C 247 4.36 4.77 -17.24
C VAL C 247 4.86 4.74 -15.77
N THR C 248 6.06 5.26 -15.53
CA THR C 248 6.74 5.12 -14.23
C THR C 248 6.36 6.16 -13.18
N GLY C 249 5.94 7.34 -13.60
CA GLY C 249 5.59 8.34 -12.61
C GLY C 249 6.57 9.46 -12.70
N HIS C 250 6.05 10.64 -12.99
CA HIS C 250 6.86 11.82 -13.25
C HIS C 250 7.90 12.13 -12.22
N ILE C 251 7.48 12.40 -10.95
CA ILE C 251 8.39 12.82 -9.85
C ILE C 251 9.37 11.71 -9.45
N ALA C 252 8.89 10.52 -9.19
CA ALA C 252 9.78 9.41 -8.83
C ALA C 252 10.91 9.21 -9.90
N SER C 253 10.55 9.31 -11.21
CA SER C 253 11.52 9.11 -12.29
C SER C 253 12.57 10.23 -12.38
N ASP C 254 12.15 11.52 -12.37
CA ASP C 254 13.00 12.69 -12.41
C ASP C 254 13.99 12.66 -11.27
N LEU C 255 13.57 12.06 -10.14
CA LEU C 255 14.41 11.95 -8.94
C LEU C 255 15.55 11.01 -9.10
N VAL C 256 15.46 10.03 -10.01
CA VAL C 256 16.58 9.09 -10.21
C VAL C 256 17.90 9.85 -10.56
N GLY C 257 17.85 10.78 -11.53
CA GLY C 257 19.02 11.57 -11.89
C GLY C 257 19.32 12.65 -10.86
N ILE C 258 18.26 13.30 -10.33
CA ILE C 258 18.35 14.41 -9.34
C ILE C 258 19.01 13.93 -8.05
N ASN C 259 18.62 12.75 -7.53
CA ASN C 259 19.23 12.23 -6.30
C ASN C 259 20.72 12.00 -6.51
N ARG C 260 21.14 11.61 -7.73
CA ARG C 260 22.59 11.40 -7.97
C ARG C 260 23.35 12.76 -8.00
N TYR C 261 22.70 13.78 -8.49
CA TYR C 261 23.25 15.13 -8.56
C TYR C 261 23.39 15.74 -7.16
N VAL C 262 22.33 15.63 -6.32
CA VAL C 262 22.30 16.15 -4.93
C VAL C 262 23.45 15.55 -4.11
N GLN C 263 23.63 14.23 -4.22
CA GLN C 263 24.69 13.49 -3.56
C GLN C 263 26.08 14.06 -3.98
N ALA C 264 26.27 14.36 -5.29
CA ALA C 264 27.52 14.96 -5.78
C ALA C 264 27.72 16.37 -5.18
N LEU C 265 26.61 17.16 -4.97
CA LEU C 265 26.79 18.54 -4.42
C LEU C 265 27.12 18.49 -2.96
N GLU C 266 26.48 17.57 -2.22
CA GLU C 266 26.70 17.40 -0.79
C GLU C 266 28.13 16.95 -0.50
N GLU C 267 28.72 16.12 -1.40
CA GLU C 267 30.11 15.64 -1.29
C GLU C 267 31.07 16.78 -1.51
N ARG C 268 30.65 17.77 -2.32
CA ARG C 268 31.39 19.00 -2.60
C ARG C 268 31.15 20.05 -1.46
N GLY C 269 30.33 19.66 -0.47
CA GLY C 269 30.05 20.46 0.72
C GLY C 269 28.91 21.45 0.61
N VAL C 270 28.13 21.37 -0.48
CA VAL C 270 26.98 22.24 -0.72
C VAL C 270 25.79 21.68 0.04
N GLU C 271 25.16 22.53 0.86
CA GLU C 271 23.97 22.14 1.61
C GLU C 271 22.76 22.28 0.68
N VAL C 272 21.97 21.20 0.49
CA VAL C 272 20.82 21.29 -0.43
C VAL C 272 19.49 21.25 0.37
N VAL C 273 18.67 22.33 0.27
CA VAL C 273 17.34 22.36 0.88
C VAL C 273 16.41 21.68 -0.14
N ARG C 274 15.94 20.50 0.20
CA ARG C 274 15.05 19.73 -0.67
C ARG C 274 13.58 20.22 -0.56
N MSE C 275 12.94 20.43 -1.70
CA MSE C 275 11.53 20.80 -1.75
C MSE C 275 11.05 20.56 -3.17
O MSE C 275 11.81 20.05 -3.98
CB MSE C 275 11.24 22.23 -1.20
CG MSE C 275 12.22 23.29 -1.61
SE MSE C 275 12.04 23.71 -3.50
CE MSE C 275 10.20 24.65 -3.61
N SER C 276 9.77 20.78 -3.41
CA SER C 276 9.07 20.58 -4.69
C SER C 276 9.31 19.19 -5.27
N GLY C 277 9.19 18.18 -4.41
CA GLY C 277 9.34 16.77 -4.82
C GLY C 277 10.61 16.05 -4.39
N LEU C 278 11.68 16.81 -4.03
CA LEU C 278 12.93 16.17 -3.56
C LEU C 278 12.82 15.74 -2.14
N MSE D 4 -11.52 30.97 25.02
CA MSE D 4 -11.52 29.66 24.37
C MSE D 4 -10.13 29.30 23.82
O MSE D 4 -9.49 30.12 23.15
CB MSE D 4 -12.56 29.60 23.23
CG MSE D 4 -13.99 29.34 23.69
SE MSE D 4 -15.29 29.33 22.21
CE MSE D 4 -15.36 31.27 21.83
N ALA D 5 -9.70 28.04 24.05
CA ALA D 5 -8.43 27.52 23.54
C ALA D 5 -8.49 27.36 22.03
N GLY D 6 -7.33 27.46 21.38
CA GLY D 6 -7.21 27.29 19.93
C GLY D 6 -7.55 25.87 19.52
N LEU D 7 -7.92 25.64 18.26
CA LEU D 7 -8.30 24.26 17.90
C LEU D 7 -7.15 23.48 17.25
N SER D 8 -7.20 22.16 17.38
CA SER D 8 -6.23 21.29 16.76
C SER D 8 -6.64 21.06 15.31
N THR D 9 -5.69 20.66 14.41
CA THR D 9 -6.02 20.28 13.05
C THR D 9 -6.93 19.03 13.08
N ALA D 10 -6.79 18.14 14.09
CA ALA D 10 -7.67 16.97 14.25
C ALA D 10 -9.12 17.44 14.52
N GLU D 11 -9.29 18.52 15.32
CA GLU D 11 -10.60 19.11 15.64
C GLU D 11 -11.23 19.82 14.42
N LEU D 12 -10.45 20.59 13.66
CA LEU D 12 -10.90 21.22 12.40
C LEU D 12 -11.49 20.18 11.40
N VAL D 13 -10.86 19.01 11.35
CA VAL D 13 -11.28 17.84 10.56
C VAL D 13 -12.61 17.29 11.16
N ASP D 14 -12.65 17.03 12.49
CA ASP D 14 -13.82 16.48 13.19
C ASP D 14 -15.10 17.29 12.94
N ILE D 15 -15.00 18.62 12.95
CA ILE D 15 -16.14 19.54 12.78
C ILE D 15 -16.78 19.32 11.39
N ALA D 16 -15.94 19.10 10.36
CA ALA D 16 -16.38 18.90 8.96
C ALA D 16 -16.95 17.50 8.79
N LEU D 17 -16.33 16.48 9.39
CA LEU D 17 -16.89 15.12 9.29
C LEU D 17 -18.23 14.98 10.03
N GLU D 18 -18.39 15.66 11.19
CA GLU D 18 -19.65 15.63 11.95
C GLU D 18 -20.75 16.26 11.08
N MSE D 19 -20.53 17.45 10.46
CA MSE D 19 -21.57 18.05 9.63
C MSE D 19 -21.86 17.24 8.33
O MSE D 19 -23.02 17.22 7.91
CB MSE D 19 -21.30 19.51 9.30
CG MSE D 19 -20.11 19.81 8.41
SE MSE D 19 -20.07 21.77 8.18
CE MSE D 19 -19.83 22.28 9.99
N ALA D 20 -20.83 16.57 7.72
CA ALA D 20 -21.01 15.74 6.52
C ALA D 20 -21.52 14.32 6.86
N GLU D 21 -21.55 13.92 8.16
CA GLU D 21 -22.01 12.61 8.65
C GLU D 21 -21.12 11.50 8.08
N MSE D 22 -19.79 11.76 8.14
CA MSE D 22 -18.73 10.84 7.70
C MSE D 22 -17.91 10.37 8.90
O MSE D 22 -17.61 11.16 9.79
CB MSE D 22 -17.80 11.56 6.70
CG MSE D 22 -18.41 11.76 5.34
SE MSE D 22 -17.32 12.96 4.26
CE MSE D 22 -18.14 12.71 2.49
N ARG D 23 -17.49 9.10 8.88
CA ARG D 23 -16.68 8.54 9.95
C ARG D 23 -15.23 9.01 9.81
N THR D 24 -14.76 9.19 8.57
CA THR D 24 -13.34 9.46 8.37
C THR D 24 -13.12 10.42 7.23
N LEU D 25 -11.98 11.07 7.27
CA LEU D 25 -11.55 12.03 6.27
C LEU D 25 -11.42 11.32 4.87
N PRO D 26 -12.25 11.78 3.91
CA PRO D 26 -12.26 11.17 2.56
C PRO D 26 -10.89 11.28 1.88
N ALA D 27 -10.70 10.52 0.80
CA ALA D 27 -9.38 10.43 0.12
C ALA D 27 -8.92 11.74 -0.63
N ASP D 28 -9.83 12.76 -0.87
CA ASP D 28 -9.46 13.99 -1.56
C ASP D 28 -9.08 15.09 -0.55
N SER D 29 -8.95 14.72 0.73
CA SER D 29 -8.71 15.71 1.79
C SER D 29 -7.55 15.28 2.61
N ALA D 30 -6.67 16.19 3.12
CA ALA D 30 -5.57 15.73 3.98
C ALA D 30 -5.04 16.82 4.86
N VAL D 31 -4.42 16.44 5.99
CA VAL D 31 -3.66 17.29 6.90
C VAL D 31 -2.22 17.20 6.44
N TYR D 32 -1.62 18.32 5.99
CA TYR D 32 -0.24 18.34 5.51
C TYR D 32 0.71 18.69 6.65
N VAL D 33 0.35 19.69 7.48
CA VAL D 33 1.14 20.12 8.65
C VAL D 33 0.13 20.25 9.81
N GLU D 34 0.37 19.45 10.89
CA GLU D 34 -0.49 19.44 12.11
C GLU D 34 -0.09 20.50 13.07
N SER D 35 -1.05 20.84 13.95
CA SER D 35 -0.94 21.78 15.06
C SER D 35 -1.98 21.43 16.13
N THR D 36 -1.76 21.88 17.38
CA THR D 36 -2.68 21.66 18.48
C THR D 36 -3.33 22.96 19.02
N ASP D 37 -3.05 24.16 18.41
CA ASP D 37 -3.54 25.44 18.94
C ASP D 37 -3.67 26.53 17.82
N LEU D 38 -4.75 26.46 17.05
CA LEU D 38 -5.11 27.39 15.94
C LEU D 38 -6.28 28.30 16.37
N LYS D 39 -6.02 29.59 16.51
CA LYS D 39 -7.01 30.59 16.94
C LYS D 39 -7.46 31.47 15.78
N ARG D 40 -6.55 31.73 14.84
CA ARG D 40 -6.72 32.55 13.65
C ARG D 40 -6.10 31.80 12.47
N VAL D 41 -7.00 31.34 11.59
CA VAL D 41 -6.68 30.57 10.40
C VAL D 41 -7.09 31.37 9.16
N MSE D 42 -6.34 31.18 8.04
CA MSE D 42 -6.68 31.78 6.75
C MSE D 42 -7.32 30.67 5.92
O MSE D 42 -6.73 29.60 5.80
CB MSE D 42 -5.44 32.36 6.05
CG MSE D 42 -5.78 33.27 4.84
SE MSE D 42 -4.21 33.73 3.74
CE MSE D 42 -4.03 31.89 2.87
N MSE D 43 -8.53 30.91 5.37
CA MSE D 43 -9.15 29.86 4.55
C MSE D 43 -9.37 30.35 3.13
O MSE D 43 -9.85 31.49 2.93
CB MSE D 43 -10.46 29.34 5.17
CG MSE D 43 -10.93 28.05 4.49
SE MSE D 43 -12.45 27.22 5.27
CE MSE D 43 -12.65 25.77 3.96
N GLY D 44 -9.01 29.53 2.14
CA GLY D 44 -9.22 29.89 0.75
C GLY D 44 -9.63 28.66 -0.04
N ILE D 45 -10.30 28.80 -1.20
CA ILE D 45 -10.66 27.59 -1.98
C ILE D 45 -9.36 26.98 -2.63
N ASP D 46 -8.49 27.86 -3.19
CA ASP D 46 -7.22 27.45 -3.83
C ASP D 46 -6.04 27.98 -3.07
N ILE D 47 -5.26 27.08 -2.46
CA ILE D 47 -4.04 27.46 -1.71
C ILE D 47 -2.85 26.73 -2.27
N GLY D 48 -1.92 27.52 -2.74
CA GLY D 48 -0.60 27.08 -3.16
C GLY D 48 0.45 27.77 -2.33
N PRO D 49 1.69 27.67 -2.82
CA PRO D 49 2.84 28.29 -2.13
C PRO D 49 2.74 29.80 -1.90
N ALA D 50 2.26 30.60 -2.91
CA ALA D 50 2.10 32.03 -2.73
C ALA D 50 1.12 32.32 -1.55
N GLU D 51 -0.01 31.59 -1.51
CA GLU D 51 -1.03 31.76 -0.44
C GLU D 51 -0.50 31.40 0.96
N LEU D 52 0.36 30.35 1.06
CA LEU D 52 1.04 29.99 2.31
C LEU D 52 2.00 31.12 2.76
N LEU D 53 2.69 31.79 1.81
CA LEU D 53 3.59 32.89 2.14
C LEU D 53 2.79 34.10 2.65
N LEU D 54 1.60 34.31 2.02
CA LEU D 54 0.68 35.41 2.37
C LEU D 54 0.15 35.14 3.77
N ALA D 55 -0.15 33.84 4.09
CA ALA D 55 -0.64 33.52 5.42
C ALA D 55 0.40 33.86 6.49
N ARG D 56 1.69 33.66 6.19
CA ARG D 56 2.79 33.94 7.12
C ARG D 56 2.96 35.46 7.29
N GLN D 57 2.88 36.23 6.21
CA GLN D 57 2.99 37.70 6.28
C GLN D 57 1.85 38.30 7.12
N LEU D 58 0.67 37.65 7.10
CA LEU D 58 -0.51 38.09 7.86
C LEU D 58 -0.49 37.58 9.32
N GLY D 59 0.46 36.70 9.65
CA GLY D 59 0.64 36.14 10.99
C GLY D 59 -0.38 35.10 11.37
N CYS D 60 -0.94 34.41 10.36
CA CYS D 60 -1.95 33.38 10.58
C CYS D 60 -1.34 32.14 11.24
N ASP D 61 -2.11 31.50 12.13
CA ASP D 61 -1.70 30.28 12.85
C ASP D 61 -1.70 29.07 11.93
N GLY D 62 -2.66 29.02 11.02
CA GLY D 62 -2.78 27.89 10.12
C GLY D 62 -3.51 28.26 8.87
N VAL D 63 -3.44 27.40 7.86
CA VAL D 63 -4.13 27.62 6.56
C VAL D 63 -5.07 26.43 6.29
N ILE D 64 -6.31 26.75 5.82
CA ILE D 64 -7.31 25.73 5.43
C ILE D 64 -7.58 25.96 3.98
N ALA D 65 -7.50 24.89 3.16
CA ALA D 65 -7.80 25.02 1.73
C ALA D 65 -9.01 24.19 1.45
N HIS D 66 -9.62 24.37 0.27
CA HIS D 66 -10.74 23.47 -0.08
C HIS D 66 -10.22 22.45 -1.09
N HIS D 67 -9.61 22.95 -2.17
CA HIS D 67 -9.11 22.07 -3.19
C HIS D 67 -7.92 21.19 -2.70
N PRO D 68 -7.75 19.90 -3.14
CA PRO D 68 -6.51 19.16 -2.82
C PRO D 68 -5.30 20.04 -3.09
N ALA D 69 -4.31 19.97 -2.20
CA ALA D 69 -3.14 20.84 -2.31
C ALA D 69 -1.86 20.00 -2.49
N GLY D 70 -2.01 18.72 -2.79
CA GLY D 70 -0.85 17.84 -2.91
C GLY D 70 -1.01 16.66 -1.96
N GLY D 71 0.13 16.05 -1.57
CA GLY D 71 0.19 14.92 -0.65
C GLY D 71 -0.74 13.80 -1.02
N SER D 72 -1.39 13.20 0.01
CA SER D 72 -2.31 12.09 -0.21
C SER D 72 -3.68 12.58 -0.78
N ALA D 73 -4.05 13.89 -0.59
CA ALA D 73 -5.28 14.42 -1.14
C ALA D 73 -5.26 14.34 -2.69
N THR D 74 -4.17 14.85 -3.31
CA THR D 74 -4.00 14.81 -4.79
C THR D 74 -3.76 13.34 -5.27
N LEU D 75 -2.97 12.59 -4.52
CA LEU D 75 -2.64 11.24 -4.95
C LEU D 75 -3.85 10.30 -4.91
N ASN D 76 -4.68 10.36 -3.85
CA ASN D 76 -5.81 9.42 -3.69
C ASN D 76 -7.14 9.98 -4.10
N PHE D 77 -7.12 11.17 -4.75
CA PHE D 77 -8.32 11.86 -5.24
C PHE D 77 -9.23 10.87 -6.03
N PRO D 78 -8.70 10.03 -6.98
CA PRO D 78 -9.59 9.17 -7.79
C PRO D 78 -10.52 8.24 -7.02
N GLU D 79 -10.11 7.79 -5.79
CA GLU D 79 -10.92 6.93 -4.91
C GLU D 79 -12.30 7.54 -4.61
N VAL D 80 -12.41 8.88 -4.50
CA VAL D 80 -13.71 9.48 -4.15
C VAL D 80 -14.73 9.35 -5.32
N LEU D 81 -14.26 9.24 -6.60
CA LEU D 81 -15.10 9.21 -7.80
C LEU D 81 -16.20 8.16 -7.82
N THR D 82 -16.06 7.07 -7.07
CA THR D 82 -17.09 6.00 -7.03
C THR D 82 -18.40 6.53 -6.48
N ARG D 83 -18.33 7.68 -5.74
CA ARG D 83 -19.51 8.37 -5.23
C ARG D 83 -20.44 8.76 -6.44
N HIS D 84 -19.91 8.94 -7.68
CA HIS D 84 -20.79 9.19 -8.86
C HIS D 84 -21.65 7.96 -9.15
N VAL D 85 -21.13 6.76 -8.88
CA VAL D 85 -21.87 5.49 -9.08
C VAL D 85 -23.01 5.43 -8.08
N GLU D 86 -22.72 5.76 -6.81
CA GLU D 86 -23.73 5.79 -5.74
C GLU D 86 -24.87 6.76 -6.08
N LEU D 87 -24.53 7.96 -6.58
CA LEU D 87 -25.55 8.95 -6.96
C LEU D 87 -26.40 8.47 -8.14
N MSE D 88 -25.80 7.89 -9.20
CA MSE D 88 -26.58 7.37 -10.36
C MSE D 88 -27.53 6.23 -9.92
O MSE D 88 -28.71 6.24 -10.29
CB MSE D 88 -25.64 6.90 -11.48
CG MSE D 88 -25.03 8.08 -12.28
SE MSE D 88 -23.95 7.54 -13.81
CE MSE D 88 -22.24 7.51 -12.99
N VAL D 89 -27.02 5.28 -9.11
CA VAL D 89 -27.81 4.14 -8.61
C VAL D 89 -28.94 4.68 -7.75
N GLU D 90 -28.67 5.70 -6.92
CA GLU D 90 -29.72 6.33 -6.11
C GLU D 90 -30.92 6.81 -6.97
N HIS D 91 -30.65 7.34 -8.20
CA HIS D 91 -31.67 7.88 -9.10
C HIS D 91 -32.17 6.89 -10.15
N GLY D 92 -31.91 5.60 -9.91
CA GLY D 92 -32.39 4.50 -10.74
C GLY D 92 -31.61 4.18 -11.98
N VAL D 93 -30.37 4.70 -12.08
CA VAL D 93 -29.54 4.29 -13.22
C VAL D 93 -28.96 2.90 -12.84
N PRO D 94 -29.07 1.84 -13.70
CA PRO D 94 -28.49 0.54 -13.33
C PRO D 94 -27.06 0.73 -12.96
N ALA D 95 -26.58 -0.02 -11.94
CA ALA D 95 -25.19 0.02 -11.48
C ALA D 95 -24.20 -0.27 -12.62
N THR D 96 -24.54 -1.17 -13.53
CA THR D 96 -23.65 -1.54 -14.65
C THR D 96 -23.44 -0.30 -15.60
N ALA D 97 -24.51 0.36 -15.99
CA ALA D 97 -24.46 1.55 -16.84
C ALA D 97 -23.68 2.69 -16.16
N ALA D 98 -23.83 2.82 -14.81
CA ALA D 98 -23.23 3.86 -13.97
C ALA D 98 -21.72 3.61 -13.82
N ARG D 99 -21.31 2.35 -13.52
N ARG D 99 -21.31 2.35 -13.52
CA ARG D 99 -19.91 1.97 -13.39
CA ARG D 99 -19.90 1.97 -13.44
C ARG D 99 -19.23 2.16 -14.76
C ARG D 99 -19.25 2.26 -14.78
N ASP D 100 -19.93 1.86 -15.86
CA ASP D 100 -19.42 2.07 -17.23
C ASP D 100 -19.22 3.55 -17.54
N ALA D 101 -20.17 4.43 -17.09
CA ALA D 101 -20.14 5.85 -17.33
C ALA D 101 -18.94 6.56 -16.71
N ILE D 102 -18.48 6.09 -15.51
CA ILE D 102 -17.36 6.74 -14.81
C ILE D 102 -16.00 6.25 -15.26
N GLN D 103 -15.93 5.13 -15.98
CA GLN D 103 -14.66 4.48 -16.40
C GLN D 103 -13.63 5.42 -17.07
N GLY D 104 -14.09 6.29 -17.98
CA GLY D 104 -13.34 7.32 -18.69
C GLY D 104 -12.67 8.27 -17.71
N LEU D 105 -13.47 8.95 -16.90
CA LEU D 105 -12.98 9.95 -15.95
C LEU D 105 -12.09 9.27 -14.89
N LEU D 106 -12.42 8.03 -14.48
CA LEU D 106 -11.59 7.31 -13.51
C LEU D 106 -10.18 7.00 -14.11
N THR D 107 -10.12 6.40 -15.31
CA THR D 107 -8.83 6.03 -15.97
C THR D 107 -7.89 7.27 -16.11
N ARG D 108 -8.43 8.42 -16.60
CA ARG D 108 -7.73 9.69 -16.80
C ARG D 108 -7.28 10.31 -15.46
N SER D 109 -8.16 10.28 -14.43
CA SER D 109 -7.87 10.81 -13.07
C SER D 109 -6.71 10.04 -12.41
N LEU D 110 -6.62 8.73 -12.70
CA LEU D 110 -5.55 7.88 -12.15
C LEU D 110 -4.21 8.24 -12.79
N LEU D 111 -4.23 8.53 -14.10
CA LEU D 111 -3.02 8.95 -14.81
C LEU D 111 -2.66 10.37 -14.35
N ARG D 112 -3.67 11.27 -14.18
CA ARG D 112 -3.35 12.62 -13.70
C ARG D 112 -2.78 12.58 -12.24
N ALA D 113 -3.33 11.72 -11.37
CA ALA D 113 -2.87 11.57 -9.98
C ALA D 113 -1.41 11.11 -9.91
N GLN D 114 -1.01 10.12 -10.72
CA GLN D 114 0.37 9.59 -10.74
C GLN D 114 1.42 10.68 -11.18
N SER D 115 0.95 11.58 -12.02
CA SER D 115 1.76 12.58 -12.72
C SER D 115 2.00 13.87 -11.92
N ALA D 116 1.25 14.10 -10.83
CA ALA D 116 1.38 15.32 -10.04
C ALA D 116 2.68 15.36 -9.23
N ASN D 117 3.09 16.57 -8.91
CA ASN D 117 4.20 16.80 -8.02
C ASN D 117 3.53 16.90 -6.62
N HIS D 118 3.26 15.73 -5.99
CA HIS D 118 2.46 15.72 -4.77
C HIS D 118 3.08 16.52 -3.60
N ASP D 119 4.40 16.59 -3.50
CA ASP D 119 4.95 17.19 -2.30
C ASP D 119 5.36 18.62 -2.49
N HIS D 120 4.95 19.27 -3.58
CA HIS D 120 5.32 20.64 -3.83
C HIS D 120 4.72 21.63 -2.79
N THR D 121 3.38 21.81 -2.74
CA THR D 121 2.74 22.73 -1.75
C THR D 121 2.96 22.16 -0.29
N PRO D 122 2.86 20.84 0.04
CA PRO D 122 3.20 20.41 1.42
C PRO D 122 4.65 20.74 1.80
N SER D 123 5.61 20.64 0.84
CA SER D 123 7.00 20.97 1.14
C SER D 123 7.16 22.43 1.55
N VAL D 124 6.39 23.36 0.90
CA VAL D 124 6.49 24.81 1.22
C VAL D 124 5.91 25.02 2.65
N ALA D 125 4.74 24.42 2.92
CA ALA D 125 4.09 24.47 4.24
C ALA D 125 5.04 23.93 5.36
N ARG D 126 5.83 22.83 5.10
CA ARG D 126 6.74 22.29 6.12
C ARG D 126 7.97 23.24 6.33
N LEU D 127 8.48 23.82 5.23
CA LEU D 127 9.59 24.77 5.29
C LEU D 127 9.17 26.05 6.02
N LEU D 128 7.93 26.49 5.77
CA LEU D 128 7.39 27.63 6.49
C LEU D 128 6.90 27.26 7.90
N GLU D 129 6.75 25.96 8.24
CA GLU D 129 6.21 25.50 9.54
C GLU D 129 4.79 26.09 9.68
N MSE D 130 4.01 25.96 8.60
CA MSE D 130 2.65 26.51 8.53
C MSE D 130 1.64 25.37 8.58
O MSE D 130 1.45 24.64 7.58
CB MSE D 130 2.47 27.39 7.26
CG MSE D 130 1.04 27.95 7.08
SE MSE D 130 0.41 29.18 8.51
CE MSE D 130 1.49 30.71 8.03
N PRO D 131 0.95 25.23 9.73
CA PRO D 131 -0.10 24.21 9.83
C PRO D 131 -1.00 24.34 8.59
N PHE D 132 -1.30 23.20 7.95
CA PHE D 132 -2.02 23.20 6.68
C PHE D 132 -2.83 21.92 6.39
N LEU D 133 -4.08 22.12 5.96
CA LEU D 133 -4.92 21.02 5.57
C LEU D 133 -5.93 21.49 4.53
N ASN D 134 -6.49 20.54 3.78
CA ASN D 134 -7.57 20.82 2.86
C ASN D 134 -8.78 19.92 3.26
N ILE D 135 -9.99 20.46 3.10
CA ILE D 135 -11.26 19.78 3.36
C ILE D 135 -12.08 19.99 2.09
N HIS D 136 -12.27 18.90 1.34
CA HIS D 136 -12.94 18.99 0.05
C HIS D 136 -14.26 18.26 0.06
N LEU D 137 -14.28 16.90 -0.15
CA LEU D 137 -15.52 16.14 -0.21
C LEU D 137 -16.49 16.38 0.98
N PRO D 138 -16.06 16.46 2.29
CA PRO D 138 -17.07 16.65 3.35
C PRO D 138 -17.90 17.93 3.16
N LEU D 139 -17.25 19.02 2.71
CA LEU D 139 -17.92 20.29 2.55
C LEU D 139 -18.86 20.25 1.31
N ASP D 140 -18.45 19.61 0.20
CA ASP D 140 -19.27 19.49 -1.00
C ASP D 140 -20.51 18.61 -0.72
N GLU D 141 -20.35 17.59 0.18
CA GLU D 141 -21.42 16.71 0.61
C GLU D 141 -22.44 17.54 1.40
N VAL D 142 -22.00 18.47 2.27
CA VAL D 142 -22.88 19.39 3.01
C VAL D 142 -23.67 20.25 1.99
N GLY D 143 -22.91 20.83 1.03
CA GLY D 143 -23.46 21.66 -0.03
C GLY D 143 -24.46 20.92 -0.89
N ARG D 144 -24.14 19.67 -1.29
CA ARG D 144 -25.04 18.82 -2.07
C ARG D 144 -26.37 18.69 -1.33
N ARG D 145 -26.31 18.28 -0.03
CA ARG D 145 -27.48 18.06 0.81
C ARG D 145 -28.41 19.29 0.83
N ILE D 146 -27.82 20.48 1.09
CA ILE D 146 -28.57 21.75 1.16
C ILE D 146 -29.26 22.03 -0.15
N MSE D 147 -28.57 21.76 -1.27
CA MSE D 147 -29.07 22.07 -2.62
C MSE D 147 -30.24 21.19 -2.99
O MSE D 147 -31.25 21.69 -3.50
CB MSE D 147 -27.93 21.95 -3.64
CG MSE D 147 -26.97 23.17 -3.58
SE MSE D 147 -25.35 22.94 -4.69
CE MSE D 147 -26.00 23.45 -6.28
N VAL D 148 -30.12 19.86 -2.70
CA VAL D 148 -31.13 18.84 -2.94
C VAL D 148 -32.44 19.26 -2.20
N LYS D 149 -32.33 19.51 -0.86
CA LYS D 149 -33.42 19.89 0.04
C LYS D 149 -34.11 21.18 -0.42
N THR D 150 -33.33 22.20 -0.80
CA THR D 150 -33.82 23.49 -1.29
C THR D 150 -34.60 23.28 -2.59
N ILE D 151 -34.06 22.46 -3.52
CA ILE D 151 -34.73 22.24 -4.79
C ILE D 151 -36.00 21.38 -4.58
N GLN D 152 -35.88 20.23 -3.84
CA GLN D 152 -36.99 19.31 -3.56
C GLN D 152 -38.18 20.02 -2.90
N GLU D 153 -37.94 20.81 -1.84
CA GLU D 153 -38.98 21.55 -1.13
C GLU D 153 -39.69 22.56 -2.01
N ALA D 154 -39.01 23.12 -3.01
CA ALA D 154 -39.65 24.08 -3.93
C ALA D 154 -40.45 23.40 -5.07
N VAL D 155 -39.89 22.32 -5.69
CA VAL D 155 -40.38 21.63 -6.90
C VAL D 155 -41.40 20.51 -6.62
N GLU D 156 -41.25 19.75 -5.51
CA GLU D 156 -42.15 18.62 -5.12
C GLU D 156 -43.62 19.11 -5.13
N PRO D 157 -43.99 20.30 -4.54
CA PRO D 157 -45.38 20.79 -4.66
C PRO D 157 -45.84 21.08 -6.10
N LEU D 158 -44.90 21.28 -7.04
CA LEU D 158 -45.24 21.59 -8.43
C LEU D 158 -45.55 20.31 -9.25
N GLY D 159 -45.11 19.15 -8.76
CA GLY D 159 -45.29 17.85 -9.44
C GLY D 159 -44.69 17.86 -10.84
N ASP D 160 -45.52 17.50 -11.85
CA ASP D 160 -45.13 17.47 -13.27
C ASP D 160 -45.12 18.88 -13.91
N GLU D 161 -45.64 19.90 -13.22
CA GLU D 161 -45.62 21.29 -13.74
C GLU D 161 -44.22 21.94 -13.53
N ALA D 162 -43.39 21.34 -12.68
CA ALA D 162 -42.00 21.77 -12.41
C ALA D 162 -41.19 21.92 -13.71
N ARG D 163 -40.53 23.06 -13.86
CA ARG D 163 -39.65 23.37 -14.98
C ARG D 163 -38.25 23.55 -14.45
N VAL D 164 -37.25 23.62 -15.37
CA VAL D 164 -35.85 23.85 -15.05
C VAL D 164 -35.77 25.18 -14.28
N GLN D 165 -36.50 26.24 -14.73
CA GLN D 165 -36.56 27.56 -14.07
C GLN D 165 -36.85 27.47 -12.55
N ASP D 166 -37.74 26.54 -12.15
CA ASP D 166 -38.15 26.36 -10.74
C ASP D 166 -37.01 25.83 -9.87
N ALA D 167 -36.14 25.00 -10.44
CA ALA D 167 -34.97 24.48 -9.75
C ALA D 167 -33.96 25.63 -9.58
N ILE D 168 -33.87 26.50 -10.61
CA ILE D 168 -32.97 27.66 -10.59
C ILE D 168 -33.48 28.68 -9.55
N ASP D 169 -34.80 28.98 -9.54
CA ASP D 169 -35.41 29.89 -8.58
C ASP D 169 -35.17 29.36 -7.17
N ALA D 170 -35.31 28.03 -6.96
CA ALA D 170 -35.06 27.40 -5.65
C ALA D 170 -33.58 27.67 -5.19
N LEU D 171 -32.62 27.45 -6.07
CA LEU D 171 -31.21 27.67 -5.78
C LEU D 171 -30.86 29.12 -5.53
N MSE D 172 -31.59 30.06 -6.18
CA MSE D 172 -31.40 31.52 -6.01
C MSE D 172 -31.92 31.99 -4.65
O MSE D 172 -31.67 33.16 -4.25
CB MSE D 172 -32.08 32.31 -7.13
CG MSE D 172 -31.31 32.20 -8.46
SE MSE D 172 -29.51 32.93 -8.36
CE MSE D 172 -29.86 34.89 -8.84
N THR D 173 -32.59 31.10 -3.90
CA THR D 173 -32.98 31.45 -2.54
C THR D 173 -31.75 31.23 -1.64
N LEU D 174 -30.69 30.61 -2.14
CA LEU D 174 -29.50 30.44 -1.31
C LEU D 174 -28.65 31.71 -1.41
N PRO D 175 -28.22 32.32 -0.30
CA PRO D 175 -27.42 33.56 -0.42
C PRO D 175 -26.18 33.37 -1.32
N GLU D 176 -25.56 32.18 -1.31
CA GLU D 176 -24.33 31.93 -2.15
C GLU D 176 -24.61 32.11 -3.66
N PHE D 177 -25.85 31.81 -4.12
CA PHE D 177 -26.15 31.99 -5.54
C PHE D 177 -26.72 33.36 -5.80
N ALA D 178 -27.60 33.82 -4.89
CA ALA D 178 -28.21 35.15 -5.00
C ALA D 178 -27.13 36.26 -5.05
N GLY D 179 -26.10 36.12 -4.22
CA GLY D 179 -25.03 37.09 -4.15
C GLY D 179 -23.82 36.80 -5.02
N ALA D 180 -23.83 35.71 -5.82
CA ALA D 180 -22.68 35.39 -6.67
C ALA D 180 -22.51 36.40 -7.85
N ALA D 181 -21.25 36.62 -8.30
CA ALA D 181 -20.95 37.44 -9.45
C ALA D 181 -21.35 36.66 -10.68
N THR D 182 -21.28 35.33 -10.54
CA THR D 182 -21.59 34.38 -11.61
C THR D 182 -23.10 34.14 -11.67
N ARG D 183 -23.56 33.56 -12.78
CA ARG D 183 -24.96 33.20 -12.94
C ARG D 183 -25.09 31.73 -13.19
N ILE D 184 -26.23 31.15 -12.77
CA ILE D 184 -26.55 29.77 -13.03
C ILE D 184 -26.89 29.69 -14.52
N MSE D 185 -26.33 28.70 -15.23
CA MSE D 185 -26.47 28.53 -16.69
C MSE D 185 -27.20 27.25 -17.04
O MSE D 185 -27.30 26.34 -16.21
CB MSE D 185 -25.07 28.52 -17.37
CG MSE D 185 -24.40 29.90 -17.31
SE MSE D 185 -22.53 29.96 -17.84
CE MSE D 185 -22.82 30.26 -19.74
N VAL D 186 -27.76 27.20 -18.26
CA VAL D 186 -28.46 26.00 -18.78
C VAL D 186 -27.86 25.73 -20.14
N PRO D 187 -26.64 25.16 -20.18
CA PRO D 187 -25.94 24.95 -21.47
C PRO D 187 -26.53 23.85 -22.37
N VAL D 188 -27.40 22.98 -21.81
CA VAL D 188 -28.08 21.88 -22.50
C VAL D 188 -29.51 21.94 -22.04
N GLY D 189 -30.45 21.90 -22.97
CA GLY D 189 -31.87 22.06 -22.69
C GLY D 189 -32.18 23.54 -22.62
N ALA D 190 -33.17 23.91 -21.79
CA ALA D 190 -33.60 25.32 -21.63
C ALA D 190 -34.37 25.50 -20.32
N VAL D 191 -34.52 26.76 -19.87
CA VAL D 191 -35.16 27.08 -18.58
C VAL D 191 -36.66 26.74 -18.53
N ASP D 192 -37.36 26.74 -19.66
CA ASP D 192 -38.80 26.50 -19.74
C ASP D 192 -39.11 25.00 -19.99
N GLN D 193 -38.07 24.15 -20.00
CA GLN D 193 -38.31 22.72 -20.24
C GLN D 193 -38.86 22.04 -18.99
N PRO D 194 -39.69 20.97 -19.10
CA PRO D 194 -40.07 20.21 -17.90
C PRO D 194 -38.81 19.78 -17.12
N LEU D 195 -38.86 19.86 -15.79
CA LEU D 195 -37.75 19.46 -14.94
C LEU D 195 -37.59 17.92 -14.89
N GLY D 196 -38.71 17.22 -14.76
CA GLY D 196 -38.75 15.76 -14.58
C GLY D 196 -38.01 15.43 -13.29
N LYS D 197 -37.24 14.34 -13.31
CA LYS D 197 -36.38 13.92 -12.20
C LYS D 197 -35.05 14.72 -12.22
N ILE D 198 -34.64 15.32 -11.10
CA ILE D 198 -33.37 16.07 -11.03
C ILE D 198 -32.32 15.30 -10.22
N ALA D 199 -31.08 15.32 -10.69
CA ALA D 199 -29.93 14.74 -10.03
C ALA D 199 -28.88 15.84 -9.75
N VAL D 200 -28.68 16.18 -8.46
CA VAL D 200 -27.70 17.17 -8.03
C VAL D 200 -26.36 16.44 -7.89
N VAL D 201 -25.56 16.45 -8.95
CA VAL D 201 -24.28 15.74 -9.02
C VAL D 201 -23.15 16.68 -8.50
N HIS D 202 -22.96 16.70 -7.17
CA HIS D 202 -21.97 17.51 -6.45
C HIS D 202 -21.56 16.70 -5.22
N GLY D 203 -20.34 16.90 -4.71
CA GLY D 203 -19.88 16.06 -3.60
C GLY D 203 -19.39 14.68 -4.06
N ALA D 204 -19.06 14.53 -5.36
CA ALA D 204 -18.47 13.29 -5.89
C ALA D 204 -17.02 13.60 -6.44
N GLY D 205 -16.43 14.71 -5.97
CA GLY D 205 -15.04 15.04 -6.27
C GLY D 205 -14.88 16.06 -7.38
N THR D 206 -15.47 15.76 -8.55
CA THR D 206 -15.54 16.63 -9.71
C THR D 206 -16.84 16.33 -10.41
N ASN D 207 -17.23 17.22 -11.35
CA ASN D 207 -18.44 17.02 -12.16
C ASN D 207 -18.30 15.73 -12.98
N GLY D 208 -19.40 15.12 -13.39
CA GLY D 208 -19.29 13.86 -14.16
C GLY D 208 -19.08 14.02 -15.65
N GLY D 209 -18.98 15.25 -16.16
CA GLY D 209 -18.80 15.47 -17.60
C GLY D 209 -19.86 14.87 -18.50
N TYR D 210 -19.55 14.69 -19.80
CA TYR D 210 -20.49 14.17 -20.80
C TYR D 210 -21.05 12.78 -20.42
N ALA D 211 -20.16 11.78 -20.19
CA ALA D 211 -20.55 10.35 -20.02
C ALA D 211 -21.57 10.14 -18.90
N VAL D 212 -21.37 10.77 -17.72
CA VAL D 212 -22.28 10.67 -16.57
C VAL D 212 -23.65 11.39 -16.84
N ALA D 213 -23.68 12.60 -17.45
CA ALA D 213 -24.98 13.24 -17.75
C ALA D 213 -25.72 12.41 -18.79
N ARG D 214 -25.02 11.94 -19.84
CA ARG D 214 -25.56 11.09 -20.92
C ARG D 214 -26.23 9.87 -20.30
N ALA D 215 -25.59 9.24 -19.25
CA ALA D 215 -26.16 8.06 -18.56
C ALA D 215 -27.42 8.43 -17.72
N TYR D 216 -27.46 9.64 -17.08
CA TYR D 216 -28.66 10.06 -16.36
C TYR D 216 -29.80 10.30 -17.35
N PHE D 217 -29.52 11.05 -18.45
CA PHE D 217 -30.53 11.40 -19.49
C PHE D 217 -31.19 10.14 -20.11
N ASP D 218 -30.37 9.11 -20.34
CA ASP D 218 -30.78 7.88 -21.00
C ASP D 218 -31.42 6.89 -20.04
N HIS D 219 -31.44 7.21 -18.74
CA HIS D 219 -32.02 6.30 -17.74
C HIS D 219 -32.99 6.97 -16.74
N GLY D 220 -33.89 7.82 -17.26
CA GLY D 220 -35.01 8.45 -16.54
C GLY D 220 -34.81 9.75 -15.77
N VAL D 221 -33.62 10.35 -15.86
CA VAL D 221 -33.26 11.58 -15.11
C VAL D 221 -33.04 12.70 -16.16
N ARG D 222 -34.11 13.44 -16.44
CA ARG D 222 -34.14 14.49 -17.46
C ARG D 222 -33.27 15.71 -17.11
N THR D 223 -33.04 16.00 -15.80
CA THR D 223 -32.23 17.17 -15.47
C THR D 223 -31.02 16.77 -14.60
N VAL D 224 -29.84 17.16 -15.06
CA VAL D 224 -28.59 16.96 -14.33
C VAL D 224 -28.06 18.32 -13.94
N LEU D 225 -27.63 18.43 -12.67
CA LEU D 225 -26.99 19.63 -12.15
C LEU D 225 -25.51 19.32 -11.79
N TYR D 226 -24.59 20.16 -12.33
CA TYR D 226 -23.14 20.17 -12.05
C TYR D 226 -22.79 21.52 -11.54
N ILE D 227 -21.65 21.67 -10.88
CA ILE D 227 -21.28 23.02 -10.46
C ILE D 227 -20.42 23.65 -11.58
N HIS D 228 -19.85 22.79 -12.43
CA HIS D 228 -18.93 23.17 -13.52
C HIS D 228 -18.93 22.07 -14.57
N ILE D 229 -18.56 22.41 -15.81
CA ILE D 229 -18.41 21.39 -16.89
C ILE D 229 -17.39 21.88 -17.93
N ALA D 230 -16.60 20.95 -18.50
CA ALA D 230 -15.69 21.29 -19.58
C ALA D 230 -16.53 21.79 -20.78
N PRO D 231 -16.16 22.94 -21.35
CA PRO D 231 -16.97 23.49 -22.47
C PRO D 231 -17.20 22.53 -23.64
N GLU D 232 -16.21 21.71 -23.98
CA GLU D 232 -16.29 20.75 -25.09
C GLU D 232 -17.27 19.62 -24.73
N GLU D 233 -17.37 19.29 -23.45
CA GLU D 233 -18.29 18.28 -22.93
C GLU D 233 -19.72 18.84 -22.92
N ALA D 234 -19.90 20.14 -22.54
CA ALA D 234 -21.23 20.78 -22.63
C ALA D 234 -21.74 20.77 -24.09
N GLU D 235 -20.85 21.05 -25.07
CA GLU D 235 -21.22 21.15 -26.49
C GLU D 235 -21.66 19.79 -27.07
N ARG D 236 -20.89 18.70 -26.85
CA ARG D 236 -21.31 17.35 -27.26
C ARG D 236 -22.71 16.96 -26.71
N LEU D 237 -22.98 17.24 -25.42
CA LEU D 237 -24.26 16.98 -24.76
C LEU D 237 -25.40 17.82 -25.37
N ARG D 238 -25.11 19.11 -25.66
CA ARG D 238 -26.02 20.06 -26.28
C ARG D 238 -26.38 19.57 -27.68
N ARG D 239 -25.37 19.23 -28.52
CA ARG D 239 -25.56 18.72 -29.88
C ARG D 239 -26.42 17.42 -29.92
N GLU D 240 -26.24 16.52 -28.95
CA GLU D 240 -26.99 15.26 -28.86
C GLU D 240 -28.35 15.44 -28.19
N GLY D 241 -28.43 16.36 -27.22
CA GLY D 241 -29.65 16.61 -26.46
C GLY D 241 -30.13 15.42 -25.62
N GLY D 242 -31.43 15.42 -25.30
CA GLY D 242 -32.02 14.35 -24.49
C GLY D 242 -32.23 14.70 -23.02
N GLY D 243 -31.99 15.96 -22.65
CA GLY D 243 -32.22 16.43 -21.28
C GLY D 243 -31.75 17.84 -21.01
N ASN D 244 -31.72 18.23 -19.72
CA ASN D 244 -31.25 19.57 -19.34
C ASN D 244 -30.04 19.46 -18.49
N LEU D 245 -29.12 20.37 -18.67
CA LEU D 245 -27.99 20.45 -17.79
C LEU D 245 -28.02 21.78 -17.10
N ILE D 246 -27.98 21.80 -15.76
CA ILE D 246 -27.87 23.10 -15.06
C ILE D 246 -26.43 23.20 -14.59
N VAL D 247 -25.74 24.33 -14.87
CA VAL D 247 -24.36 24.50 -14.39
C VAL D 247 -24.35 25.72 -13.48
N THR D 248 -24.22 25.48 -12.15
CA THR D 248 -24.45 26.46 -11.11
C THR D 248 -23.31 27.39 -10.80
N GLY D 249 -22.07 26.99 -11.09
CA GLY D 249 -20.94 27.89 -10.87
C GLY D 249 -20.03 27.40 -9.77
N HIS D 250 -18.77 27.09 -10.16
CA HIS D 250 -17.72 26.51 -9.32
C HIS D 250 -17.65 27.14 -7.89
N ILE D 251 -17.31 28.42 -7.77
CA ILE D 251 -17.08 29.08 -6.47
C ILE D 251 -18.37 29.20 -5.64
N ALA D 252 -19.47 29.72 -6.26
CA ALA D 252 -20.75 29.90 -5.55
C ALA D 252 -21.20 28.61 -4.95
N SER D 253 -21.14 27.51 -5.74
CA SER D 253 -21.53 26.17 -5.31
C SER D 253 -20.63 25.67 -4.23
N ASP D 254 -19.30 25.89 -4.30
CA ASP D 254 -18.41 25.40 -3.23
C ASP D 254 -18.63 26.14 -1.91
N LEU D 255 -19.05 27.40 -2.00
CA LEU D 255 -19.31 28.21 -0.81
C LEU D 255 -20.51 27.76 0.02
N VAL D 256 -21.43 26.95 -0.55
CA VAL D 256 -22.63 26.53 0.18
C VAL D 256 -22.23 25.66 1.41
N GLY D 257 -21.34 24.69 1.17
CA GLY D 257 -20.82 23.80 2.21
C GLY D 257 -19.78 24.52 3.05
N ILE D 258 -18.89 25.31 2.41
CA ILE D 258 -17.79 26.11 3.02
C ILE D 258 -18.35 27.11 4.01
N ASN D 259 -19.44 27.83 3.67
CA ASN D 259 -19.98 28.82 4.59
C ASN D 259 -20.55 28.18 5.83
N ARG D 260 -21.13 26.97 5.72
CA ARG D 260 -21.60 26.27 6.92
C ARG D 260 -20.44 25.93 7.84
N TYR D 261 -19.29 25.50 7.24
CA TYR D 261 -18.10 25.11 7.94
C TYR D 261 -17.44 26.33 8.67
N VAL D 262 -17.27 27.46 7.99
CA VAL D 262 -16.67 28.69 8.55
C VAL D 262 -17.51 29.13 9.76
N GLN D 263 -18.83 29.02 9.66
CA GLN D 263 -19.73 29.39 10.76
C GLN D 263 -19.45 28.52 11.98
N ALA D 264 -19.34 27.18 11.79
CA ALA D 264 -19.07 26.19 12.85
C ALA D 264 -17.71 26.44 13.54
N LEU D 265 -16.65 26.87 12.78
CA LEU D 265 -15.35 27.24 13.35
C LEU D 265 -15.47 28.50 14.20
N GLU D 266 -16.15 29.54 13.66
CA GLU D 266 -16.35 30.82 14.36
C GLU D 266 -17.13 30.62 15.65
N GLU D 267 -18.14 29.72 15.67
CA GLU D 267 -18.93 29.39 16.88
C GLU D 267 -18.00 28.71 17.92
N ARG D 268 -16.92 28.10 17.43
CA ARG D 268 -15.91 27.46 18.26
C ARG D 268 -14.83 28.50 18.66
N GLY D 269 -14.95 29.74 18.15
CA GLY D 269 -14.06 30.85 18.50
C GLY D 269 -12.81 31.00 17.67
N VAL D 270 -12.78 30.34 16.51
CA VAL D 270 -11.66 30.48 15.60
C VAL D 270 -11.95 31.66 14.67
N GLU D 271 -10.97 32.56 14.47
CA GLU D 271 -11.09 33.65 13.51
C GLU D 271 -10.72 33.12 12.11
N VAL D 272 -11.59 33.31 11.11
CA VAL D 272 -11.33 32.85 9.74
C VAL D 272 -11.06 34.04 8.84
N VAL D 273 -9.81 34.15 8.33
CA VAL D 273 -9.46 35.22 7.38
C VAL D 273 -9.85 34.64 6.01
N ARG D 274 -10.92 35.19 5.43
CA ARG D 274 -11.51 34.71 4.18
C ARG D 274 -10.78 35.27 2.95
N MSE D 275 -10.42 34.40 1.99
CA MSE D 275 -9.78 34.83 0.76
C MSE D 275 -9.93 33.71 -0.30
O MSE D 275 -10.67 32.75 -0.05
CB MSE D 275 -8.32 35.35 0.93
CG MSE D 275 -7.43 34.51 1.83
SE MSE D 275 -7.13 32.70 1.12
CE MSE D 275 -5.84 33.17 -0.26
N SER D 276 -9.38 33.91 -1.52
CA SER D 276 -9.54 32.95 -2.65
C SER D 276 -10.99 32.50 -2.81
N GLY D 277 -11.93 33.47 -2.89
CA GLY D 277 -13.34 33.15 -3.13
C GLY D 277 -14.29 33.20 -1.96
N LEU D 278 -13.78 33.05 -0.72
CA LEU D 278 -14.59 33.19 0.50
C LEU D 278 -14.80 34.66 0.79
N MSE E 4 34.71 1.44 22.76
CA MSE E 4 33.87 1.40 21.56
C MSE E 4 32.39 1.64 21.91
O MSE E 4 31.81 0.90 22.72
CB MSE E 4 34.01 0.05 20.82
CG MSE E 4 34.93 0.10 19.58
SE MSE E 4 35.15 -1.66 18.65
CE MSE E 4 35.91 -2.71 20.13
N ALA E 5 31.77 2.67 21.29
CA ALA E 5 30.35 2.99 21.49
C ALA E 5 29.47 1.84 21.03
N GLY E 6 28.31 1.65 21.67
CA GLY E 6 27.34 0.63 21.30
C GLY E 6 26.78 0.89 19.91
N LEU E 7 26.27 -0.13 19.26
CA LEU E 7 25.74 0.04 17.90
C LEU E 7 24.22 0.33 17.89
N SER E 8 23.78 0.95 16.80
CA SER E 8 22.39 1.20 16.57
C SER E 8 21.77 -0.04 15.88
N THR E 9 20.45 -0.18 15.90
CA THR E 9 19.81 -1.23 15.15
C THR E 9 20.02 -0.99 13.66
N ALA E 10 20.13 0.30 13.22
CA ALA E 10 20.36 0.65 11.81
C ALA E 10 21.75 0.09 11.40
N GLU E 11 22.77 0.21 12.29
CA GLU E 11 24.13 -0.33 12.09
C GLU E 11 24.09 -1.90 12.11
N LEU E 12 23.38 -2.53 13.07
CA LEU E 12 23.28 -3.99 13.05
C LEU E 12 22.69 -4.53 11.70
N VAL E 13 21.77 -3.79 11.10
CA VAL E 13 21.17 -4.15 9.80
C VAL E 13 22.22 -3.92 8.69
N ASP E 14 22.91 -2.76 8.70
CA ASP E 14 23.92 -2.38 7.69
C ASP E 14 25.06 -3.41 7.54
N ILE E 15 25.54 -3.94 8.66
CA ILE E 15 26.61 -4.95 8.72
C ILE E 15 26.16 -6.21 7.95
N ALA E 16 24.89 -6.60 8.12
CA ALA E 16 24.30 -7.80 7.48
C ALA E 16 24.09 -7.55 6.01
N LEU E 17 23.65 -6.35 5.62
CA LEU E 17 23.43 -6.02 4.21
C LEU E 17 24.76 -5.92 3.45
N GLU E 18 25.82 -5.31 4.08
CA GLU E 18 27.18 -5.18 3.53
C GLU E 18 27.71 -6.57 3.16
N MSE E 19 27.66 -7.56 4.10
CA MSE E 19 28.15 -8.90 3.83
C MSE E 19 27.30 -9.68 2.80
O MSE E 19 27.88 -10.49 2.08
CB MSE E 19 28.36 -9.73 5.09
CG MSE E 19 27.16 -9.97 5.96
SE MSE E 19 27.71 -11.20 7.45
CE MSE E 19 28.85 -10.02 8.37
N ALA E 20 25.95 -9.45 2.74
CA ALA E 20 25.06 -10.12 1.75
C ALA E 20 25.10 -9.42 0.39
N GLU E 21 25.70 -8.22 0.33
CA GLU E 21 25.80 -7.35 -0.86
C GLU E 21 24.39 -6.95 -1.27
N MSE E 22 23.64 -6.48 -0.28
CA MSE E 22 22.27 -6.04 -0.51
C MSE E 22 22.18 -4.58 -0.22
O MSE E 22 22.76 -4.10 0.76
CB MSE E 22 21.29 -6.82 0.38
CG MSE E 22 21.02 -8.22 -0.10
SE MSE E 22 19.93 -9.14 1.21
CE MSE E 22 19.58 -10.86 0.24
N ARG E 23 21.41 -3.87 -1.01
CA ARG E 23 21.27 -2.44 -0.82
C ARG E 23 20.18 -2.11 0.22
N THR E 24 19.25 -3.05 0.50
CA THR E 24 18.16 -2.77 1.46
C THR E 24 17.67 -4.02 2.15
N LEU E 25 17.19 -3.83 3.37
CA LEU E 25 16.68 -4.95 4.17
C LEU E 25 15.53 -5.70 3.42
N PRO E 26 15.68 -7.01 3.18
CA PRO E 26 14.64 -7.77 2.47
C PRO E 26 13.33 -7.87 3.29
N ALA E 27 12.23 -8.20 2.60
CA ALA E 27 10.86 -8.24 3.14
C ALA E 27 10.64 -9.24 4.32
N ASP E 28 11.55 -10.27 4.53
CA ASP E 28 11.40 -11.23 5.62
C ASP E 28 12.17 -10.78 6.89
N SER E 29 12.65 -9.55 6.90
CA SER E 29 13.45 -9.11 8.06
C SER E 29 12.96 -7.74 8.50
N ALA E 30 12.92 -7.42 9.80
CA ALA E 30 12.46 -6.08 10.23
C ALA E 30 13.03 -5.69 11.54
N VAL E 31 13.04 -4.40 11.80
CA VAL E 31 13.35 -3.81 13.08
C VAL E 31 12.01 -3.60 13.75
N TYR E 32 11.75 -4.26 14.91
CA TYR E 32 10.46 -4.08 15.58
C TYR E 32 10.55 -2.96 16.63
N VAL E 33 11.69 -2.89 17.32
CA VAL E 33 12.03 -1.90 18.35
C VAL E 33 13.49 -1.45 18.06
N GLU E 34 13.58 -0.14 17.70
CA GLU E 34 14.84 0.57 17.42
C GLU E 34 15.54 0.94 18.68
N SER E 35 16.87 1.15 18.56
CA SER E 35 17.77 1.63 19.61
C SER E 35 18.98 2.27 18.98
N THR E 36 19.63 3.19 19.71
CA THR E 36 20.83 3.85 19.25
C THR E 36 22.12 3.35 19.93
N ASP E 37 22.03 2.43 20.95
CA ASP E 37 23.24 2.03 21.71
C ASP E 37 23.11 0.61 22.30
N LEU E 38 23.52 -0.39 21.51
CA LEU E 38 23.48 -1.81 21.91
C LEU E 38 24.91 -2.32 22.03
N LYS E 39 25.32 -2.71 23.24
CA LYS E 39 26.69 -3.21 23.54
C LYS E 39 26.71 -4.73 23.80
N ARG E 40 25.58 -5.24 24.32
CA ARG E 40 25.41 -6.65 24.66
C ARG E 40 23.99 -7.06 24.22
N VAL E 41 23.95 -7.94 23.21
CA VAL E 41 22.72 -8.41 22.62
C VAL E 41 22.60 -9.91 22.80
N MSE E 42 21.36 -10.43 22.79
CA MSE E 42 21.09 -11.86 22.83
C MSE E 42 20.66 -12.23 21.44
O MSE E 42 19.90 -11.49 20.84
CB MSE E 42 19.99 -12.20 23.86
CG MSE E 42 19.97 -13.69 24.26
SE MSE E 42 18.34 -14.17 25.26
CE MSE E 42 16.96 -13.89 23.82
N MSE E 43 21.23 -13.27 20.85
CA MSE E 43 20.85 -13.65 19.51
C MSE E 43 20.43 -15.10 19.48
O MSE E 43 21.15 -15.99 20.00
CB MSE E 43 21.96 -13.38 18.48
CG MSE E 43 21.47 -13.63 17.03
SE MSE E 43 22.64 -13.08 15.63
CE MSE E 43 21.43 -13.59 14.08
N GLY E 44 19.30 -15.34 18.84
CA GLY E 44 18.76 -16.69 18.69
C GLY E 44 18.11 -16.85 17.35
N ILE E 45 17.97 -18.12 16.91
CA ILE E 45 17.31 -18.39 15.62
C ILE E 45 15.78 -18.12 15.77
N ASP E 46 15.16 -18.63 16.85
CA ASP E 46 13.73 -18.48 17.12
C ASP E 46 13.50 -17.65 18.35
N ILE E 47 12.92 -16.46 18.17
CA ILE E 47 12.61 -15.57 19.29
C ILE E 47 11.16 -15.24 19.29
N GLY E 48 10.52 -15.60 20.38
CA GLY E 48 9.14 -15.27 20.72
C GLY E 48 9.11 -14.54 22.06
N PRO E 49 7.91 -14.33 22.62
CA PRO E 49 7.78 -13.58 23.90
C PRO E 49 8.60 -14.15 25.08
N ALA E 50 8.66 -15.48 25.22
CA ALA E 50 9.43 -16.09 26.30
C ALA E 50 10.93 -15.71 26.17
N GLU E 51 11.46 -15.65 24.94
CA GLU E 51 12.87 -15.31 24.76
C GLU E 51 13.16 -13.84 25.05
N LEU E 52 12.16 -12.95 24.76
CA LEU E 52 12.26 -11.54 25.09
C LEU E 52 12.25 -11.35 26.59
N LEU E 53 11.39 -12.10 27.33
CA LEU E 53 11.39 -12.02 28.79
C LEU E 53 12.75 -12.52 29.32
N LEU E 54 13.34 -13.52 28.65
CA LEU E 54 14.64 -14.08 29.05
C LEU E 54 15.74 -13.02 28.91
N ALA E 55 15.77 -12.31 27.75
CA ALA E 55 16.77 -11.29 27.48
C ALA E 55 16.74 -10.21 28.58
N ARG E 56 15.55 -9.83 29.07
CA ARG E 56 15.36 -8.81 30.12
C ARG E 56 15.88 -9.32 31.46
N GLN E 57 15.65 -10.58 31.76
CA GLN E 57 16.15 -11.20 33.00
C GLN E 57 17.71 -11.23 32.99
N LEU E 58 18.30 -11.41 31.79
CA LEU E 58 19.75 -11.46 31.62
C LEU E 58 20.36 -10.04 31.50
N GLY E 59 19.49 -9.02 31.42
CA GLY E 59 19.87 -7.61 31.31
C GLY E 59 20.42 -7.26 29.94
N CYS E 60 19.95 -7.93 28.86
CA CYS E 60 20.44 -7.67 27.52
C CYS E 60 19.91 -6.31 27.01
N ASP E 61 20.74 -5.62 26.19
CA ASP E 61 20.43 -4.33 25.58
C ASP E 61 19.37 -4.50 24.49
N GLY E 62 19.43 -5.62 23.80
CA GLY E 62 18.49 -5.85 22.71
C GLY E 62 18.56 -7.29 22.24
N VAL E 63 17.62 -7.70 21.37
CA VAL E 63 17.59 -9.07 20.85
C VAL E 63 17.66 -9.05 19.32
N ILE E 64 18.43 -10.01 18.76
CA ILE E 64 18.51 -10.24 17.30
C ILE E 64 17.91 -11.63 17.07
N ALA E 65 16.89 -11.76 16.18
CA ALA E 65 16.35 -13.07 15.85
C ALA E 65 16.75 -13.41 14.42
N HIS E 66 16.66 -14.68 14.03
CA HIS E 66 16.88 -15.06 12.64
C HIS E 66 15.47 -15.16 11.99
N HIS E 67 14.64 -16.06 12.48
CA HIS E 67 13.33 -16.26 11.91
C HIS E 67 12.40 -15.00 12.03
N PRO E 68 11.60 -14.65 10.98
CA PRO E 68 10.57 -13.57 11.15
C PRO E 68 9.82 -13.72 12.47
N ALA E 69 9.66 -12.62 13.22
CA ALA E 69 9.02 -12.67 14.54
C ALA E 69 7.63 -11.99 14.53
N GLY E 70 7.21 -11.55 13.35
CA GLY E 70 5.93 -10.86 13.20
C GLY E 70 6.13 -9.60 12.38
N GLY E 71 5.27 -8.62 12.63
CA GLY E 71 5.26 -7.33 11.93
C GLY E 71 5.32 -7.46 10.42
N SER E 72 6.11 -6.58 9.77
CA SER E 72 6.23 -6.61 8.31
C SER E 72 7.08 -7.81 7.82
N ALA E 73 7.93 -8.42 8.69
CA ALA E 73 8.72 -9.60 8.33
C ALA E 73 7.80 -10.80 8.03
N THR E 74 6.88 -11.10 8.96
CA THR E 74 5.87 -12.16 8.77
C THR E 74 4.86 -11.71 7.69
N LEU E 75 4.50 -10.43 7.66
CA LEU E 75 3.48 -10.01 6.68
C LEU E 75 3.98 -10.08 5.21
N ASN E 76 5.21 -9.62 4.96
CA ASN E 76 5.73 -9.48 3.59
C ASN E 76 6.64 -10.60 3.19
N PHE E 77 6.83 -11.58 4.10
CA PHE E 77 7.64 -12.78 3.84
C PHE E 77 7.39 -13.30 2.39
N PRO E 78 6.14 -13.41 1.84
CA PRO E 78 6.02 -14.04 0.49
C PRO E 78 6.72 -13.28 -0.64
N GLU E 79 7.06 -11.98 -0.42
CA GLU E 79 7.78 -11.19 -1.44
C GLU E 79 9.17 -11.74 -1.75
N VAL E 80 9.82 -12.45 -0.79
CA VAL E 80 11.19 -12.93 -0.99
C VAL E 80 11.20 -14.20 -1.90
N LEU E 81 10.06 -14.90 -2.00
CA LEU E 81 9.96 -16.20 -2.70
C LEU E 81 10.36 -16.18 -4.13
N THR E 82 10.26 -15.04 -4.77
CA THR E 82 10.61 -14.82 -6.18
C THR E 82 12.13 -15.10 -6.36
N ARG E 83 12.91 -14.99 -5.25
CA ARG E 83 14.34 -15.35 -5.29
C ARG E 83 14.50 -16.87 -5.76
N HIS E 84 13.46 -17.74 -5.58
CA HIS E 84 13.51 -19.13 -6.11
C HIS E 84 13.56 -19.10 -7.62
N VAL E 85 12.86 -18.12 -8.25
CA VAL E 85 12.81 -17.99 -9.72
C VAL E 85 14.21 -17.63 -10.19
N GLU E 86 14.87 -16.69 -9.51
CA GLU E 86 16.20 -16.24 -9.91
C GLU E 86 17.21 -17.41 -9.88
N LEU E 87 17.20 -18.19 -8.82
CA LEU E 87 18.05 -19.34 -8.65
C LEU E 87 17.79 -20.38 -9.72
N MSE E 88 16.53 -20.66 -10.04
CA MSE E 88 16.24 -21.65 -11.09
C MSE E 88 16.74 -21.16 -12.47
O MSE E 88 17.29 -21.94 -13.24
CB MSE E 88 14.74 -21.95 -11.15
CG MSE E 88 14.31 -23.00 -10.09
SE MSE E 88 12.43 -23.52 -10.18
CE MSE E 88 11.76 -22.15 -9.05
N VAL E 89 16.50 -19.87 -12.78
CA VAL E 89 16.91 -19.32 -14.07
C VAL E 89 18.44 -19.34 -14.09
N GLU E 90 19.05 -19.04 -12.94
CA GLU E 90 20.52 -19.04 -12.85
C GLU E 90 21.12 -20.40 -13.26
N HIS E 91 20.37 -21.49 -12.98
CA HIS E 91 20.76 -22.87 -13.22
C HIS E 91 20.21 -23.44 -14.50
N GLY E 92 19.65 -22.56 -15.36
CA GLY E 92 19.16 -22.90 -16.69
C GLY E 92 17.74 -23.39 -16.78
N VAL E 93 16.94 -23.28 -15.72
CA VAL E 93 15.51 -23.66 -15.80
C VAL E 93 14.76 -22.51 -16.57
N PRO E 94 13.89 -22.77 -17.58
CA PRO E 94 13.21 -21.66 -18.26
C PRO E 94 12.41 -20.84 -17.26
N ALA E 95 12.39 -19.52 -17.41
CA ALA E 95 11.66 -18.58 -16.53
C ALA E 95 10.19 -19.00 -16.34
N THR E 96 9.49 -19.41 -17.42
CA THR E 96 8.08 -19.79 -17.28
C THR E 96 7.96 -21.00 -16.41
N ALA E 97 8.78 -22.04 -16.63
CA ALA E 97 8.80 -23.27 -15.83
C ALA E 97 9.10 -22.94 -14.38
N ALA E 98 10.11 -22.07 -14.14
CA ALA E 98 10.53 -21.60 -12.81
C ALA E 98 9.37 -20.80 -12.10
N ARG E 99 8.75 -19.83 -12.80
CA ARG E 99 7.62 -19.12 -12.25
C ARG E 99 6.45 -20.05 -11.94
N ASP E 100 6.11 -21.04 -12.81
CA ASP E 100 5.00 -21.96 -12.56
C ASP E 100 5.26 -22.84 -11.32
N ALA E 101 6.54 -23.18 -11.07
CA ALA E 101 6.97 -24.06 -10.01
C ALA E 101 6.72 -23.50 -8.64
N ILE E 102 6.85 -22.17 -8.47
CA ILE E 102 6.63 -21.55 -7.15
C ILE E 102 5.18 -21.10 -6.94
N GLN E 103 4.32 -21.21 -7.95
CA GLN E 103 2.95 -20.68 -7.81
C GLN E 103 2.14 -21.29 -6.58
N GLY E 104 2.28 -22.59 -6.32
CA GLY E 104 1.65 -23.30 -5.21
C GLY E 104 2.14 -22.71 -3.88
N LEU E 105 3.47 -22.70 -3.69
CA LEU E 105 4.12 -22.18 -2.47
C LEU E 105 3.73 -20.68 -2.25
N LEU E 106 3.72 -19.86 -3.32
CA LEU E 106 3.37 -18.44 -3.21
C LEU E 106 1.88 -18.25 -2.75
N THR E 107 0.92 -18.96 -3.41
CA THR E 107 -0.52 -18.86 -3.09
C THR E 107 -0.79 -19.18 -1.61
N ARG E 108 -0.18 -20.27 -1.09
CA ARG E 108 -0.32 -20.73 0.30
C ARG E 108 0.43 -19.80 1.26
N SER E 109 1.59 -19.25 0.84
CA SER E 109 2.38 -18.31 1.71
C SER E 109 1.62 -16.99 1.90
N LEU E 110 0.91 -16.53 0.86
CA LEU E 110 0.09 -15.32 0.97
C LEU E 110 -1.09 -15.53 1.93
N LEU E 111 -1.71 -16.72 1.91
CA LEU E 111 -2.83 -17.03 2.80
C LEU E 111 -2.32 -17.17 4.26
N ARG E 112 -1.15 -17.79 4.45
CA ARG E 112 -0.61 -17.95 5.77
C ARG E 112 -0.20 -16.60 6.36
N ALA E 113 0.39 -15.71 5.54
CA ALA E 113 0.80 -14.34 5.91
C ALA E 113 -0.38 -13.48 6.39
N GLN E 114 -1.54 -13.55 5.70
CA GLN E 114 -2.75 -12.79 6.04
C GLN E 114 -3.35 -13.26 7.39
N SER E 115 -3.11 -14.54 7.73
CA SER E 115 -3.71 -15.21 8.90
C SER E 115 -2.95 -15.02 10.19
N ALA E 116 -1.67 -14.66 10.12
CA ALA E 116 -0.82 -14.54 11.31
C ALA E 116 -1.27 -13.43 12.21
N ASN E 117 -0.83 -13.53 13.45
CA ASN E 117 -1.06 -12.50 14.47
C ASN E 117 0.27 -11.68 14.47
N HIS E 118 0.44 -10.82 13.43
CA HIS E 118 1.70 -10.10 13.21
C HIS E 118 2.17 -9.29 14.40
N ASP E 119 1.28 -8.73 15.17
CA ASP E 119 1.81 -7.85 16.20
C ASP E 119 2.03 -8.55 17.52
N HIS E 120 1.87 -9.89 17.58
CA HIS E 120 1.99 -10.58 18.84
C HIS E 120 3.41 -10.41 19.48
N THR E 121 4.51 -10.91 18.84
CA THR E 121 5.89 -10.78 19.43
C THR E 121 6.31 -9.27 19.43
N PRO E 122 6.09 -8.44 18.38
CA PRO E 122 6.44 -6.99 18.52
C PRO E 122 5.74 -6.33 19.70
N SER E 123 4.43 -6.63 19.98
CA SER E 123 3.74 -5.96 21.10
C SER E 123 4.47 -6.28 22.43
N VAL E 124 4.98 -7.53 22.59
CA VAL E 124 5.70 -7.91 23.83
C VAL E 124 7.04 -7.14 23.90
N ALA E 125 7.73 -7.03 22.77
CA ALA E 125 8.99 -6.30 22.71
C ALA E 125 8.74 -4.81 23.04
N ARG E 126 7.64 -4.22 22.53
CA ARG E 126 7.34 -2.81 22.81
C ARG E 126 7.01 -2.57 24.34
N LEU E 127 6.21 -3.46 24.94
CA LEU E 127 5.82 -3.41 26.36
C LEU E 127 7.02 -3.59 27.28
N LEU E 128 7.98 -4.41 26.88
CA LEU E 128 9.24 -4.59 27.59
C LEU E 128 10.27 -3.51 27.28
N GLU E 129 10.06 -2.71 26.21
CA GLU E 129 11.00 -1.69 25.74
C GLU E 129 12.30 -2.39 25.45
N MSE E 130 12.16 -3.54 24.72
CA MSE E 130 13.31 -4.34 24.33
C MSE E 130 13.64 -4.13 22.86
O MSE E 130 12.94 -4.71 22.02
CB MSE E 130 13.09 -5.84 24.64
CG MSE E 130 14.26 -6.77 24.23
SE MSE E 130 15.95 -6.41 25.16
CE MSE E 130 15.56 -7.15 26.91
N PRO E 131 14.77 -3.43 22.54
CA PRO E 131 15.23 -3.32 21.14
C PRO E 131 15.23 -4.71 20.52
N PHE E 132 14.62 -4.83 19.31
CA PHE E 132 14.36 -6.11 18.65
C PHE E 132 14.25 -6.05 17.10
N LEU E 133 14.99 -6.97 16.46
N LEU E 133 15.00 -6.95 16.46
CA LEU E 133 15.01 -7.09 15.02
CA LEU E 133 15.01 -7.11 15.02
C LEU E 133 15.32 -8.51 14.63
C LEU E 133 15.24 -8.55 14.66
N ASN E 134 14.85 -8.93 13.44
CA ASN E 134 15.18 -10.24 12.87
C ASN E 134 15.88 -9.93 11.53
N ILE E 135 16.91 -10.73 11.21
CA ILE E 135 17.71 -10.67 9.97
C ILE E 135 17.69 -12.12 9.44
N HIS E 136 16.89 -12.35 8.40
CA HIS E 136 16.70 -13.67 7.81
C HIS E 136 17.41 -13.83 6.46
N LEU E 137 16.76 -13.39 5.33
CA LEU E 137 17.36 -13.52 3.98
C LEU E 137 18.82 -13.00 3.82
N PRO E 138 19.29 -11.86 4.41
CA PRO E 138 20.71 -11.45 4.19
C PRO E 138 21.73 -12.48 4.73
N LEU E 139 21.41 -13.09 5.88
CA LEU E 139 22.31 -14.07 6.51
C LEU E 139 22.24 -15.41 5.77
N ASP E 140 21.05 -15.81 5.26
CA ASP E 140 20.96 -17.07 4.47
C ASP E 140 21.65 -16.95 3.09
N GLU E 141 21.73 -15.70 2.56
CA GLU E 141 22.36 -15.38 1.31
C GLU E 141 23.85 -15.58 1.46
N VAL E 142 24.40 -15.13 2.62
CA VAL E 142 25.81 -15.28 3.00
C VAL E 142 26.09 -16.76 3.12
N GLY E 143 25.23 -17.47 3.88
CA GLY E 143 25.34 -18.93 3.99
C GLY E 143 25.33 -19.65 2.64
N ARG E 144 24.39 -19.24 1.74
CA ARG E 144 24.28 -19.82 0.39
C ARG E 144 25.62 -19.72 -0.36
N ARG E 145 26.17 -18.49 -0.45
CA ARG E 145 27.40 -18.17 -1.15
C ARG E 145 28.58 -19.07 -0.68
N ILE E 146 28.77 -19.17 0.65
CA ILE E 146 29.82 -20.01 1.25
C ILE E 146 29.64 -21.47 0.81
N MSE E 147 28.39 -21.96 0.87
CA MSE E 147 28.04 -23.37 0.58
C MSE E 147 28.30 -23.69 -0.87
O MSE E 147 28.83 -24.74 -1.16
CB MSE E 147 26.58 -23.65 0.97
CG MSE E 147 26.43 -23.91 2.48
SE MSE E 147 24.53 -23.98 3.02
CE MSE E 147 24.13 -25.61 2.40
N VAL E 148 27.92 -22.76 -1.75
CA VAL E 148 28.15 -22.86 -3.21
C VAL E 148 29.68 -22.91 -3.45
N LYS E 149 30.43 -21.90 -2.92
CA LYS E 149 31.87 -21.83 -3.15
C LYS E 149 32.59 -23.11 -2.65
N THR E 150 32.22 -23.57 -1.45
CA THR E 150 32.77 -24.78 -0.80
C THR E 150 32.58 -26.01 -1.71
N ILE E 151 31.34 -26.26 -2.19
CA ILE E 151 31.04 -27.40 -3.04
C ILE E 151 31.73 -27.24 -4.41
N GLN E 152 31.61 -26.06 -5.06
CA GLN E 152 32.20 -25.85 -6.37
C GLN E 152 33.69 -26.09 -6.41
N GLU E 153 34.44 -25.57 -5.40
CA GLU E 153 35.88 -25.72 -5.38
C GLU E 153 36.24 -27.18 -5.19
N ALA E 154 35.39 -27.99 -4.54
CA ALA E 154 35.72 -29.42 -4.37
C ALA E 154 35.25 -30.29 -5.57
N VAL E 155 34.05 -30.03 -6.11
CA VAL E 155 33.48 -30.86 -7.17
C VAL E 155 33.97 -30.46 -8.59
N GLU E 156 34.28 -29.16 -8.86
CA GLU E 156 34.72 -28.70 -10.20
C GLU E 156 35.94 -29.48 -10.75
N PRO E 157 37.05 -29.78 -9.99
CA PRO E 157 38.16 -30.57 -10.57
C PRO E 157 37.77 -32.04 -10.85
N LEU E 158 36.67 -32.50 -10.23
CA LEU E 158 36.19 -33.87 -10.43
C LEU E 158 35.47 -34.01 -11.77
N GLY E 159 34.80 -32.95 -12.23
CA GLY E 159 34.06 -32.96 -13.50
C GLY E 159 32.88 -33.91 -13.44
N ASP E 160 32.71 -34.75 -14.48
CA ASP E 160 31.62 -35.75 -14.56
C ASP E 160 31.80 -36.90 -13.55
N GLU E 161 32.98 -37.01 -12.91
CA GLU E 161 33.25 -38.02 -11.89
C GLU E 161 32.66 -37.62 -10.54
N ALA E 162 32.34 -36.34 -10.34
CA ALA E 162 31.73 -35.92 -9.05
C ALA E 162 30.45 -36.70 -8.75
N ARG E 163 30.31 -37.11 -7.49
CA ARG E 163 29.17 -37.82 -6.97
C ARG E 163 28.51 -37.00 -5.90
N VAL E 164 27.26 -37.35 -5.51
CA VAL E 164 26.51 -36.75 -4.40
C VAL E 164 27.40 -36.72 -3.12
N GLN E 165 28.15 -37.83 -2.83
CA GLN E 165 29.06 -37.95 -1.67
C GLN E 165 30.12 -36.79 -1.63
N ASP E 166 30.64 -36.37 -2.82
CA ASP E 166 31.64 -35.30 -2.93
C ASP E 166 31.09 -33.93 -2.52
N ALA E 167 29.82 -33.63 -2.77
CA ALA E 167 29.25 -32.36 -2.35
C ALA E 167 29.05 -32.38 -0.83
N ILE E 168 28.60 -33.53 -0.28
CA ILE E 168 28.46 -33.77 1.18
C ILE E 168 29.86 -33.66 1.87
N ASP E 169 30.92 -34.32 1.29
CA ASP E 169 32.26 -34.20 1.83
C ASP E 169 32.67 -32.74 1.89
N ALA E 170 32.40 -32.00 0.83
CA ALA E 170 32.75 -30.58 0.79
C ALA E 170 31.99 -29.82 1.90
N LEU E 171 30.70 -30.07 2.08
CA LEU E 171 29.94 -29.39 3.12
C LEU E 171 30.44 -29.79 4.50
N MSE E 172 30.96 -31.03 4.65
CA MSE E 172 31.51 -31.52 5.93
C MSE E 172 32.86 -30.86 6.27
O MSE E 172 33.38 -31.10 7.38
CB MSE E 172 31.60 -33.08 5.98
CG MSE E 172 30.25 -33.74 6.13
SE MSE E 172 29.29 -33.23 7.76
CE MSE E 172 30.27 -34.51 9.06
N THR E 173 33.43 -30.03 5.36
CA THR E 173 34.64 -29.26 5.67
C THR E 173 34.22 -27.99 6.40
N LEU E 174 32.90 -27.67 6.40
CA LEU E 174 32.41 -26.48 7.13
C LEU E 174 32.23 -26.81 8.63
N PRO E 175 32.75 -25.98 9.58
CA PRO E 175 32.60 -26.36 11.01
C PRO E 175 31.13 -26.49 11.45
N GLU E 176 30.21 -25.76 10.79
CA GLU E 176 28.77 -25.83 11.15
C GLU E 176 28.20 -27.22 10.86
N PHE E 177 28.67 -27.93 9.80
CA PHE E 177 28.15 -29.29 9.51
C PHE E 177 28.97 -30.35 10.22
N ALA E 178 30.28 -30.17 10.23
CA ALA E 178 31.23 -31.06 10.90
C ALA E 178 30.87 -31.20 12.40
N GLY E 179 30.56 -30.09 13.07
CA GLY E 179 30.21 -30.07 14.49
C GLY E 179 28.73 -30.19 14.81
N ALA E 180 27.88 -30.33 13.82
CA ALA E 180 26.43 -30.41 14.07
C ALA E 180 26.02 -31.69 14.71
N ALA E 181 24.96 -31.63 15.56
CA ALA E 181 24.41 -32.84 16.15
C ALA E 181 23.67 -33.59 15.04
N THR E 182 23.18 -32.84 14.05
CA THR E 182 22.37 -33.41 12.97
C THR E 182 23.29 -33.98 11.90
N ARG E 183 22.73 -34.76 10.99
CA ARG E 183 23.50 -35.28 9.88
C ARG E 183 22.89 -34.79 8.60
N ILE E 184 23.75 -34.70 7.57
CA ILE E 184 23.33 -34.35 6.22
C ILE E 184 22.65 -35.60 5.67
N MSE E 185 21.46 -35.46 5.11
CA MSE E 185 20.68 -36.59 4.60
C MSE E 185 20.55 -36.49 3.10
O MSE E 185 20.73 -35.40 2.49
CB MSE E 185 19.30 -36.65 5.26
CG MSE E 185 19.37 -36.97 6.79
SE MSE E 185 17.69 -36.68 7.78
CE MSE E 185 16.67 -38.23 7.17
N VAL E 186 20.24 -37.64 2.48
CA VAL E 186 19.98 -37.73 1.03
C VAL E 186 18.62 -38.49 0.88
N PRO E 187 17.47 -37.82 1.16
CA PRO E 187 16.17 -38.51 1.07
C PRO E 187 15.71 -38.91 -0.31
N VAL E 188 16.33 -38.36 -1.34
CA VAL E 188 16.00 -38.67 -2.75
C VAL E 188 17.30 -38.99 -3.42
N GLY E 189 17.36 -40.05 -4.21
CA GLY E 189 18.63 -40.45 -4.83
C GLY E 189 19.53 -41.12 -3.81
N ALA E 190 20.84 -41.06 -4.00
CA ALA E 190 21.81 -41.72 -3.12
C ALA E 190 23.19 -41.04 -3.23
N VAL E 191 24.06 -41.30 -2.22
CA VAL E 191 25.43 -40.79 -2.06
C VAL E 191 26.32 -41.15 -3.27
N ASP E 192 26.15 -42.36 -3.82
CA ASP E 192 26.97 -42.90 -4.90
C ASP E 192 26.46 -42.54 -6.31
N GLN E 193 25.40 -41.70 -6.40
CA GLN E 193 24.86 -41.28 -7.67
C GLN E 193 25.69 -40.15 -8.24
N PRO E 194 25.80 -40.04 -9.59
CA PRO E 194 26.47 -38.86 -10.18
C PRO E 194 25.85 -37.57 -9.66
N LEU E 195 26.70 -36.55 -9.41
CA LEU E 195 26.20 -35.25 -8.95
C LEU E 195 25.48 -34.48 -10.07
N GLY E 196 26.07 -34.48 -11.26
CA GLY E 196 25.61 -33.66 -12.39
C GLY E 196 25.74 -32.22 -11.94
N LYS E 197 24.81 -31.36 -12.36
CA LYS E 197 24.79 -29.97 -11.91
C LYS E 197 24.08 -29.90 -10.55
N ILE E 198 24.64 -29.16 -9.60
CA ILE E 198 24.00 -28.98 -8.30
C ILE E 198 23.40 -27.56 -8.16
N ALA E 199 22.18 -27.46 -7.59
CA ALA E 199 21.60 -26.19 -7.22
C ALA E 199 21.48 -26.09 -5.68
N VAL E 200 22.21 -25.12 -5.08
CA VAL E 200 22.10 -24.85 -3.66
C VAL E 200 20.91 -23.91 -3.48
N VAL E 201 19.79 -24.46 -3.03
CA VAL E 201 18.54 -23.72 -2.87
C VAL E 201 18.38 -23.28 -1.42
N HIS E 202 18.96 -22.15 -1.08
CA HIS E 202 18.94 -21.59 0.28
C HIS E 202 19.03 -20.10 0.11
N GLY E 203 18.48 -19.32 1.04
CA GLY E 203 18.49 -17.86 0.86
C GLY E 203 17.37 -17.38 -0.04
N ALA E 204 16.34 -18.23 -0.29
CA ALA E 204 15.10 -17.88 -1.03
C ALA E 204 13.85 -17.83 -0.07
N GLY E 205 14.10 -17.81 1.25
CA GLY E 205 13.03 -17.66 2.25
C GLY E 205 12.65 -18.94 2.97
N THR E 206 12.29 -19.95 2.19
CA THR E 206 12.01 -21.29 2.64
C THR E 206 12.50 -22.26 1.53
N ASN E 207 12.60 -23.56 1.84
CA ASN E 207 12.98 -24.55 0.81
C ASN E 207 11.88 -24.53 -0.28
N GLY E 208 12.19 -24.96 -1.50
CA GLY E 208 11.14 -24.93 -2.52
C GLY E 208 10.27 -26.18 -2.59
N GLY E 209 10.32 -27.03 -1.57
CA GLY E 209 9.49 -28.26 -1.57
C GLY E 209 9.52 -29.13 -2.82
N TYR E 210 8.45 -29.91 -3.04
CA TYR E 210 8.38 -30.82 -4.17
C TYR E 210 8.58 -30.12 -5.53
N ALA E 211 7.70 -29.17 -5.86
CA ALA E 211 7.56 -28.52 -7.19
C ALA E 211 8.81 -27.84 -7.65
N VAL E 212 9.55 -27.16 -6.77
CA VAL E 212 10.83 -26.53 -7.16
C VAL E 212 11.89 -27.62 -7.48
N ALA E 213 12.01 -28.68 -6.66
CA ALA E 213 13.00 -29.73 -6.93
C ALA E 213 12.70 -30.46 -8.24
N ARG E 214 11.42 -30.71 -8.51
CA ARG E 214 10.92 -31.39 -9.72
C ARG E 214 11.31 -30.62 -10.97
N ALA E 215 11.15 -29.29 -10.93
CA ALA E 215 11.47 -28.38 -12.03
C ALA E 215 13.02 -28.38 -12.29
N TYR E 216 13.86 -28.36 -11.21
CA TYR E 216 15.32 -28.50 -11.37
C TYR E 216 15.69 -29.85 -12.00
N PHE E 217 15.07 -30.94 -11.53
CA PHE E 217 15.37 -32.30 -12.04
C PHE E 217 15.00 -32.42 -13.50
N ASP E 218 13.88 -31.84 -13.91
CA ASP E 218 13.36 -31.89 -15.29
C ASP E 218 14.07 -30.95 -16.26
N HIS E 219 14.91 -30.02 -15.75
CA HIS E 219 15.59 -29.04 -16.58
C HIS E 219 17.11 -29.06 -16.44
N GLY E 220 17.68 -30.24 -16.27
CA GLY E 220 19.12 -30.44 -16.32
C GLY E 220 19.94 -30.31 -15.05
N VAL E 221 19.30 -30.02 -13.91
CA VAL E 221 19.99 -29.90 -12.59
C VAL E 221 19.66 -31.20 -11.80
N ARG E 222 20.60 -32.16 -11.79
CA ARG E 222 20.39 -33.50 -11.21
C ARG E 222 20.34 -33.49 -9.69
N THR E 223 21.08 -32.58 -9.04
CA THR E 223 21.12 -32.54 -7.58
C THR E 223 20.65 -31.20 -7.10
N VAL E 224 19.69 -31.23 -6.15
CA VAL E 224 19.12 -30.06 -5.53
C VAL E 224 19.45 -30.16 -4.08
N LEU E 225 19.87 -29.06 -3.47
CA LEU E 225 20.16 -29.04 -2.04
C LEU E 225 19.20 -28.05 -1.35
N TYR E 226 18.53 -28.54 -0.30
CA TYR E 226 17.65 -27.79 0.61
C TYR E 226 18.21 -27.88 2.02
N ILE E 227 17.82 -26.98 2.92
CA ILE E 227 18.27 -27.12 4.30
C ILE E 227 17.26 -27.97 5.12
N HIS E 228 16.04 -28.08 4.59
CA HIS E 228 14.90 -28.77 5.22
C HIS E 228 13.91 -29.09 4.11
N ILE E 229 13.09 -30.10 4.33
CA ILE E 229 11.99 -30.42 3.42
C ILE E 229 10.87 -31.06 4.22
N ALA E 230 9.60 -30.80 3.84
CA ALA E 230 8.43 -31.42 4.45
C ALA E 230 8.50 -32.94 4.17
N PRO E 231 8.29 -33.80 5.20
CA PRO E 231 8.47 -35.26 4.98
C PRO E 231 7.65 -35.83 3.82
N GLU E 232 6.39 -35.47 3.71
CA GLU E 232 5.53 -35.95 2.61
C GLU E 232 6.06 -35.41 1.24
N GLU E 233 6.76 -34.26 1.21
CA GLU E 233 7.34 -33.76 -0.05
C GLU E 233 8.62 -34.57 -0.41
N ALA E 234 9.45 -34.89 0.56
CA ALA E 234 10.63 -35.76 0.37
C ALA E 234 10.16 -37.13 -0.19
N GLU E 235 9.09 -37.74 0.43
CA GLU E 235 8.59 -39.03 -0.02
C GLU E 235 8.06 -38.97 -1.47
N ARG E 236 7.27 -37.95 -1.82
CA ARG E 236 6.76 -37.79 -3.20
C ARG E 236 7.92 -37.69 -4.19
N LEU E 237 9.01 -36.92 -3.90
CA LEU E 237 10.16 -36.79 -4.84
C LEU E 237 10.95 -38.10 -4.95
N ARG E 238 11.22 -38.75 -3.79
CA ARG E 238 11.93 -40.01 -3.71
C ARG E 238 11.24 -41.07 -4.57
N ARG E 239 9.91 -41.25 -4.42
CA ARG E 239 9.24 -42.31 -5.20
C ARG E 239 9.31 -42.01 -6.70
N GLU E 240 9.20 -40.73 -7.09
CA GLU E 240 9.25 -40.34 -8.51
C GLU E 240 10.69 -40.41 -9.06
N GLY E 241 11.69 -40.11 -8.21
CA GLY E 241 13.10 -40.17 -8.62
C GLY E 241 13.42 -39.11 -9.66
N GLY E 242 14.46 -39.32 -10.45
CA GLY E 242 14.86 -38.38 -11.50
C GLY E 242 15.97 -37.43 -11.08
N GLY E 243 16.43 -37.55 -9.84
CA GLY E 243 17.49 -36.70 -9.31
C GLY E 243 17.86 -37.01 -7.89
N ASN E 244 18.71 -36.15 -7.28
CA ASN E 244 19.11 -36.32 -5.88
C ASN E 244 18.71 -35.14 -5.06
N LEU E 245 18.31 -35.41 -3.83
CA LEU E 245 18.04 -34.30 -2.95
C LEU E 245 18.97 -34.35 -1.81
N ILE E 246 19.72 -33.27 -1.58
CA ILE E 246 20.55 -33.28 -0.37
C ILE E 246 19.80 -32.40 0.65
N VAL E 247 19.57 -32.85 1.90
CA VAL E 247 18.91 -32.01 2.94
C VAL E 247 19.92 -31.83 4.07
N THR E 248 20.45 -30.60 4.23
CA THR E 248 21.60 -30.36 5.09
C THR E 248 21.29 -30.15 6.57
N GLY E 249 20.08 -29.72 6.90
CA GLY E 249 19.77 -29.55 8.32
C GLY E 249 19.54 -28.10 8.64
N HIS E 250 18.34 -27.80 9.16
CA HIS E 250 17.85 -26.47 9.34
C HIS E 250 18.84 -25.54 10.14
N ILE E 251 19.17 -25.90 11.39
CA ILE E 251 20.01 -25.11 12.30
C ILE E 251 21.46 -25.03 11.80
N ALA E 252 22.10 -26.17 11.53
CA ALA E 252 23.48 -26.25 11.04
C ALA E 252 23.66 -25.34 9.83
N SER E 253 22.72 -25.41 8.84
CA SER E 253 22.70 -24.60 7.61
C SER E 253 22.51 -23.12 7.87
N ASP E 254 21.67 -22.72 8.82
CA ASP E 254 21.45 -21.32 9.19
C ASP E 254 22.65 -20.70 9.92
N LEU E 255 23.35 -21.52 10.69
CA LEU E 255 24.52 -21.08 11.43
C LEU E 255 25.68 -20.69 10.50
N VAL E 256 25.70 -21.14 9.23
CA VAL E 256 26.80 -20.77 8.31
C VAL E 256 26.84 -19.21 8.11
N GLY E 257 25.70 -18.61 7.77
CA GLY E 257 25.64 -17.17 7.54
C GLY E 257 25.57 -16.43 8.85
N ILE E 258 24.91 -17.06 9.89
CA ILE E 258 24.74 -16.51 11.23
C ILE E 258 26.11 -16.38 11.93
N ASN E 259 27.01 -17.40 11.81
CA ASN E 259 28.32 -17.32 12.43
C ASN E 259 29.20 -16.21 11.81
N ARG E 260 29.07 -15.96 10.50
CA ARG E 260 29.82 -14.87 9.87
C ARG E 260 29.36 -13.53 10.48
N TYR E 261 28.04 -13.37 10.69
CA TYR E 261 27.44 -12.18 11.28
C TYR E 261 27.86 -11.89 12.73
N VAL E 262 27.79 -12.92 13.60
CA VAL E 262 28.14 -12.83 15.03
C VAL E 262 29.61 -12.37 15.12
N GLN E 263 30.50 -12.95 14.30
CA GLN E 263 31.91 -12.58 14.22
C GLN E 263 32.06 -11.07 13.83
N ALA E 264 31.35 -10.60 12.78
CA ALA E 264 31.37 -9.20 12.38
C ALA E 264 30.85 -8.26 13.51
N LEU E 265 29.85 -8.69 14.34
CA LEU E 265 29.34 -7.91 15.48
C LEU E 265 30.38 -7.81 16.57
N GLU E 266 31.00 -8.95 16.94
CA GLU E 266 32.03 -9.03 18.00
C GLU E 266 33.20 -8.16 17.68
N GLU E 267 33.64 -8.13 16.39
CA GLU E 267 34.74 -7.26 15.94
C GLU E 267 34.38 -5.80 16.11
N ARG E 268 33.08 -5.46 16.02
CA ARG E 268 32.61 -4.09 16.23
C ARG E 268 32.45 -3.81 17.75
N GLY E 269 32.74 -4.84 18.57
CA GLY E 269 32.79 -4.76 20.03
C GLY E 269 31.49 -5.01 20.74
N VAL E 270 30.56 -5.65 20.05
CA VAL E 270 29.26 -5.98 20.61
C VAL E 270 29.39 -7.37 21.20
N GLU E 271 28.85 -7.55 22.42
CA GLU E 271 28.87 -8.88 23.01
C GLU E 271 27.60 -9.59 22.56
N VAL E 272 27.74 -10.82 22.06
CA VAL E 272 26.58 -11.59 21.61
C VAL E 272 26.37 -12.79 22.54
N VAL E 273 25.19 -12.82 23.22
CA VAL E 273 24.79 -13.94 24.08
C VAL E 273 24.06 -14.96 23.14
N ARG E 274 24.71 -16.09 22.88
CA ARG E 274 24.21 -17.12 21.96
C ARG E 274 23.18 -18.05 22.60
N MSE E 275 22.13 -18.34 21.84
CA MSE E 275 21.11 -19.22 22.36
C MSE E 275 20.18 -19.59 21.20
O MSE E 275 20.47 -19.19 20.06
CB MSE E 275 20.35 -18.68 23.61
CG MSE E 275 19.94 -17.21 23.55
SE MSE E 275 18.50 -16.93 22.28
CE MSE E 275 17.04 -17.81 23.29
N SER E 276 19.17 -20.40 21.46
CA SER E 276 18.21 -20.88 20.44
C SER E 276 18.94 -21.37 19.19
N GLY E 277 19.90 -22.29 19.36
CA GLY E 277 20.64 -22.86 18.22
C GLY E 277 22.01 -22.28 17.96
N LEU E 278 22.31 -21.05 18.46
CA LEU E 278 23.66 -20.46 18.30
C LEU E 278 24.63 -21.04 19.34
N MSE F 4 -13.01 5.11 39.06
CA MSE F 4 -14.30 4.48 39.37
C MSE F 4 -14.10 3.44 40.49
O MSE F 4 -13.79 3.81 41.64
CB MSE F 4 -14.92 3.88 38.10
CG MSE F 4 -15.37 4.93 37.09
SE MSE F 4 -16.48 4.25 35.64
CE MSE F 4 -18.04 3.65 36.65
N ALA F 5 -14.25 2.15 40.14
CA ALA F 5 -14.07 0.94 40.95
C ALA F 5 -13.86 -0.23 40.01
N GLY F 6 -13.08 -1.21 40.47
CA GLY F 6 -12.70 -2.42 39.72
C GLY F 6 -13.85 -3.36 39.48
N LEU F 7 -13.77 -4.11 38.35
CA LEU F 7 -14.79 -5.07 37.88
C LEU F 7 -14.41 -6.50 38.18
N SER F 8 -15.41 -7.34 38.39
CA SER F 8 -15.26 -8.76 38.65
C SER F 8 -15.12 -9.51 37.31
N THR F 9 -14.61 -10.76 37.33
CA THR F 9 -14.55 -11.60 36.14
C THR F 9 -15.98 -11.92 35.67
N ALA F 10 -16.96 -12.10 36.61
CA ALA F 10 -18.36 -12.33 36.27
C ALA F 10 -18.96 -11.12 35.50
N GLU F 11 -18.68 -9.87 35.94
CA GLU F 11 -19.14 -8.65 35.22
C GLU F 11 -18.36 -8.50 33.88
N LEU F 12 -17.07 -8.92 33.79
CA LEU F 12 -16.36 -8.83 32.52
C LEU F 12 -17.02 -9.76 31.49
N VAL F 13 -17.50 -10.95 31.94
CA VAL F 13 -18.20 -11.89 31.06
C VAL F 13 -19.58 -11.34 30.64
N ASP F 14 -20.36 -10.78 31.61
CA ASP F 14 -21.73 -10.26 31.38
C ASP F 14 -21.77 -9.16 30.36
N ILE F 15 -20.76 -8.25 30.41
CA ILE F 15 -20.64 -7.12 29.43
C ILE F 15 -20.55 -7.68 27.98
N ALA F 16 -19.78 -8.76 27.79
CA ALA F 16 -19.59 -9.41 26.51
C ALA F 16 -20.88 -10.12 26.04
N LEU F 17 -21.55 -10.88 26.98
CA LEU F 17 -22.80 -11.59 26.65
C LEU F 17 -23.94 -10.62 26.36
N GLU F 18 -23.99 -9.46 27.06
CA GLU F 18 -25.00 -8.42 26.82
C GLU F 18 -24.85 -7.83 25.40
N MSE F 19 -23.65 -7.46 25.01
CA MSE F 19 -23.27 -6.98 23.67
C MSE F 19 -23.65 -7.98 22.52
O MSE F 19 -24.14 -7.58 21.47
CB MSE F 19 -21.76 -6.82 23.70
CG MSE F 19 -21.25 -5.75 22.84
SE MSE F 19 -19.33 -5.61 23.17
CE MSE F 19 -19.48 -4.60 24.77
N ALA F 20 -23.39 -9.25 22.73
CA ALA F 20 -23.66 -10.32 21.79
C ALA F 20 -25.13 -10.73 21.76
N GLU F 21 -25.94 -10.22 22.72
CA GLU F 21 -27.39 -10.48 22.91
C GLU F 21 -27.61 -11.98 23.20
N MSE F 22 -26.77 -12.54 24.10
CA MSE F 22 -26.77 -13.94 24.49
C MSE F 22 -27.22 -14.10 25.94
O MSE F 22 -27.05 -13.17 26.74
CB MSE F 22 -25.37 -14.56 24.37
CG MSE F 22 -24.83 -14.53 23.01
SE MSE F 22 -23.00 -15.20 23.13
CE MSE F 22 -22.88 -15.67 21.31
N ARG F 23 -27.76 -15.30 26.29
CA ARG F 23 -28.33 -15.58 27.61
C ARG F 23 -27.57 -16.66 28.36
N THR F 24 -26.63 -17.34 27.71
CA THR F 24 -25.76 -18.31 28.37
C THR F 24 -24.35 -18.08 27.85
N LEU F 25 -23.41 -18.60 28.58
CA LEU F 25 -22.00 -18.47 28.22
C LEU F 25 -21.61 -19.58 27.18
N PRO F 26 -21.15 -19.20 25.93
CA PRO F 26 -20.68 -20.21 24.95
C PRO F 26 -19.58 -21.07 25.51
N ALA F 27 -19.55 -22.35 25.12
CA ALA F 27 -18.62 -23.33 25.68
C ALA F 27 -17.12 -23.06 25.29
N ASP F 28 -16.83 -22.13 24.35
CA ASP F 28 -15.46 -21.80 23.94
C ASP F 28 -14.91 -20.63 24.75
N SER F 29 -15.67 -20.23 25.79
CA SER F 29 -15.33 -19.08 26.64
C SER F 29 -15.43 -19.49 28.13
N ALA F 30 -14.35 -19.26 28.90
CA ALA F 30 -14.28 -19.69 30.31
C ALA F 30 -13.44 -18.74 31.18
N VAL F 31 -13.72 -18.75 32.48
CA VAL F 31 -12.97 -17.98 33.47
C VAL F 31 -12.07 -19.00 34.15
N TYR F 32 -10.76 -18.89 33.93
CA TYR F 32 -9.77 -19.81 34.49
C TYR F 32 -9.42 -19.45 35.94
N VAL F 33 -9.23 -18.17 36.23
CA VAL F 33 -8.92 -17.70 37.61
C VAL F 33 -9.86 -16.50 37.85
N GLU F 34 -10.74 -16.60 38.85
CA GLU F 34 -11.71 -15.54 39.20
C GLU F 34 -11.09 -14.36 39.94
N SER F 35 -11.85 -13.26 40.07
CA SER F 35 -11.50 -12.04 40.82
C SER F 35 -12.73 -11.15 40.98
N THR F 36 -12.73 -10.29 42.00
CA THR F 36 -13.86 -9.38 42.21
C THR F 36 -13.46 -7.92 41.98
N ASP F 37 -12.19 -7.63 41.55
CA ASP F 37 -11.77 -6.23 41.45
C ASP F 37 -10.61 -6.04 40.50
N LEU F 38 -10.93 -5.89 39.21
CA LEU F 38 -9.95 -5.69 38.14
C LEU F 38 -10.09 -4.31 37.58
N LYS F 39 -9.09 -3.48 37.84
CA LYS F 39 -9.09 -2.09 37.44
C LYS F 39 -8.15 -1.91 36.23
N ARG F 40 -7.06 -2.73 36.15
CA ARG F 40 -6.09 -2.66 35.04
C ARG F 40 -5.79 -4.07 34.50
N VAL F 41 -6.33 -4.33 33.29
CA VAL F 41 -6.18 -5.66 32.67
C VAL F 41 -5.33 -5.58 31.39
N MSE F 42 -4.71 -6.70 31.07
CA MSE F 42 -4.00 -6.90 29.82
C MSE F 42 -4.93 -7.72 28.93
O MSE F 42 -5.53 -8.65 29.42
CB MSE F 42 -2.65 -7.60 30.05
CG MSE F 42 -1.62 -7.24 29.00
SE MSE F 42 -0.01 -8.40 29.02
CE MSE F 42 -0.87 -10.15 28.63
N MSE F 43 -5.06 -7.38 27.66
CA MSE F 43 -5.90 -8.19 26.77
C MSE F 43 -5.19 -8.42 25.43
O MSE F 43 -4.61 -7.52 24.86
CB MSE F 43 -7.28 -7.47 26.51
CG MSE F 43 -8.23 -8.30 25.63
SE MSE F 43 -10.06 -7.69 25.55
CE MSE F 43 -10.80 -9.30 24.55
N GLY F 44 -5.24 -9.65 24.96
CA GLY F 44 -4.61 -10.03 23.72
C GLY F 44 -5.41 -11.10 23.05
N ILE F 45 -5.19 -11.33 21.75
CA ILE F 45 -5.96 -12.37 21.08
C ILE F 45 -5.43 -13.75 21.55
N ASP F 46 -4.09 -13.91 21.65
CA ASP F 46 -3.43 -15.16 22.03
C ASP F 46 -2.69 -14.95 23.32
N ILE F 47 -3.04 -15.74 24.32
CA ILE F 47 -2.44 -15.67 25.63
C ILE F 47 -2.06 -17.06 26.09
N GLY F 48 -0.75 -17.27 26.26
CA GLY F 48 -0.21 -18.49 26.85
C GLY F 48 0.57 -18.18 28.11
N PRO F 49 1.38 -19.16 28.58
CA PRO F 49 2.21 -18.93 29.76
C PRO F 49 3.13 -17.70 29.69
N ALA F 50 3.87 -17.48 28.58
CA ALA F 50 4.77 -16.30 28.46
C ALA F 50 4.01 -14.95 28.61
N GLU F 51 2.83 -14.84 28.01
CA GLU F 51 1.99 -13.62 28.11
C GLU F 51 1.50 -13.41 29.52
N LEU F 52 1.22 -14.52 30.29
CA LEU F 52 0.81 -14.37 31.69
C LEU F 52 1.97 -13.86 32.50
N LEU F 53 3.24 -14.34 32.21
CA LEU F 53 4.45 -13.88 32.90
C LEU F 53 4.65 -12.37 32.64
N LEU F 54 4.37 -11.92 31.40
CA LEU F 54 4.44 -10.52 31.02
C LEU F 54 3.45 -9.66 31.83
N ALA F 55 2.20 -10.13 31.94
CA ALA F 55 1.18 -9.40 32.67
C ALA F 55 1.61 -9.16 34.10
N ARG F 56 2.28 -10.17 34.74
CA ARG F 56 2.80 -10.05 36.09
C ARG F 56 3.96 -9.02 36.13
N GLN F 57 4.86 -9.00 35.11
CA GLN F 57 5.97 -8.02 35.07
C GLN F 57 5.45 -6.58 34.94
N LEU F 58 4.34 -6.41 34.20
CA LEU F 58 3.68 -5.13 33.99
C LEU F 58 2.75 -4.74 35.16
N GLY F 59 2.57 -5.65 36.14
CA GLY F 59 1.71 -5.45 37.31
C GLY F 59 0.21 -5.40 37.03
N CYS F 60 -0.26 -6.03 35.94
CA CYS F 60 -1.70 -6.06 35.61
C CYS F 60 -2.53 -6.85 36.66
N ASP F 61 -3.81 -6.43 36.85
CA ASP F 61 -4.75 -7.05 37.78
C ASP F 61 -5.27 -8.39 37.25
N GLY F 62 -5.40 -8.50 35.93
CA GLY F 62 -5.90 -9.70 35.30
C GLY F 62 -5.52 -9.71 33.85
N VAL F 63 -5.86 -10.80 33.18
CA VAL F 63 -5.61 -10.96 31.76
C VAL F 63 -6.86 -11.47 31.12
N ILE F 64 -7.22 -10.89 29.94
CA ILE F 64 -8.30 -11.40 29.13
C ILE F 64 -7.71 -11.88 27.83
N ALA F 65 -8.04 -13.12 27.42
CA ALA F 65 -7.69 -13.67 26.07
C ALA F 65 -8.89 -13.70 25.14
N HIS F 66 -8.69 -13.75 23.83
CA HIS F 66 -9.80 -13.96 22.89
C HIS F 66 -9.92 -15.52 22.68
N HIS F 67 -8.87 -16.13 22.18
CA HIS F 67 -8.78 -17.57 21.89
C HIS F 67 -8.88 -18.42 23.18
N PRO F 68 -9.57 -19.59 23.11
CA PRO F 68 -9.53 -20.54 24.24
C PRO F 68 -8.09 -20.79 24.72
N ALA F 69 -7.87 -20.73 26.04
CA ALA F 69 -6.53 -20.94 26.60
C ALA F 69 -6.48 -22.23 27.41
N GLY F 70 -7.39 -23.16 27.16
CA GLY F 70 -7.39 -24.42 27.90
C GLY F 70 -8.66 -24.62 28.68
N GLY F 71 -8.58 -25.39 29.74
CA GLY F 71 -9.73 -25.70 30.58
C GLY F 71 -10.98 -26.15 29.85
N SER F 72 -12.17 -25.77 30.35
CA SER F 72 -13.43 -26.16 29.71
C SER F 72 -13.58 -25.50 28.31
N ALA F 73 -12.92 -24.33 28.06
CA ALA F 73 -13.02 -23.63 26.77
C ALA F 73 -12.43 -24.47 25.60
N THR F 74 -11.28 -25.13 25.81
CA THR F 74 -10.64 -25.97 24.79
C THR F 74 -11.35 -27.32 24.77
N LEU F 75 -11.64 -27.83 25.96
CA LEU F 75 -12.31 -29.11 26.09
C LEU F 75 -13.64 -29.12 25.35
N ASN F 76 -14.45 -28.09 25.57
CA ASN F 76 -15.80 -28.09 25.10
C ASN F 76 -16.03 -27.25 23.89
N PHE F 77 -14.95 -26.72 23.31
CA PHE F 77 -15.02 -25.91 22.09
C PHE F 77 -15.95 -26.56 21.01
N PRO F 78 -15.87 -27.90 20.71
CA PRO F 78 -16.70 -28.41 19.60
C PRO F 78 -18.20 -28.10 19.71
N GLU F 79 -18.72 -27.82 20.93
CA GLU F 79 -20.16 -27.53 21.15
C GLU F 79 -20.62 -26.29 20.42
N VAL F 80 -19.74 -25.27 20.22
CA VAL F 80 -20.14 -24.02 19.54
C VAL F 80 -20.29 -24.23 18.01
N LEU F 81 -19.77 -25.32 17.44
CA LEU F 81 -19.81 -25.59 16.01
C LEU F 81 -21.25 -25.81 15.50
N THR F 82 -22.21 -26.04 16.43
CA THR F 82 -23.64 -26.18 16.07
C THR F 82 -24.15 -24.84 15.50
N ARG F 83 -23.47 -23.73 15.85
CA ARG F 83 -23.75 -22.39 15.34
C ARG F 83 -23.61 -22.40 13.80
N HIS F 84 -22.69 -23.23 13.23
CA HIS F 84 -22.57 -23.32 11.77
C HIS F 84 -23.85 -23.77 11.10
N VAL F 85 -24.55 -24.73 11.71
CA VAL F 85 -25.85 -25.29 11.25
C VAL F 85 -26.90 -24.17 11.33
N GLU F 86 -27.06 -23.47 12.48
CA GLU F 86 -27.99 -22.32 12.62
C GLU F 86 -27.77 -21.23 11.52
N LEU F 87 -26.50 -20.84 11.24
CA LEU F 87 -26.25 -19.83 10.18
C LEU F 87 -26.62 -20.37 8.79
N MSE F 88 -26.28 -21.64 8.51
CA MSE F 88 -26.62 -22.24 7.20
C MSE F 88 -28.11 -22.26 7.01
O MSE F 88 -28.59 -21.83 5.96
CB MSE F 88 -26.08 -23.68 7.06
CG MSE F 88 -24.68 -23.70 6.48
SE MSE F 88 -23.83 -25.41 6.20
CE MSE F 88 -23.27 -25.76 8.06
N VAL F 89 -28.87 -22.72 8.04
CA VAL F 89 -30.33 -22.84 7.98
C VAL F 89 -30.96 -21.46 7.81
N GLU F 90 -30.41 -20.44 8.48
CA GLU F 90 -30.86 -19.06 8.35
C GLU F 90 -30.69 -18.50 6.91
N HIS F 91 -29.70 -19.00 6.15
CA HIS F 91 -29.44 -18.58 4.76
C HIS F 91 -30.09 -19.52 3.75
N GLY F 92 -31.04 -20.35 4.20
CA GLY F 92 -31.84 -21.21 3.33
C GLY F 92 -31.26 -22.57 3.04
N VAL F 93 -30.20 -22.95 3.73
CA VAL F 93 -29.63 -24.27 3.50
C VAL F 93 -30.55 -25.30 4.22
N PRO F 94 -31.08 -26.35 3.51
CA PRO F 94 -31.87 -27.37 4.20
C PRO F 94 -31.14 -27.94 5.42
N ALA F 95 -31.85 -28.05 6.55
CA ALA F 95 -31.34 -28.50 7.87
C ALA F 95 -30.52 -29.78 7.78
N THR F 96 -30.98 -30.75 6.99
CA THR F 96 -30.31 -32.05 6.86
C THR F 96 -28.95 -31.89 6.13
N ALA F 97 -28.89 -31.04 5.08
CA ALA F 97 -27.68 -30.73 4.34
C ALA F 97 -26.72 -29.95 5.21
N ALA F 98 -27.24 -29.05 6.06
CA ALA F 98 -26.39 -28.23 6.95
C ALA F 98 -25.75 -29.14 8.01
N ARG F 99 -26.55 -30.07 8.58
CA ARG F 99 -26.06 -31.02 9.57
C ARG F 99 -24.97 -31.92 8.98
N ASP F 100 -25.16 -32.45 7.75
CA ASP F 100 -24.14 -33.24 7.05
C ASP F 100 -22.86 -32.47 6.76
N ALA F 101 -22.99 -31.16 6.41
CA ALA F 101 -21.85 -30.35 6.00
C ALA F 101 -20.84 -30.13 7.14
N ILE F 102 -21.30 -30.07 8.39
CA ILE F 102 -20.45 -29.84 9.57
C ILE F 102 -19.96 -31.16 10.23
N GLN F 103 -20.37 -32.34 9.76
CA GLN F 103 -20.02 -33.57 10.45
C GLN F 103 -18.46 -33.84 10.54
N GLY F 104 -17.71 -33.75 9.45
CA GLY F 104 -16.28 -33.99 9.51
C GLY F 104 -15.55 -33.03 10.43
N LEU F 105 -15.88 -31.73 10.39
CA LEU F 105 -15.23 -30.71 11.22
C LEU F 105 -15.53 -31.01 12.70
N LEU F 106 -16.80 -31.40 13.00
CA LEU F 106 -17.25 -31.75 14.35
C LEU F 106 -16.47 -32.99 14.86
N THR F 107 -16.46 -34.08 14.07
CA THR F 107 -15.74 -35.32 14.37
C THR F 107 -14.26 -34.99 14.64
N ARG F 108 -13.63 -34.20 13.75
CA ARG F 108 -12.21 -33.88 13.93
C ARG F 108 -11.95 -32.95 15.15
N SER F 109 -12.85 -32.00 15.40
CA SER F 109 -12.76 -31.07 16.54
C SER F 109 -12.88 -31.82 17.90
N LEU F 110 -13.76 -32.85 17.98
CA LEU F 110 -13.95 -33.65 19.19
C LEU F 110 -12.65 -34.45 19.52
N LEU F 111 -11.96 -34.96 18.49
CA LEU F 111 -10.68 -35.67 18.64
C LEU F 111 -9.57 -34.71 19.07
N ARG F 112 -9.45 -33.53 18.43
CA ARG F 112 -8.48 -32.52 18.83
C ARG F 112 -8.74 -32.01 20.24
N ALA F 113 -10.04 -31.86 20.66
CA ALA F 113 -10.37 -31.40 22.00
C ALA F 113 -9.89 -32.41 23.02
N GLN F 114 -10.10 -33.72 22.77
CA GLN F 114 -9.70 -34.80 23.68
C GLN F 114 -8.14 -34.87 23.88
N SER F 115 -7.39 -34.48 22.85
CA SER F 115 -5.94 -34.55 22.78
C SER F 115 -5.16 -33.41 23.47
N ALA F 116 -5.80 -32.29 23.71
CA ALA F 116 -5.13 -31.10 24.22
C ALA F 116 -4.68 -31.22 25.65
N ASN F 117 -3.64 -30.47 26.00
CA ASN F 117 -3.18 -30.33 27.36
C ASN F 117 -3.99 -29.18 27.97
N HIS F 118 -5.26 -29.47 28.32
CA HIS F 118 -6.22 -28.47 28.78
C HIS F 118 -5.72 -27.62 29.98
N ASP F 119 -5.06 -28.25 30.99
CA ASP F 119 -4.69 -27.50 32.21
C ASP F 119 -3.33 -26.80 32.12
N HIS F 120 -2.66 -26.81 30.95
CA HIS F 120 -1.33 -26.18 30.82
C HIS F 120 -1.34 -24.66 31.14
N THR F 121 -2.01 -23.83 30.30
CA THR F 121 -2.04 -22.38 30.54
C THR F 121 -2.81 -22.08 31.85
N PRO F 122 -3.97 -22.71 32.13
CA PRO F 122 -4.64 -22.43 33.42
C PRO F 122 -3.75 -22.77 34.64
N SER F 123 -2.86 -23.79 34.57
CA SER F 123 -1.99 -24.11 35.71
C SER F 123 -0.99 -22.97 35.98
N VAL F 124 -0.50 -22.30 34.91
CA VAL F 124 0.43 -21.16 35.03
C VAL F 124 -0.28 -19.98 35.71
N ALA F 125 -1.53 -19.68 35.28
CA ALA F 125 -2.40 -18.59 35.81
C ALA F 125 -2.60 -18.79 37.30
N ARG F 126 -2.91 -20.04 37.68
CA ARG F 126 -3.12 -20.42 39.09
C ARG F 126 -1.83 -20.28 39.90
N LEU F 127 -0.66 -20.76 39.39
CA LEU F 127 0.63 -20.64 40.13
C LEU F 127 1.05 -19.18 40.27
N LEU F 128 0.67 -18.34 39.29
CA LEU F 128 0.98 -16.91 39.32
C LEU F 128 -0.03 -16.12 40.13
N GLU F 129 -1.21 -16.74 40.42
CA GLU F 129 -2.38 -16.15 41.09
C GLU F 129 -2.80 -14.96 40.25
N MSE F 130 -2.91 -15.22 38.96
CA MSE F 130 -3.23 -14.18 38.00
C MSE F 130 -4.67 -14.39 37.53
O MSE F 130 -4.93 -15.32 36.77
CB MSE F 130 -2.22 -14.20 36.83
CG MSE F 130 -2.61 -13.23 35.62
SE MSE F 130 -2.60 -11.33 36.12
CE MSE F 130 -0.72 -11.18 36.51
N PRO F 131 -5.62 -13.48 37.87
CA PRO F 131 -6.99 -13.60 37.32
C PRO F 131 -6.92 -13.73 35.78
N PHE F 132 -7.68 -14.65 35.21
CA PHE F 132 -7.53 -14.91 33.79
C PHE F 132 -8.80 -15.55 33.23
N LEU F 133 -9.17 -15.11 32.03
CA LEU F 133 -10.37 -15.59 31.33
C LEU F 133 -10.20 -15.38 29.83
N ASN F 134 -11.00 -16.08 29.02
CA ASN F 134 -11.04 -15.87 27.58
C ASN F 134 -12.48 -15.63 27.19
N ILE F 135 -12.71 -14.76 26.21
CA ILE F 135 -14.04 -14.44 25.69
C ILE F 135 -13.90 -14.53 24.17
N HIS F 136 -14.51 -15.57 23.58
CA HIS F 136 -14.32 -15.88 22.17
C HIS F 136 -15.62 -15.67 21.42
N LEU F 137 -16.53 -16.71 21.31
CA LEU F 137 -17.81 -16.58 20.55
C LEU F 137 -18.62 -15.26 20.80
N PRO F 138 -18.83 -14.79 22.07
CA PRO F 138 -19.61 -13.57 22.25
C PRO F 138 -19.07 -12.38 21.41
N LEU F 139 -17.70 -12.18 21.39
CA LEU F 139 -17.11 -11.05 20.65
C LEU F 139 -17.19 -11.28 19.17
N ASP F 140 -17.01 -12.54 18.72
CA ASP F 140 -17.10 -12.92 17.30
C ASP F 140 -18.50 -12.71 16.76
N GLU F 141 -19.51 -12.97 17.61
CA GLU F 141 -20.91 -12.73 17.31
C GLU F 141 -21.16 -11.20 17.14
N VAL F 142 -20.60 -10.34 18.04
CA VAL F 142 -20.74 -8.88 17.86
C VAL F 142 -20.16 -8.45 16.47
N GLY F 143 -18.95 -8.93 16.16
CA GLY F 143 -18.22 -8.70 14.90
C GLY F 143 -19.02 -9.23 13.71
N ARG F 144 -19.61 -10.40 13.85
CA ARG F 144 -20.46 -10.97 12.77
C ARG F 144 -21.64 -10.06 12.46
N ARG F 145 -22.35 -9.60 13.49
CA ARG F 145 -23.50 -8.73 13.29
C ARG F 145 -23.09 -7.38 12.66
N ILE F 146 -21.96 -6.78 13.10
CA ILE F 146 -21.51 -5.48 12.56
C ILE F 146 -21.17 -5.63 11.07
N MSE F 147 -20.44 -6.71 10.73
CA MSE F 147 -20.05 -6.99 9.35
C MSE F 147 -21.28 -7.21 8.46
O MSE F 147 -21.38 -6.60 7.42
CB MSE F 147 -19.10 -8.17 9.29
CG MSE F 147 -17.72 -7.83 9.91
SE MSE F 147 -16.65 -9.45 10.15
CE MSE F 147 -16.32 -9.73 8.42
N VAL F 148 -22.24 -8.05 8.88
CA VAL F 148 -23.49 -8.32 8.15
C VAL F 148 -24.23 -6.99 7.83
N LYS F 149 -24.45 -6.13 8.87
CA LYS F 149 -25.18 -4.87 8.76
C LYS F 149 -24.47 -3.94 7.78
N THR F 150 -23.14 -3.79 7.95
CA THR F 150 -22.32 -2.97 7.08
C THR F 150 -22.49 -3.44 5.62
N ILE F 151 -22.29 -4.75 5.36
CA ILE F 151 -22.41 -5.23 3.98
C ILE F 151 -23.85 -5.03 3.48
N GLN F 152 -24.85 -5.45 4.26
CA GLN F 152 -26.23 -5.38 3.72
C GLN F 152 -26.68 -3.94 3.41
N GLU F 153 -26.24 -2.97 4.22
CA GLU F 153 -26.65 -1.60 3.95
C GLU F 153 -26.09 -1.11 2.62
N ALA F 154 -24.86 -1.52 2.29
CA ALA F 154 -24.16 -1.18 1.06
C ALA F 154 -24.70 -1.89 -0.14
N VAL F 155 -25.03 -3.21 -0.03
CA VAL F 155 -25.39 -3.98 -1.21
C VAL F 155 -26.90 -4.15 -1.41
N GLU F 156 -27.74 -3.94 -0.40
CA GLU F 156 -29.18 -4.11 -0.65
C GLU F 156 -29.68 -3.15 -1.75
N PRO F 157 -29.28 -1.84 -1.80
CA PRO F 157 -29.72 -1.00 -2.91
C PRO F 157 -29.19 -1.43 -4.29
N LEU F 158 -28.15 -2.29 -4.35
CA LEU F 158 -27.62 -2.74 -5.64
C LEU F 158 -28.39 -3.97 -6.20
N GLY F 159 -29.01 -4.76 -5.32
CA GLY F 159 -29.76 -5.96 -5.70
C GLY F 159 -28.86 -6.95 -6.42
N ASP F 160 -29.33 -7.42 -7.59
CA ASP F 160 -28.65 -8.39 -8.47
C ASP F 160 -27.38 -7.82 -9.10
N GLU F 161 -27.22 -6.48 -9.09
CA GLU F 161 -26.01 -5.82 -9.64
C GLU F 161 -24.88 -5.69 -8.62
N ALA F 162 -25.06 -6.12 -7.36
CA ALA F 162 -24.01 -6.12 -6.37
C ALA F 162 -22.94 -7.14 -6.76
N ARG F 163 -21.67 -6.78 -6.56
CA ARG F 163 -20.54 -7.68 -6.86
C ARG F 163 -19.81 -7.96 -5.57
N VAL F 164 -18.89 -8.90 -5.62
CA VAL F 164 -18.00 -9.19 -4.48
C VAL F 164 -17.33 -7.85 -4.00
N GLN F 165 -16.84 -7.05 -4.95
CA GLN F 165 -16.17 -5.77 -4.66
C GLN F 165 -16.98 -4.88 -3.74
N ASP F 166 -18.30 -4.86 -3.94
CA ASP F 166 -19.22 -4.02 -3.18
C ASP F 166 -19.28 -4.46 -1.68
N ALA F 167 -19.28 -5.78 -1.40
CA ALA F 167 -19.20 -6.30 -0.01
C ALA F 167 -17.85 -5.90 0.61
N ILE F 168 -16.75 -5.97 -0.18
CA ILE F 168 -15.40 -5.64 0.27
C ILE F 168 -15.31 -4.16 0.52
N ASP F 169 -15.77 -3.32 -0.42
CA ASP F 169 -15.81 -1.86 -0.20
C ASP F 169 -16.56 -1.51 1.09
N ALA F 170 -17.67 -2.21 1.37
CA ALA F 170 -18.46 -1.96 2.60
C ALA F 170 -17.59 -2.26 3.83
N LEU F 171 -16.94 -3.45 3.85
CA LEU F 171 -16.03 -3.83 4.94
C LEU F 171 -14.88 -2.85 5.14
N MSE F 172 -14.39 -2.25 4.06
CA MSE F 172 -13.28 -1.32 4.08
C MSE F 172 -13.74 0.06 4.64
O MSE F 172 -12.92 1.00 4.74
CB MSE F 172 -12.63 -1.20 2.69
CG MSE F 172 -11.83 -2.43 2.28
SE MSE F 172 -10.36 -2.77 3.53
CE MSE F 172 -9.17 -1.32 2.98
N THR F 173 -15.03 0.16 5.08
CA THR F 173 -15.49 1.39 5.74
C THR F 173 -15.34 1.21 7.22
N LEU F 174 -15.07 -0.05 7.67
CA LEU F 174 -14.84 -0.36 9.09
C LEU F 174 -13.39 -0.07 9.42
N PRO F 175 -13.08 0.61 10.57
CA PRO F 175 -11.67 0.94 10.87
C PRO F 175 -10.74 -0.27 11.03
N GLU F 176 -11.27 -1.42 11.50
CA GLU F 176 -10.48 -2.67 11.65
C GLU F 176 -9.91 -3.15 10.30
N PHE F 177 -10.70 -3.03 9.22
CA PHE F 177 -10.24 -3.45 7.87
C PHE F 177 -9.51 -2.31 7.15
N ALA F 178 -10.01 -1.04 7.27
CA ALA F 178 -9.33 0.12 6.69
C ALA F 178 -7.88 0.27 7.26
N GLY F 179 -7.67 0.04 8.57
CA GLY F 179 -6.33 0.22 9.15
C GLY F 179 -5.45 -1.03 9.24
N ALA F 180 -6.00 -2.22 8.94
CA ALA F 180 -5.27 -3.49 9.04
C ALA F 180 -4.01 -3.51 8.22
N ALA F 181 -2.98 -4.24 8.70
CA ALA F 181 -1.74 -4.40 7.88
C ALA F 181 -2.03 -5.43 6.74
N THR F 182 -2.95 -6.31 6.98
CA THR F 182 -3.38 -7.37 6.05
C THR F 182 -4.41 -6.82 5.02
N ARG F 183 -4.66 -7.60 3.95
CA ARG F 183 -5.68 -7.19 3.01
C ARG F 183 -6.77 -8.28 2.95
N ILE F 184 -7.95 -7.89 2.54
CA ILE F 184 -9.08 -8.81 2.31
C ILE F 184 -8.77 -9.54 1.00
N MSE F 185 -8.95 -10.87 1.01
CA MSE F 185 -8.64 -11.71 -0.15
C MSE F 185 -9.86 -12.41 -0.68
O MSE F 185 -10.86 -12.50 0.03
CB MSE F 185 -7.57 -12.74 0.23
CG MSE F 185 -6.21 -12.06 0.55
SE MSE F 185 -4.89 -13.34 1.26
CE MSE F 185 -4.50 -14.21 -0.45
N VAL F 186 -9.79 -12.85 -1.92
CA VAL F 186 -10.88 -13.57 -2.58
C VAL F 186 -10.26 -14.85 -3.16
N PRO F 187 -9.95 -15.89 -2.35
CA PRO F 187 -9.26 -17.08 -2.92
C PRO F 187 -10.10 -17.89 -3.90
N VAL F 188 -11.44 -17.75 -3.91
CA VAL F 188 -12.34 -18.47 -4.83
C VAL F 188 -13.26 -17.43 -5.47
N GLY F 189 -13.43 -17.48 -6.79
CA GLY F 189 -14.16 -16.44 -7.51
C GLY F 189 -13.31 -15.19 -7.62
N ALA F 190 -13.96 -14.02 -7.77
CA ALA F 190 -13.19 -12.77 -7.92
C ALA F 190 -14.01 -11.58 -7.52
N VAL F 191 -13.34 -10.45 -7.23
CA VAL F 191 -13.97 -9.18 -6.90
C VAL F 191 -14.98 -8.69 -8.01
N ASP F 192 -14.77 -9.01 -9.31
CA ASP F 192 -15.71 -8.54 -10.34
C ASP F 192 -16.91 -9.53 -10.55
N GLN F 193 -17.01 -10.55 -9.72
CA GLN F 193 -18.11 -11.50 -9.90
C GLN F 193 -19.41 -11.07 -9.21
N PRO F 194 -20.60 -11.46 -9.75
CA PRO F 194 -21.86 -11.19 -9.02
C PRO F 194 -21.82 -11.74 -7.56
N LEU F 195 -22.29 -10.95 -6.60
CA LEU F 195 -22.31 -11.34 -5.19
C LEU F 195 -23.37 -12.40 -4.93
N GLY F 196 -24.59 -12.18 -5.46
CA GLY F 196 -25.76 -13.02 -5.18
C GLY F 196 -26.05 -12.96 -3.69
N LYS F 197 -26.48 -14.09 -3.07
CA LYS F 197 -26.69 -14.10 -1.59
C LYS F 197 -25.34 -14.26 -0.91
N ILE F 198 -25.07 -13.47 0.13
CA ILE F 198 -23.82 -13.60 0.89
C ILE F 198 -24.10 -14.20 2.30
N ALA F 199 -23.19 -15.06 2.78
CA ALA F 199 -23.23 -15.55 4.16
C ALA F 199 -21.94 -15.13 4.85
N VAL F 200 -22.06 -14.31 5.89
CA VAL F 200 -20.91 -13.88 6.71
C VAL F 200 -20.74 -15.03 7.77
N VAL F 201 -19.75 -15.93 7.58
CA VAL F 201 -19.60 -17.06 8.51
C VAL F 201 -18.45 -16.76 9.48
N HIS F 202 -18.85 -16.10 10.58
CA HIS F 202 -18.06 -15.64 11.74
C HIS F 202 -18.91 -15.81 12.98
N GLY F 203 -18.30 -16.08 14.11
CA GLY F 203 -19.08 -16.31 15.34
C GLY F 203 -19.60 -17.74 15.46
N ALA F 204 -19.01 -18.68 14.69
CA ALA F 204 -19.38 -20.12 14.77
C ALA F 204 -18.17 -20.93 15.22
N GLY F 205 -17.24 -20.26 15.91
CA GLY F 205 -16.07 -20.86 16.49
C GLY F 205 -14.81 -20.84 15.65
N THR F 206 -14.95 -21.26 14.40
CA THR F 206 -13.90 -21.41 13.41
C THR F 206 -14.54 -21.28 12.03
N ASN F 207 -13.73 -21.11 11.00
CA ASN F 207 -14.30 -21.06 9.65
C ASN F 207 -14.88 -22.46 9.34
N GLY F 208 -15.76 -22.55 8.36
CA GLY F 208 -16.35 -23.85 8.02
C GLY F 208 -15.60 -24.68 7.00
N GLY F 209 -14.44 -24.19 6.55
CA GLY F 209 -13.59 -24.89 5.57
C GLY F 209 -14.26 -25.19 4.25
N TYR F 210 -13.79 -26.26 3.57
CA TYR F 210 -14.33 -26.69 2.30
C TYR F 210 -15.83 -27.11 2.40
N ALA F 211 -16.11 -28.06 3.30
CA ALA F 211 -17.40 -28.72 3.45
C ALA F 211 -18.55 -27.73 3.69
N VAL F 212 -18.37 -26.75 4.60
CA VAL F 212 -19.45 -25.77 4.84
C VAL F 212 -19.61 -24.77 3.62
N ALA F 213 -18.52 -24.26 3.07
CA ALA F 213 -18.62 -23.32 1.93
C ALA F 213 -19.32 -24.05 0.69
N ARG F 214 -18.94 -25.32 0.42
CA ARG F 214 -19.57 -26.17 -0.61
C ARG F 214 -21.12 -26.25 -0.36
N ALA F 215 -21.55 -26.44 0.92
CA ALA F 215 -22.98 -26.53 1.27
C ALA F 215 -23.71 -25.21 0.95
N TYR F 216 -23.09 -24.05 1.25
CA TYR F 216 -23.69 -22.75 0.92
C TYR F 216 -23.79 -22.58 -0.62
N PHE F 217 -22.69 -22.86 -1.36
CA PHE F 217 -22.63 -22.77 -2.84
C PHE F 217 -23.67 -23.64 -3.52
N ASP F 218 -23.89 -24.82 -2.98
CA ASP F 218 -24.84 -25.80 -3.55
C ASP F 218 -26.31 -25.52 -3.11
N HIS F 219 -26.51 -24.56 -2.21
CA HIS F 219 -27.83 -24.28 -1.69
C HIS F 219 -28.17 -22.75 -1.73
N GLY F 220 -27.92 -22.10 -2.87
CA GLY F 220 -28.33 -20.72 -3.18
C GLY F 220 -27.58 -19.58 -2.55
N VAL F 221 -26.42 -19.88 -1.90
CA VAL F 221 -25.59 -18.83 -1.31
C VAL F 221 -24.28 -18.80 -2.12
N ARG F 222 -24.20 -17.86 -3.07
CA ARG F 222 -23.10 -17.76 -4.00
C ARG F 222 -21.81 -17.25 -3.38
N THR F 223 -21.92 -16.40 -2.36
CA THR F 223 -20.74 -15.83 -1.73
C THR F 223 -20.66 -16.26 -0.27
N VAL F 224 -19.52 -16.78 0.15
CA VAL F 224 -19.32 -17.16 1.56
C VAL F 224 -18.15 -16.33 2.06
N LEU F 225 -18.26 -15.80 3.29
CA LEU F 225 -17.19 -15.01 3.87
C LEU F 225 -16.70 -15.73 5.11
N TYR F 226 -15.37 -15.91 5.24
CA TYR F 226 -14.66 -16.48 6.40
C TYR F 226 -13.66 -15.46 6.84
N ILE F 227 -13.17 -15.49 8.07
CA ILE F 227 -12.10 -14.58 8.47
C ILE F 227 -10.71 -15.21 8.14
N HIS F 228 -10.70 -16.54 7.96
CA HIS F 228 -9.51 -17.34 7.73
C HIS F 228 -9.93 -18.63 7.08
N ILE F 229 -9.03 -19.27 6.31
CA ILE F 229 -9.31 -20.59 5.78
C ILE F 229 -7.95 -21.34 5.69
N ALA F 230 -7.93 -22.67 5.94
CA ALA F 230 -6.70 -23.47 5.74
C ALA F 230 -6.35 -23.38 4.23
N PRO F 231 -5.04 -23.13 3.88
CA PRO F 231 -4.68 -22.98 2.47
C PRO F 231 -5.11 -24.17 1.59
N GLU F 232 -5.01 -25.42 2.08
CA GLU F 232 -5.39 -26.62 1.26
C GLU F 232 -6.88 -26.69 1.00
N GLU F 233 -7.72 -26.18 1.98
CA GLU F 233 -9.18 -26.08 1.89
C GLU F 233 -9.57 -25.07 0.82
N ALA F 234 -8.92 -23.88 0.81
CA ALA F 234 -9.15 -22.84 -0.22
C ALA F 234 -8.86 -23.42 -1.62
N GLU F 235 -7.77 -24.18 -1.76
CA GLU F 235 -7.35 -24.75 -3.06
C GLU F 235 -8.32 -25.78 -3.52
N ARG F 236 -8.80 -26.67 -2.63
CA ARG F 236 -9.82 -27.67 -2.95
C ARG F 236 -11.14 -26.96 -3.37
N LEU F 237 -11.57 -25.87 -2.68
CA LEU F 237 -12.74 -25.11 -3.11
C LEU F 237 -12.53 -24.43 -4.45
N ARG F 238 -11.33 -23.88 -4.66
CA ARG F 238 -11.02 -23.14 -5.90
C ARG F 238 -11.12 -24.06 -7.11
N ARG F 239 -10.63 -25.30 -7.00
CA ARG F 239 -10.67 -26.23 -8.13
C ARG F 239 -12.08 -26.60 -8.51
N GLU F 240 -13.00 -26.57 -7.57
CA GLU F 240 -14.36 -26.93 -7.96
C GLU F 240 -15.22 -25.72 -8.35
N GLY F 241 -14.79 -24.51 -7.95
CA GLY F 241 -15.59 -23.32 -8.18
C GLY F 241 -16.88 -23.43 -7.39
N GLY F 242 -17.97 -22.88 -7.93
CA GLY F 242 -19.27 -22.95 -7.26
C GLY F 242 -19.76 -21.61 -6.76
N GLY F 243 -18.80 -20.74 -6.45
CA GLY F 243 -19.12 -19.41 -5.96
C GLY F 243 -17.90 -18.59 -5.61
N ASN F 244 -18.06 -17.60 -4.72
CA ASN F 244 -16.96 -16.72 -4.29
C ASN F 244 -16.65 -16.91 -2.83
N LEU F 245 -15.37 -16.91 -2.50
CA LEU F 245 -15.00 -16.96 -1.11
C LEU F 245 -14.30 -15.69 -0.76
N ILE F 246 -14.81 -14.93 0.20
CA ILE F 246 -14.11 -13.75 0.73
C ILE F 246 -13.43 -14.19 2.02
N VAL F 247 -12.13 -13.89 2.18
CA VAL F 247 -11.36 -14.22 3.37
C VAL F 247 -10.86 -12.88 3.91
N THR F 248 -11.41 -12.45 5.04
CA THR F 248 -11.20 -11.08 5.57
C THR F 248 -9.90 -10.84 6.35
N GLY F 249 -9.31 -11.88 6.92
CA GLY F 249 -8.11 -11.66 7.69
C GLY F 249 -8.45 -11.92 9.14
N HIS F 250 -7.73 -12.86 9.76
CA HIS F 250 -7.98 -13.35 11.12
C HIS F 250 -8.04 -12.24 12.16
N ILE F 251 -6.92 -11.56 12.41
CA ILE F 251 -6.80 -10.51 13.44
C ILE F 251 -7.68 -9.30 13.15
N ALA F 252 -7.65 -8.75 11.94
CA ALA F 252 -8.52 -7.59 11.66
C ALA F 252 -10.03 -7.91 11.94
N SER F 253 -10.50 -9.10 11.56
CA SER F 253 -11.88 -9.50 11.78
C SER F 253 -12.20 -9.71 13.27
N ASP F 254 -11.28 -10.39 14.03
CA ASP F 254 -11.46 -10.63 15.45
C ASP F 254 -11.53 -9.34 16.21
N LEU F 255 -10.90 -8.29 15.68
CA LEU F 255 -10.86 -6.98 16.35
C LEU F 255 -12.14 -6.23 16.23
N VAL F 256 -13.00 -6.53 15.24
CA VAL F 256 -14.32 -5.85 15.11
C VAL F 256 -15.14 -5.99 16.41
N GLY F 257 -15.29 -7.21 16.93
CA GLY F 257 -16.00 -7.46 18.19
C GLY F 257 -15.16 -7.04 19.37
N ILE F 258 -13.85 -7.32 19.31
CA ILE F 258 -12.93 -7.02 20.44
C ILE F 258 -12.86 -5.48 20.70
N ASN F 259 -12.80 -4.62 19.66
CA ASN F 259 -12.74 -3.16 19.90
C ASN F 259 -13.99 -2.62 20.56
N ARG F 260 -15.16 -3.14 20.20
N ARG F 260 -15.18 -3.15 20.23
CA ARG F 260 -16.43 -2.74 20.83
CA ARG F 260 -16.39 -2.66 20.94
C ARG F 260 -16.42 -3.11 22.35
C ARG F 260 -16.41 -3.09 22.41
N TYR F 261 -15.82 -4.25 22.69
CA TYR F 261 -15.69 -4.79 24.03
C TYR F 261 -14.77 -3.92 24.85
N VAL F 262 -13.58 -3.60 24.30
CA VAL F 262 -12.59 -2.76 24.98
C VAL F 262 -13.18 -1.41 25.32
N GLN F 263 -13.83 -0.76 24.30
CA GLN F 263 -14.55 0.49 24.44
C GLN F 263 -15.50 0.41 25.63
N ALA F 264 -16.31 -0.66 25.74
CA ALA F 264 -17.23 -0.79 26.90
C ALA F 264 -16.45 -0.95 28.23
N LEU F 265 -15.25 -1.62 28.24
CA LEU F 265 -14.51 -1.74 29.53
C LEU F 265 -13.98 -0.40 29.95
N GLU F 266 -13.47 0.35 28.99
CA GLU F 266 -12.95 1.68 29.28
C GLU F 266 -14.06 2.62 29.76
N GLU F 267 -15.30 2.49 29.22
CA GLU F 267 -16.40 3.36 29.67
C GLU F 267 -16.70 3.10 31.15
N ARG F 268 -16.43 1.87 31.62
CA ARG F 268 -16.61 1.41 33.01
C ARG F 268 -15.34 1.72 33.89
N GLY F 269 -14.34 2.38 33.30
CA GLY F 269 -13.13 2.83 34.00
C GLY F 269 -11.98 1.85 34.06
N VAL F 270 -12.15 0.66 33.45
CA VAL F 270 -11.11 -0.37 33.39
C VAL F 270 -10.05 0.05 32.37
N GLU F 271 -8.77 -0.01 32.77
CA GLU F 271 -7.64 0.25 31.89
C GLU F 271 -7.32 -1.04 31.11
N VAL F 272 -7.26 -0.97 29.77
CA VAL F 272 -6.95 -2.19 28.99
C VAL F 272 -5.57 -2.06 28.33
N VAL F 273 -4.62 -2.90 28.74
CA VAL F 273 -3.30 -2.89 28.08
C VAL F 273 -3.42 -3.82 26.84
N ARG F 274 -3.41 -3.20 25.65
CA ARG F 274 -3.53 -3.88 24.37
C ARG F 274 -2.20 -4.50 23.95
N MSE F 275 -2.26 -5.72 23.46
CA MSE F 275 -1.05 -6.46 23.03
C MSE F 275 -1.60 -7.72 22.33
O MSE F 275 -2.83 -7.83 22.25
CB MSE F 275 -0.07 -6.75 24.20
CG MSE F 275 -0.76 -7.25 25.53
SE MSE F 275 -1.45 -9.04 25.27
CE MSE F 275 0.25 -10.12 25.06
N SER F 276 -0.75 -8.58 21.78
CA SER F 276 -1.15 -9.77 20.98
C SER F 276 -2.22 -9.45 19.88
N GLY F 277 -2.04 -8.32 19.21
CA GLY F 277 -2.93 -7.93 18.10
C GLY F 277 -3.80 -6.70 18.31
N LEU F 278 -4.19 -6.41 19.58
CA LEU F 278 -5.05 -5.26 19.87
C LEU F 278 -4.29 -3.99 19.72
C FMT G . 13.42 -55.11 36.88
O1 FMT G . 13.84 -54.82 35.76
O2 FMT G . 14.00 -54.75 37.93
CL CL H . 0.53 -40.22 20.62
C FMT I . 18.06 -55.17 40.03
O1 FMT I . 18.52 -54.06 39.77
O2 FMT I . 17.42 -55.81 39.15
C FMT J . 3.62 -39.76 10.87
O1 FMT J . 4.81 -39.63 10.50
O2 FMT J . 2.90 -40.68 10.44
C FMT K . -10.45 59.66 -29.83
O1 FMT K . -9.70 60.45 -29.26
O2 FMT K . -10.96 58.81 -29.11
CL CL L . 11.14 53.17 -23.34
C FMT M . 11.22 52.88 -35.42
O1 FMT M . 10.70 51.81 -35.86
O2 FMT M . 11.29 53.20 -34.20
C FMT N . -11.70 28.40 -27.78
O1 FMT N . -12.61 28.42 -26.88
O2 FMT N . -11.94 28.17 -28.98
CL CL O . -4.11 35.34 -27.86
C FMT P . 25.85 20.72 -29.38
O1 FMT P . 25.94 19.77 -30.16
O2 FMT P . 25.00 20.86 -28.48
C FMT Q . 2.09 17.38 -27.85
O1 FMT Q . 2.35 18.44 -28.44
O2 FMT Q . 2.13 16.34 -28.49
CL CL R . 7.21 13.93 -19.62
C FMT S . -11.93 14.04 -17.57
O1 FMT S . -10.97 13.44 -17.11
O2 FMT S . -12.67 13.33 -18.26
CL CL T . -16.10 20.35 -11.13
C FMT U . -19.21 25.52 -28.53
O1 FMT U . -19.77 25.35 -29.64
O2 FMT U . -18.36 24.74 -28.10
C FMT V . 4.09 -25.07 1.32
O1 FMT V . 4.19 -25.69 0.26
O2 FMT V . 3.27 -24.19 1.15
CL CL W . 13.17 -24.45 4.85
C FMT X . 7.48 -42.18 4.06
O1 FMT X . 7.00 -43.04 3.31
O2 FMT X . 7.09 -41.02 3.95
C FMT Y . -10.68 -29.47 10.15
O1 FMT Y . -10.83 -30.30 11.06
O2 FMT Y . -11.40 -29.61 9.15
CL CL Z . -11.04 -19.33 11.68
C ACT AA . -2.60 -16.63 15.11
O ACT AA . -3.33 -16.22 16.11
OXT ACT AA . -2.91 -16.53 13.87
CH3 ACT AA . -1.33 -17.38 15.38
C FMT BA . -25.07 -12.28 5.72
O1 FMT BA . -24.87 -13.27 6.50
O2 FMT BA . -26.12 -11.53 5.70
#